data_3LEE
#
_entry.id   3LEE
#
_cell.length_a   85.662
_cell.length_b   153.422
_cell.length_c   92.904
_cell.angle_alpha   90.00
_cell.angle_beta   90.50
_cell.angle_gamma   90.00
#
_symmetry.space_group_name_H-M   'P 1 21 1'
#
loop_
_entity.id
_entity.type
_entity.pdbx_description
1 polymer 'Squalene synthetase'
2 non-polymer '(1R)-4-(3-phenoxyphenyl)-1-phosphonobutane-1-sulfonic acid'
3 non-polymer 'MAGNESIUM ION'
4 water water
#
_entity_poly.entity_id   1
_entity_poly.type   'polypeptide(L)'
_entity_poly.pdbx_seq_one_letter_code
;MDQDSLSSSLKTCYKYLNQTSRSFAAVIQALDGEMRNAVCIFYLVLRALDTLEDDMTISVEKKVPLLHNFHSFLYQPDWR
FMESKEKDRQVLEDFPTISLEFRNLAEKYQTVIADICRRMGIGMAEFLDKHVTSEQEWDKYCHYVAGLVGIGLSRLFSAS
EFEDPLVGEDTERANSMGLFLQKTNIIRDYLEDQQGGREFWPQEVWSRYVKKLGDFAKPENIDLAVQCLNELITNALHHI
PDVITYLSRLRNQSVFNFCAIPQVMAIATLAACYNNQQVFKGAVKIRKGQAVTLMMDATNMPAVKAIIYQYMEEIYHRIP
DSDPSSSKTRQIISTIRTQN
;
_entity_poly.pdbx_strand_id   A,B,C,D,E,F
#
loop_
_chem_comp.id
_chem_comp.type
_chem_comp.name
_chem_comp.formula
B65 non-polymer '(1R)-4-(3-phenoxyphenyl)-1-phosphonobutane-1-sulfonic acid' 'C16 H19 O7 P S'
MG non-polymer 'MAGNESIUM ION' 'Mg 2'
#
# COMPACT_ATOMS: atom_id res chain seq x y z
N SER A 7 -9.18 9.86 31.69
CA SER A 7 -9.63 10.74 32.82
C SER A 7 -11.13 11.01 32.73
N SER A 8 -11.65 11.75 33.71
CA SER A 8 -13.10 11.89 33.89
C SER A 8 -13.68 13.02 33.04
N SER A 9 -12.88 14.04 32.76
CA SER A 9 -13.27 15.10 31.85
C SER A 9 -13.33 14.58 30.42
N LEU A 10 -12.48 13.60 30.12
CA LEU A 10 -12.50 12.95 28.81
C LEU A 10 -13.76 12.11 28.63
N LYS A 11 -14.05 11.24 29.61
CA LYS A 11 -15.28 10.44 29.57
C LYS A 11 -16.48 11.34 29.32
N THR A 12 -16.46 12.51 29.94
CA THR A 12 -17.50 13.51 29.76
C THR A 12 -17.52 14.03 28.32
N CYS A 13 -16.34 14.29 27.76
CA CYS A 13 -16.25 14.77 26.39
C CYS A 13 -16.87 13.81 25.38
N TYR A 14 -16.62 12.51 25.55
CA TYR A 14 -17.20 11.53 24.65
C TYR A 14 -18.67 11.31 24.98
N LYS A 15 -19.04 11.57 26.23
CA LYS A 15 -20.43 11.56 26.63
C LYS A 15 -21.20 12.64 25.87
N TYR A 16 -20.64 13.86 25.84
CA TYR A 16 -21.20 14.95 25.04
C TYR A 16 -21.17 14.64 23.54
N LEU A 17 -20.07 14.04 23.06
CA LEU A 17 -19.95 13.72 21.64
C LEU A 17 -21.15 12.91 21.21
N ASN A 18 -21.59 11.98 22.05
CA ASN A 18 -22.70 11.11 21.71
C ASN A 18 -24.05 11.77 21.93
N GLN A 19 -24.15 12.60 22.96
CA GLN A 19 -25.38 13.34 23.21
C GLN A 19 -25.74 14.22 22.01
N THR A 20 -24.73 14.76 21.34
CA THR A 20 -24.96 15.81 20.34
C THR A 20 -24.89 15.29 18.91
N SER A 21 -23.94 14.39 18.63
CA SER A 21 -23.70 13.96 17.25
C SER A 21 -24.68 12.88 16.82
N ARG A 22 -25.59 13.26 15.93
CA ARG A 22 -26.55 12.34 15.33
C ARG A 22 -25.84 11.14 14.73
N SER A 23 -24.80 11.38 13.93
CA SER A 23 -24.18 10.31 13.17
C SER A 23 -22.72 10.65 12.82
N PHE A 24 -21.91 10.90 13.83
CA PHE A 24 -20.45 10.85 13.69
C PHE A 24 -19.81 10.11 14.87
N ALA A 25 -20.33 10.34 16.07
CA ALA A 25 -20.01 9.51 17.23
C ALA A 25 -19.17 8.29 16.87
N ALA A 26 -19.75 7.34 16.14
CA ALA A 26 -19.13 6.03 15.98
C ALA A 26 -17.86 6.11 15.14
N VAL A 27 -17.89 6.90 14.08
CA VAL A 27 -16.76 6.96 13.15
C VAL A 27 -15.58 7.72 13.78
N ILE A 28 -15.91 8.72 14.60
CA ILE A 28 -14.88 9.44 15.33
C ILE A 28 -14.15 8.54 16.33
N GLN A 29 -14.92 7.86 17.18
CA GLN A 29 -14.36 6.98 18.23
C GLN A 29 -13.60 5.81 17.65
N ALA A 30 -13.79 5.55 16.36
CA ALA A 30 -13.09 4.48 15.67
C ALA A 30 -11.77 4.94 15.06
N LEU A 31 -11.51 6.24 15.11
CA LEU A 31 -10.30 6.79 14.49
C LEU A 31 -9.06 6.26 15.20
N ASP A 32 -7.98 6.05 14.44
CA ASP A 32 -6.70 5.63 14.98
C ASP A 32 -6.01 6.73 15.81
N GLY A 33 -5.54 6.38 16.99
CA GLY A 33 -4.49 7.16 17.65
C GLY A 33 -4.93 8.54 18.10
N GLU A 34 -3.99 9.48 18.08
CA GLU A 34 -4.24 10.84 18.57
C GLU A 34 -5.41 11.51 17.84
N MET A 35 -5.80 10.98 16.68
CA MET A 35 -6.93 11.52 15.94
C MET A 35 -8.23 11.45 16.74
N ARG A 36 -8.57 10.26 17.22
CA ARG A 36 -9.69 10.07 18.12
C ARG A 36 -10.01 11.33 18.90
N ASN A 37 -9.11 11.71 19.80
CA ASN A 37 -9.39 12.80 20.74
C ASN A 37 -9.30 14.15 20.05
N ALA A 38 -8.34 14.31 19.16
CA ALA A 38 -8.22 15.54 18.39
C ALA A 38 -9.57 15.85 17.74
N VAL A 39 -10.17 14.84 17.11
CA VAL A 39 -11.37 15.03 16.33
C VAL A 39 -12.61 14.97 17.22
N CYS A 40 -12.50 14.39 18.40
CA CYS A 40 -13.60 14.45 19.37
C CYS A 40 -13.74 15.87 19.92
N ILE A 41 -12.64 16.44 20.40
CA ILE A 41 -12.63 17.81 20.90
C ILE A 41 -12.95 18.83 19.80
N PHE A 42 -12.34 18.65 18.62
CA PHE A 42 -12.64 19.50 17.48
C PHE A 42 -14.15 19.60 17.28
N TYR A 43 -14.82 18.46 17.35
CA TYR A 43 -16.26 18.44 17.10
C TYR A 43 -16.99 19.21 18.19
N LEU A 44 -16.60 18.97 19.44
CA LEU A 44 -17.31 19.58 20.57
C LEU A 44 -17.16 21.10 20.55
N VAL A 45 -16.02 21.57 20.09
CA VAL A 45 -15.74 23.00 20.00
C VAL A 45 -16.63 23.65 18.96
N LEU A 46 -16.66 23.09 17.76
CA LEU A 46 -17.49 23.60 16.70
C LEU A 46 -18.96 23.48 17.09
N ARG A 47 -19.29 22.43 17.82
CA ARG A 47 -20.65 22.23 18.25
C ARG A 47 -21.04 23.35 19.18
N ALA A 48 -20.14 23.72 20.09
CA ALA A 48 -20.38 24.86 20.96
C ALA A 48 -20.57 26.14 20.14
N LEU A 49 -19.71 26.33 19.14
CA LEU A 49 -19.74 27.54 18.33
C LEU A 49 -21.10 27.66 17.63
N ASP A 50 -21.52 26.59 16.97
CA ASP A 50 -22.80 26.59 16.27
C ASP A 50 -23.97 26.84 17.22
N THR A 51 -23.97 26.16 18.36
CA THR A 51 -25.05 26.30 19.33
C THR A 51 -25.29 27.77 19.64
N LEU A 52 -24.22 28.54 19.68
CA LEU A 52 -24.34 29.99 19.85
C LEU A 52 -24.96 30.59 18.59
N GLU A 53 -24.38 30.31 17.44
CA GLU A 53 -24.83 30.95 16.20
C GLU A 53 -26.34 30.75 16.00
N ASP A 54 -26.85 29.57 16.36
CA ASP A 54 -28.19 29.18 15.98
C ASP A 54 -29.24 29.67 16.97
N ASP A 55 -28.81 30.00 18.18
CA ASP A 55 -29.71 30.46 19.23
C ASP A 55 -30.27 31.86 18.94
N MET A 56 -31.56 31.94 18.62
CA MET A 56 -32.16 33.21 18.21
C MET A 56 -32.65 34.04 19.40
N THR A 57 -32.46 33.54 20.62
CA THR A 57 -32.67 34.35 21.81
C THR A 57 -31.45 35.25 22.07
N ILE A 58 -30.31 34.89 21.51
CA ILE A 58 -29.10 35.71 21.63
C ILE A 58 -29.06 36.84 20.59
N SER A 59 -29.07 38.08 21.06
CA SER A 59 -29.17 39.24 20.19
C SER A 59 -27.90 39.37 19.38
N VAL A 60 -27.99 40.00 18.21
CA VAL A 60 -26.89 40.04 17.25
C VAL A 60 -25.66 40.73 17.83
N GLU A 61 -25.89 41.85 18.51
CA GLU A 61 -24.81 42.63 19.11
C GLU A 61 -24.09 41.88 20.21
N LYS A 62 -24.77 40.90 20.80
CA LYS A 62 -24.19 40.06 21.84
C LYS A 62 -23.53 38.85 21.20
N LYS A 63 -24.04 38.44 20.05
CA LYS A 63 -23.60 37.22 19.39
C LYS A 63 -22.30 37.47 18.60
N VAL A 64 -22.24 38.56 17.85
CA VAL A 64 -21.10 38.78 16.99
C VAL A 64 -19.80 38.69 17.78
N PRO A 65 -19.77 39.30 18.97
CA PRO A 65 -18.55 39.22 19.76
C PRO A 65 -18.18 37.83 20.20
N LEU A 66 -19.14 37.11 20.76
CA LEU A 66 -18.97 35.69 21.09
C LEU A 66 -18.34 34.92 19.94
N LEU A 67 -18.95 35.07 18.76
CA LEU A 67 -18.57 34.28 17.61
C LEU A 67 -17.16 34.63 17.20
N HIS A 68 -16.88 35.93 17.11
CA HIS A 68 -15.55 36.41 16.78
C HIS A 68 -14.48 35.87 17.73
N ASN A 69 -14.69 36.07 19.02
CA ASN A 69 -13.67 35.82 20.02
C ASN A 69 -13.67 34.39 20.54
N PHE A 70 -14.49 33.54 19.95
CA PHE A 70 -14.75 32.23 20.55
C PHE A 70 -13.44 31.43 20.67
N HIS A 71 -12.67 31.39 19.58
CA HIS A 71 -11.38 30.73 19.58
C HIS A 71 -10.56 31.09 20.79
N SER A 72 -10.67 32.34 21.25
CA SER A 72 -9.88 32.82 22.37
C SER A 72 -10.36 32.19 23.67
N PHE A 73 -11.64 31.85 23.74
CA PHE A 73 -12.19 31.18 24.91
C PHE A 73 -11.56 29.81 25.13
N LEU A 74 -10.91 29.28 24.10
CA LEU A 74 -10.26 27.98 24.21
C LEU A 74 -9.15 28.02 25.25
N TYR A 75 -8.55 29.19 25.42
CA TYR A 75 -7.46 29.35 26.36
C TYR A 75 -7.91 30.12 27.60
N GLN A 76 -9.21 30.21 27.80
CA GLN A 76 -9.78 30.78 29.01
C GLN A 76 -10.50 29.68 29.79
N PRO A 77 -9.81 29.09 30.79
CA PRO A 77 -10.21 27.84 31.41
C PRO A 77 -11.57 27.91 32.05
N ASP A 78 -11.94 29.11 32.50
CA ASP A 78 -13.09 29.28 33.37
C ASP A 78 -14.32 29.71 32.59
N TRP A 79 -14.14 29.97 31.30
CA TRP A 79 -15.21 30.51 30.46
C TRP A 79 -16.33 29.50 30.19
N ARG A 80 -17.53 30.03 30.00
CA ARG A 80 -18.70 29.22 29.74
C ARG A 80 -19.85 30.14 29.41
N PHE A 81 -20.88 29.61 28.77
CA PHE A 81 -22.08 30.40 28.47
C PHE A 81 -23.30 29.75 29.07
N MET A 82 -23.95 30.44 30.00
CA MET A 82 -25.04 29.87 30.78
C MET A 82 -26.41 30.33 30.29
N GLU A 83 -26.41 31.28 29.38
CA GLU A 83 -27.62 32.02 29.04
C GLU A 83 -28.21 31.56 27.71
N SER A 84 -28.12 30.26 27.43
CA SER A 84 -28.55 29.71 26.13
C SER A 84 -29.82 28.91 26.28
N LYS A 85 -30.66 28.91 25.24
CA LYS A 85 -31.93 28.20 25.28
C LYS A 85 -32.04 27.13 24.19
N GLU A 86 -31.01 27.02 23.36
CA GLU A 86 -30.89 25.93 22.39
C GLU A 86 -30.71 24.62 23.15
N LYS A 87 -30.77 23.49 22.43
CA LYS A 87 -30.93 22.19 23.07
C LYS A 87 -29.60 21.51 23.38
N ASP A 88 -28.60 21.73 22.53
CA ASP A 88 -27.28 21.14 22.76
C ASP A 88 -26.42 22.01 23.67
N ARG A 89 -27.04 22.61 24.68
CA ARG A 89 -26.45 23.74 25.39
C ARG A 89 -25.59 23.29 26.56
N GLN A 90 -25.41 21.99 26.70
CA GLN A 90 -24.53 21.47 27.73
C GLN A 90 -23.07 21.77 27.39
N VAL A 91 -22.73 21.69 26.10
CA VAL A 91 -21.37 21.89 25.66
C VAL A 91 -20.90 23.31 25.96
N LEU A 92 -21.85 24.21 26.15
CA LEU A 92 -21.53 25.62 26.41
C LEU A 92 -21.54 25.89 27.91
N GLU A 93 -22.55 25.38 28.60
CA GLU A 93 -22.65 25.54 30.04
C GLU A 93 -21.47 24.88 30.75
N ASP A 94 -20.98 23.78 30.18
CA ASP A 94 -19.83 23.09 30.75
C ASP A 94 -18.63 23.12 29.81
N PHE A 95 -18.41 24.25 29.16
CA PHE A 95 -17.30 24.38 28.22
C PHE A 95 -15.95 24.10 28.88
N PRO A 96 -15.69 24.71 30.05
CA PRO A 96 -14.37 24.61 30.65
C PRO A 96 -13.76 23.21 30.54
N THR A 97 -14.61 22.19 30.63
CA THR A 97 -14.16 20.80 30.49
C THR A 97 -13.59 20.55 29.10
N ILE A 98 -14.38 20.90 28.08
CA ILE A 98 -13.94 20.79 26.69
C ILE A 98 -12.64 21.56 26.45
N SER A 99 -12.61 22.83 26.84
CA SER A 99 -11.45 23.65 26.56
C SER A 99 -10.24 23.15 27.34
N LEU A 100 -10.47 22.32 28.35
CA LEU A 100 -9.38 21.73 29.13
C LEU A 100 -8.75 20.57 28.37
N GLU A 101 -9.59 19.67 27.87
CA GLU A 101 -9.14 18.57 27.04
C GLU A 101 -8.54 19.10 25.76
N PHE A 102 -9.04 20.25 25.31
CA PHE A 102 -8.46 20.92 24.16
C PHE A 102 -7.01 21.25 24.46
N ARG A 103 -6.75 21.74 25.67
CA ARG A 103 -5.42 22.18 26.04
C ARG A 103 -4.48 21.00 26.26
N ASN A 104 -5.05 19.83 26.52
CA ASN A 104 -4.28 18.59 26.56
C ASN A 104 -3.97 18.02 25.17
N LEU A 105 -4.81 18.35 24.19
CA LEU A 105 -4.46 18.10 22.79
C LEU A 105 -3.04 18.57 22.51
N ALA A 106 -2.34 17.84 21.64
CA ALA A 106 -0.99 18.20 21.22
C ALA A 106 -1.01 19.51 20.45
N GLU A 107 0.06 20.28 20.58
CA GLU A 107 0.05 21.69 20.14
C GLU A 107 -0.27 21.74 18.65
N LYS A 108 0.25 20.77 17.91
CA LYS A 108 0.03 20.72 16.47
C LYS A 108 -1.45 20.59 16.12
N TYR A 109 -2.24 20.07 17.05
CA TYR A 109 -3.68 19.92 16.82
C TYR A 109 -4.46 21.16 17.29
N GLN A 110 -4.02 21.75 18.40
CA GLN A 110 -4.66 22.96 18.90
C GLN A 110 -4.62 24.04 17.85
N THR A 111 -3.52 24.08 17.11
CA THR A 111 -3.33 25.11 16.09
C THR A 111 -4.42 25.02 15.04
N VAL A 112 -4.57 23.86 14.41
CA VAL A 112 -5.58 23.69 13.37
C VAL A 112 -6.96 24.02 13.93
N ILE A 113 -7.27 23.48 15.12
CA ILE A 113 -8.61 23.58 15.67
C ILE A 113 -8.96 25.04 15.90
N ALA A 114 -8.10 25.72 16.67
CA ALA A 114 -8.33 27.09 17.05
C ALA A 114 -8.31 28.03 15.85
N ASP A 115 -7.66 27.59 14.78
CA ASP A 115 -7.65 28.35 13.54
C ASP A 115 -9.01 28.30 12.89
N ILE A 116 -9.45 27.09 12.55
CA ILE A 116 -10.73 26.91 11.90
C ILE A 116 -11.85 27.44 12.79
N CYS A 117 -11.68 27.32 14.09
CA CYS A 117 -12.63 27.91 15.01
C CYS A 117 -12.71 29.43 14.85
N ARG A 118 -11.54 30.06 14.74
CA ARG A 118 -11.44 31.52 14.65
C ARG A 118 -12.04 32.08 13.37
N ARG A 119 -11.99 31.31 12.30
CA ARG A 119 -12.40 31.77 10.99
C ARG A 119 -13.86 31.46 10.73
N MET A 120 -14.34 30.37 11.32
CA MET A 120 -15.77 30.09 11.29
C MET A 120 -16.48 31.22 12.01
N GLY A 121 -15.97 31.60 13.18
CA GLY A 121 -16.51 32.72 13.94
C GLY A 121 -16.73 33.98 13.12
N ILE A 122 -15.67 34.50 12.51
CA ILE A 122 -15.78 35.77 11.78
C ILE A 122 -16.70 35.58 10.57
N GLY A 123 -17.09 34.33 10.34
CA GLY A 123 -17.80 33.96 9.12
C GLY A 123 -19.27 33.71 9.37
N MET A 124 -19.59 33.13 10.52
CA MET A 124 -20.98 32.97 10.94
C MET A 124 -21.59 34.32 11.28
N ALA A 125 -20.87 35.13 12.06
CA ALA A 125 -21.32 36.46 12.40
C ALA A 125 -21.56 37.29 11.13
N GLU A 126 -20.95 36.87 10.03
CA GLU A 126 -21.09 37.56 8.77
C GLU A 126 -22.48 37.39 8.18
N PHE A 127 -23.07 36.22 8.42
CA PHE A 127 -24.32 35.83 7.77
C PHE A 127 -25.49 35.86 8.74
N LEU A 128 -25.32 36.54 9.87
CA LEU A 128 -26.43 36.75 10.81
C LEU A 128 -27.40 37.77 10.24
N ASP A 129 -26.85 38.89 9.79
CA ASP A 129 -27.67 40.00 9.28
C ASP A 129 -28.47 39.56 8.05
N LYS A 130 -27.80 38.86 7.13
CA LYS A 130 -28.31 38.67 5.79
C LYS A 130 -28.68 37.21 5.56
N HIS A 131 -29.67 36.98 4.68
CA HIS A 131 -29.91 35.65 4.16
C HIS A 131 -28.88 35.33 3.07
N VAL A 132 -28.93 34.12 2.53
CA VAL A 132 -28.04 33.72 1.46
C VAL A 132 -28.65 34.07 0.10
N THR A 133 -28.09 35.08 -0.56
CA THR A 133 -28.72 35.68 -1.73
C THR A 133 -28.47 34.86 -2.99
N SER A 134 -27.20 34.79 -3.40
CA SER A 134 -26.82 34.13 -4.64
C SER A 134 -26.25 32.75 -4.38
N GLU A 135 -25.75 32.12 -5.45
CA GLU A 135 -25.16 30.78 -5.34
C GLU A 135 -23.69 30.84 -4.92
N GLN A 136 -22.97 31.85 -5.41
CA GLN A 136 -21.60 32.11 -4.92
C GLN A 136 -21.59 32.30 -3.40
N GLU A 137 -22.66 32.88 -2.88
CA GLU A 137 -22.78 33.08 -1.43
C GLU A 137 -23.12 31.79 -0.70
N TRP A 138 -23.97 30.97 -1.30
CA TRP A 138 -24.37 29.71 -0.71
C TRP A 138 -23.13 28.85 -0.49
N ASP A 139 -22.25 28.86 -1.48
CA ASP A 139 -20.93 28.25 -1.33
C ASP A 139 -20.18 28.91 -0.19
N LYS A 140 -20.14 30.24 -0.20
CA LYS A 140 -19.46 30.99 0.84
C LYS A 140 -19.96 30.64 2.24
N TYR A 141 -21.28 30.65 2.44
CA TYR A 141 -21.80 30.28 3.76
C TYR A 141 -21.52 28.82 4.08
N CYS A 142 -21.69 27.95 3.08
CA CYS A 142 -21.37 26.54 3.28
C CYS A 142 -19.88 26.34 3.52
N HIS A 143 -19.06 27.17 2.88
CA HIS A 143 -17.63 27.17 3.12
C HIS A 143 -17.33 27.41 4.60
N TYR A 144 -17.94 28.46 5.16
CA TYR A 144 -17.67 28.86 6.53
C TYR A 144 -18.05 27.76 7.52
N VAL A 145 -19.30 27.30 7.49
CA VAL A 145 -19.78 26.38 8.51
C VAL A 145 -19.32 24.93 8.27
N ALA A 146 -18.95 24.58 7.05
CA ALA A 146 -18.79 23.17 6.68
C ALA A 146 -17.48 22.89 5.95
N GLY A 147 -17.19 23.68 4.92
CA GLY A 147 -15.95 23.54 4.19
C GLY A 147 -14.71 23.59 5.08
N LEU A 148 -14.64 24.62 5.93
CA LEU A 148 -13.51 24.78 6.85
C LEU A 148 -13.35 23.55 7.76
N VAL A 149 -14.46 22.95 8.18
CA VAL A 149 -14.37 21.68 8.88
C VAL A 149 -13.68 20.64 8.01
N GLY A 150 -14.07 20.57 6.74
CA GLY A 150 -13.41 19.69 5.79
C GLY A 150 -11.94 20.02 5.63
N ILE A 151 -11.63 21.29 5.53
CA ILE A 151 -10.26 21.75 5.47
C ILE A 151 -9.54 21.35 6.76
N GLY A 152 -10.21 21.54 7.89
CA GLY A 152 -9.57 21.41 9.19
C GLY A 152 -9.29 19.97 9.54
N LEU A 153 -10.28 19.11 9.35
CA LEU A 153 -10.10 17.69 9.62
C LEU A 153 -8.89 17.12 8.87
N SER A 154 -8.74 17.49 7.60
CA SER A 154 -7.69 16.91 6.78
C SER A 154 -6.31 17.46 7.17
N ARG A 155 -6.29 18.59 7.84
CA ARG A 155 -5.03 19.10 8.33
C ARG A 155 -4.68 18.45 9.65
N LEU A 156 -5.70 18.00 10.37
CA LEU A 156 -5.49 17.14 11.54
C LEU A 156 -4.99 15.77 11.11
N PHE A 157 -5.50 15.27 9.99
CA PHE A 157 -5.17 13.93 9.53
C PHE A 157 -3.68 13.88 9.23
N SER A 158 -3.21 14.90 8.54
CA SER A 158 -1.85 14.93 8.09
C SER A 158 -0.93 15.24 9.25
N ALA A 159 -1.40 16.10 10.15
CA ALA A 159 -0.66 16.42 11.37
C ALA A 159 -0.45 15.19 12.24
N SER A 160 -1.43 14.29 12.25
CA SER A 160 -1.34 13.04 13.02
C SER A 160 -0.30 12.10 12.43
N GLU A 161 0.07 12.36 11.18
CA GLU A 161 1.00 11.51 10.42
C GLU A 161 0.36 10.20 9.92
N PHE A 162 -0.93 10.05 10.22
CA PHE A 162 -1.72 8.89 9.76
C PHE A 162 -2.15 9.05 8.31
N GLU A 163 -2.13 10.29 7.84
CA GLU A 163 -2.32 10.57 6.43
C GLU A 163 -1.17 11.39 5.85
N ASP A 164 -0.91 11.18 4.56
CA ASP A 164 0.05 11.98 3.79
C ASP A 164 -0.12 13.50 3.97
N PRO A 165 1.00 14.24 3.93
CA PRO A 165 0.95 15.68 3.74
C PRO A 165 0.02 16.14 2.61
N LEU A 166 -0.09 15.35 1.55
CA LEU A 166 -0.88 15.76 0.41
C LEU A 166 -2.37 15.81 0.73
N VAL A 167 -2.78 15.18 1.84
CA VAL A 167 -4.20 15.23 2.25
C VAL A 167 -4.58 16.61 2.77
N GLY A 168 -3.74 17.18 3.62
CA GLY A 168 -4.04 18.44 4.28
C GLY A 168 -3.68 19.64 3.43
N GLU A 169 -2.82 19.41 2.45
CA GLU A 169 -2.48 20.45 1.48
C GLU A 169 -3.64 20.78 0.56
N ASP A 170 -4.59 19.86 0.42
CA ASP A 170 -5.62 20.00 -0.60
C ASP A 170 -6.89 20.61 -0.02
N THR A 171 -6.93 21.93 -0.04
CA THR A 171 -8.02 22.65 0.59
C THR A 171 -9.23 22.70 -0.32
N GLU A 172 -9.01 22.83 -1.63
CA GLU A 172 -10.12 22.94 -2.59
C GLU A 172 -11.07 21.74 -2.51
N ARG A 173 -10.50 20.55 -2.32
CA ARG A 173 -11.28 19.32 -2.30
C ARG A 173 -11.78 18.99 -0.90
N ALA A 174 -10.97 19.25 0.11
CA ALA A 174 -11.47 19.19 1.49
C ALA A 174 -12.67 20.12 1.64
N ASN A 175 -12.59 21.29 1.03
CA ASN A 175 -13.71 22.22 1.03
C ASN A 175 -14.92 21.50 0.46
N SER A 176 -14.73 20.90 -0.71
CA SER A 176 -15.83 20.29 -1.44
C SER A 176 -16.51 19.24 -0.60
N MET A 177 -15.72 18.41 0.08
CA MET A 177 -16.27 17.36 0.96
C MET A 177 -17.36 17.92 1.85
N GLY A 178 -17.09 19.10 2.43
CA GLY A 178 -18.04 19.74 3.35
C GLY A 178 -19.16 20.50 2.67
N LEU A 179 -18.83 21.26 1.63
CA LEU A 179 -19.85 21.91 0.81
C LEU A 179 -20.94 20.90 0.44
N PHE A 180 -20.53 19.75 -0.06
CA PHE A 180 -21.45 18.69 -0.44
C PHE A 180 -22.32 18.26 0.75
N LEU A 181 -21.70 17.78 1.81
CA LEU A 181 -22.43 17.34 3.00
C LEU A 181 -23.40 18.41 3.52
N GLN A 182 -22.90 19.65 3.60
CA GLN A 182 -23.67 20.77 4.12
C GLN A 182 -24.88 21.11 3.26
N LYS A 183 -24.68 21.16 1.95
CA LYS A 183 -25.76 21.45 0.99
C LYS A 183 -26.89 20.41 1.02
N THR A 184 -26.54 19.14 1.13
CA THR A 184 -27.56 18.10 1.16
C THR A 184 -28.36 18.23 2.45
N ASN A 185 -27.71 18.65 3.52
CA ASN A 185 -28.40 18.92 4.77
C ASN A 185 -29.34 20.13 4.65
N ILE A 186 -28.82 21.23 4.10
CA ILE A 186 -29.64 22.43 3.87
C ILE A 186 -30.88 22.04 3.09
N ILE A 187 -30.69 21.21 2.06
CA ILE A 187 -31.76 20.76 1.17
C ILE A 187 -32.78 19.91 1.92
N ARG A 188 -32.32 18.79 2.49
CA ARG A 188 -33.20 17.92 3.28
C ARG A 188 -33.97 18.71 4.34
N ASP A 189 -33.30 19.66 4.97
CA ASP A 189 -33.80 20.29 6.18
C ASP A 189 -34.88 21.33 5.90
N TYR A 190 -35.40 21.37 4.68
CA TYR A 190 -36.14 22.55 4.25
C TYR A 190 -37.29 22.89 5.17
N LEU A 191 -38.05 21.89 5.59
CA LEU A 191 -39.19 22.13 6.48
C LEU A 191 -38.73 22.41 7.90
N GLU A 192 -37.76 21.65 8.38
CA GLU A 192 -37.26 21.84 9.74
C GLU A 192 -36.70 23.26 9.91
N ASP A 193 -36.00 23.75 8.90
CA ASP A 193 -35.40 25.09 8.93
C ASP A 193 -36.48 26.18 8.86
N GLN A 194 -37.55 25.90 8.11
CA GLN A 194 -38.55 26.92 7.75
C GLN A 194 -39.62 27.05 8.82
N GLN A 195 -39.71 26.05 9.69
CA GLN A 195 -40.68 26.05 10.78
C GLN A 195 -39.98 26.34 12.11
N GLY A 196 -38.65 26.27 12.09
CA GLY A 196 -37.85 26.88 13.12
C GLY A 196 -37.45 28.30 12.76
N GLY A 197 -38.00 28.78 11.64
CA GLY A 197 -37.81 30.17 11.23
C GLY A 197 -36.39 30.49 10.83
N ARG A 198 -35.88 29.75 9.84
CA ARG A 198 -34.58 30.04 9.24
C ARG A 198 -34.66 29.83 7.72
N GLU A 199 -33.72 30.42 6.99
CA GLU A 199 -33.68 30.24 5.54
C GLU A 199 -32.24 30.18 5.01
N PHE A 200 -31.93 29.11 4.26
CA PHE A 200 -30.60 28.93 3.68
C PHE A 200 -30.66 28.59 2.20
N TRP A 201 -31.86 28.39 1.68
CA TRP A 201 -32.07 28.24 0.24
C TRP A 201 -31.78 29.57 -0.44
N PRO A 202 -31.01 29.56 -1.53
CA PRO A 202 -30.47 30.78 -2.12
C PRO A 202 -31.51 31.59 -2.86
N GLN A 203 -31.76 32.82 -2.41
CA GLN A 203 -32.90 33.59 -2.89
C GLN A 203 -32.89 33.67 -4.42
N GLU A 204 -31.76 34.06 -4.99
CA GLU A 204 -31.68 34.25 -6.43
C GLU A 204 -32.02 32.95 -7.15
N VAL A 205 -32.12 31.85 -6.39
CA VAL A 205 -32.67 30.60 -6.91
C VAL A 205 -34.16 30.48 -6.62
N TRP A 206 -34.52 30.33 -5.35
CA TRP A 206 -35.91 30.02 -5.00
C TRP A 206 -36.87 31.15 -5.40
N SER A 207 -36.31 32.35 -5.54
CA SER A 207 -37.12 33.56 -5.72
C SER A 207 -37.75 33.63 -7.09
N ARG A 208 -37.21 32.88 -8.05
CA ARG A 208 -37.78 32.84 -9.39
C ARG A 208 -38.60 31.58 -9.60
N TYR A 209 -39.00 30.94 -8.51
CA TYR A 209 -40.11 30.00 -8.52
C TYR A 209 -41.29 30.54 -7.71
N VAL A 210 -40.99 31.31 -6.67
CA VAL A 210 -42.01 31.79 -5.75
C VAL A 210 -41.59 33.15 -5.17
N LYS A 211 -42.53 33.86 -4.56
CA LYS A 211 -42.30 35.26 -4.18
C LYS A 211 -41.74 35.41 -2.76
N LYS A 212 -41.99 34.43 -1.90
CA LYS A 212 -41.22 34.26 -0.67
C LYS A 212 -41.04 32.78 -0.36
N LEU A 213 -39.97 32.45 0.35
CA LEU A 213 -39.48 31.07 0.43
C LEU A 213 -40.51 30.14 1.08
N GLY A 214 -41.22 30.64 2.07
CA GLY A 214 -42.17 29.81 2.82
C GLY A 214 -43.29 29.24 1.98
N ASP A 215 -43.50 29.83 0.81
CA ASP A 215 -44.60 29.43 -0.08
C ASP A 215 -44.47 27.99 -0.57
N PHE A 216 -43.32 27.37 -0.29
CA PHE A 216 -43.07 25.97 -0.68
C PHE A 216 -43.73 25.02 0.31
N ALA A 217 -43.90 25.48 1.55
CA ALA A 217 -44.64 24.70 2.56
C ALA A 217 -46.12 24.65 2.22
N LYS A 218 -46.55 25.51 1.30
CA LYS A 218 -47.92 25.47 0.78
C LYS A 218 -48.08 24.33 -0.24
N PRO A 219 -49.17 23.56 -0.13
CA PRO A 219 -49.44 22.48 -1.08
C PRO A 219 -50.00 22.93 -2.43
N GLU A 220 -50.44 24.19 -2.51
CA GLU A 220 -50.83 24.76 -3.80
C GLU A 220 -49.60 25.11 -4.64
N ASN A 221 -48.40 24.83 -4.11
CA ASN A 221 -47.15 25.24 -4.74
C ASN A 221 -46.17 24.10 -4.98
N ILE A 222 -46.48 22.92 -4.48
CA ILE A 222 -45.55 21.80 -4.49
C ILE A 222 -44.89 21.58 -5.86
N ASP A 223 -45.66 21.75 -6.93
CA ASP A 223 -45.11 21.61 -8.29
C ASP A 223 -43.80 22.38 -8.46
N LEU A 224 -43.88 23.70 -8.30
CA LEU A 224 -42.72 24.57 -8.42
C LEU A 224 -41.69 24.27 -7.34
N ALA A 225 -42.16 23.81 -6.19
CA ALA A 225 -41.28 23.42 -5.10
C ALA A 225 -40.26 22.37 -5.53
N VAL A 226 -40.75 21.28 -6.13
CA VAL A 226 -39.86 20.19 -6.54
C VAL A 226 -38.88 20.66 -7.61
N GLN A 227 -39.31 21.64 -8.41
CA GLN A 227 -38.45 22.17 -9.46
C GLN A 227 -37.26 22.90 -8.87
N CYS A 228 -37.51 23.63 -7.79
CA CYS A 228 -36.44 24.27 -7.03
C CYS A 228 -35.59 23.22 -6.32
N LEU A 229 -36.22 22.15 -5.84
CA LEU A 229 -35.51 21.12 -5.10
C LEU A 229 -34.51 20.41 -6.01
N ASN A 230 -34.91 20.15 -7.25
CA ASN A 230 -34.06 19.45 -8.22
C ASN A 230 -32.91 20.33 -8.68
N GLU A 231 -33.20 21.59 -8.93
CA GLU A 231 -32.20 22.56 -9.35
C GLU A 231 -31.07 22.58 -8.34
N LEU A 232 -31.42 22.70 -7.07
CA LEU A 232 -30.43 22.73 -6.00
C LEU A 232 -29.70 21.38 -5.88
N ILE A 233 -30.42 20.27 -5.98
CA ILE A 233 -29.78 18.97 -5.93
C ILE A 233 -28.72 18.88 -7.00
N THR A 234 -29.05 19.34 -8.20
CA THR A 234 -28.13 19.30 -9.33
C THR A 234 -26.91 20.12 -9.03
N ASN A 235 -27.11 21.28 -8.41
CA ASN A 235 -26.03 22.10 -7.90
C ASN A 235 -25.12 21.30 -6.96
N ALA A 236 -25.72 20.62 -5.99
CA ALA A 236 -24.98 19.89 -4.96
C ALA A 236 -24.19 18.74 -5.58
N LEU A 237 -24.76 18.13 -6.61
CA LEU A 237 -24.17 16.97 -7.27
C LEU A 237 -22.82 17.30 -7.91
N HIS A 238 -22.62 18.58 -8.21
CA HIS A 238 -21.40 19.02 -8.89
C HIS A 238 -20.13 18.87 -8.04
N HIS A 239 -20.30 18.54 -6.76
CA HIS A 239 -19.16 18.35 -5.86
C HIS A 239 -18.68 16.90 -5.84
N ILE A 240 -19.45 16.00 -6.42
CA ILE A 240 -19.25 14.59 -6.19
C ILE A 240 -17.96 14.09 -6.84
N PRO A 241 -17.45 14.82 -7.84
CA PRO A 241 -16.16 14.48 -8.40
C PRO A 241 -15.00 14.79 -7.49
N ASP A 242 -14.98 15.99 -6.92
CA ASP A 242 -13.96 16.37 -5.95
C ASP A 242 -13.99 15.38 -4.80
N VAL A 243 -15.20 14.95 -4.44
CA VAL A 243 -15.35 14.00 -3.35
C VAL A 243 -14.60 12.73 -3.73
N ILE A 244 -14.94 12.16 -4.88
CA ILE A 244 -14.29 10.95 -5.33
C ILE A 244 -12.77 11.12 -5.37
N THR A 245 -12.30 12.31 -5.74
CA THR A 245 -10.86 12.55 -5.77
C THR A 245 -10.24 12.57 -4.38
N TYR A 246 -10.97 13.10 -3.40
CA TYR A 246 -10.43 13.28 -2.05
C TYR A 246 -10.25 11.95 -1.33
N LEU A 247 -11.23 11.07 -1.48
CA LEU A 247 -11.21 9.78 -0.79
C LEU A 247 -10.18 8.89 -1.47
N SER A 248 -10.03 9.04 -2.77
CA SER A 248 -9.12 8.19 -3.54
C SER A 248 -7.68 8.36 -3.08
N ARG A 249 -7.45 9.36 -2.23
CA ARG A 249 -6.12 9.76 -1.81
C ARG A 249 -5.81 9.23 -0.41
N LEU A 250 -6.85 8.79 0.29
CA LEU A 250 -6.74 8.42 1.70
C LEU A 250 -6.18 7.00 1.83
N ARG A 251 -5.41 6.76 2.89
CA ARG A 251 -4.60 5.56 3.01
C ARG A 251 -4.72 4.90 4.39
N ASN A 252 -5.64 5.39 5.21
CA ASN A 252 -5.87 4.81 6.54
C ASN A 252 -7.32 4.37 6.69
N GLN A 253 -7.55 3.11 7.02
CA GLN A 253 -8.91 2.59 7.10
C GLN A 253 -9.76 3.43 8.03
N SER A 254 -9.23 3.76 9.20
CA SER A 254 -9.99 4.54 10.16
C SER A 254 -10.38 5.91 9.59
N VAL A 255 -9.40 6.63 9.07
CA VAL A 255 -9.68 7.90 8.41
C VAL A 255 -10.66 7.70 7.25
N PHE A 256 -10.52 6.59 6.53
CA PHE A 256 -11.27 6.39 5.29
C PHE A 256 -12.76 6.22 5.57
N ASN A 257 -13.08 5.38 6.54
CA ASN A 257 -14.46 5.15 6.93
C ASN A 257 -15.08 6.42 7.48
N PHE A 258 -14.29 7.18 8.24
CA PHE A 258 -14.72 8.48 8.74
C PHE A 258 -15.17 9.40 7.61
N CYS A 259 -14.48 9.33 6.48
CA CYS A 259 -14.75 10.26 5.39
C CYS A 259 -15.79 9.71 4.43
N ALA A 260 -15.58 8.49 3.93
CA ALA A 260 -16.51 7.86 3.00
C ALA A 260 -17.94 7.87 3.53
N ILE A 261 -18.16 7.24 4.68
CA ILE A 261 -19.52 6.93 5.15
C ILE A 261 -20.46 8.11 5.00
N PRO A 262 -20.14 9.25 5.61
CA PRO A 262 -21.06 10.39 5.54
C PRO A 262 -21.30 10.93 4.13
N GLN A 263 -20.32 10.77 3.24
CA GLN A 263 -20.50 11.17 1.84
C GLN A 263 -21.50 10.26 1.14
N VAL A 264 -21.23 8.96 1.19
CA VAL A 264 -22.16 7.95 0.70
C VAL A 264 -23.58 8.18 1.24
N MET A 265 -23.66 8.59 2.51
CA MET A 265 -24.94 8.79 3.15
C MET A 265 -25.58 10.11 2.75
N ALA A 266 -24.77 11.15 2.60
CA ALA A 266 -25.22 12.38 1.96
C ALA A 266 -25.78 12.09 0.57
N ILE A 267 -25.16 11.15 -0.15
CA ILE A 267 -25.55 10.86 -1.53
C ILE A 267 -26.87 10.13 -1.58
N ALA A 268 -27.10 9.27 -0.60
CA ALA A 268 -28.37 8.55 -0.48
C ALA A 268 -29.52 9.51 -0.22
N THR A 269 -29.31 10.42 0.73
CA THR A 269 -30.28 11.46 1.03
C THR A 269 -30.68 12.25 -0.22
N LEU A 270 -29.68 12.62 -1.03
CA LEU A 270 -29.95 13.44 -2.20
C LEU A 270 -30.74 12.63 -3.23
N ALA A 271 -30.47 11.34 -3.29
CA ALA A 271 -31.19 10.45 -4.18
C ALA A 271 -32.64 10.28 -3.73
N ALA A 272 -32.86 10.26 -2.42
CA ALA A 272 -34.19 10.04 -1.87
C ALA A 272 -35.05 11.28 -2.08
N CYS A 273 -34.41 12.42 -2.29
CA CYS A 273 -35.13 13.68 -2.28
C CYS A 273 -35.45 14.14 -3.69
N TYR A 274 -34.71 13.63 -4.66
CA TYR A 274 -34.89 14.06 -6.05
C TYR A 274 -36.33 13.90 -6.45
N ASN A 275 -36.91 14.95 -7.01
CA ASN A 275 -38.24 14.87 -7.57
C ASN A 275 -39.20 14.20 -6.60
N ASN A 276 -39.12 14.59 -5.33
CA ASN A 276 -39.83 13.92 -4.25
C ASN A 276 -40.63 14.92 -3.41
N GLN A 277 -41.95 14.80 -3.47
CA GLN A 277 -42.82 15.71 -2.74
C GLN A 277 -42.48 15.74 -1.25
N GLN A 278 -42.20 14.57 -0.67
CA GLN A 278 -42.16 14.43 0.77
C GLN A 278 -41.12 15.34 1.40
N VAL A 279 -40.22 15.88 0.57
CA VAL A 279 -39.27 16.88 1.03
C VAL A 279 -39.99 18.08 1.68
N PHE A 280 -41.19 18.37 1.17
CA PHE A 280 -41.93 19.55 1.62
C PHE A 280 -43.14 19.14 2.46
N LYS A 281 -43.24 17.85 2.79
CA LYS A 281 -44.40 17.35 3.51
C LYS A 281 -44.02 16.78 4.87
N GLY A 282 -42.97 15.97 4.92
CA GLY A 282 -42.60 15.28 6.17
C GLY A 282 -41.16 14.80 6.19
N ALA A 283 -40.97 13.49 6.18
CA ALA A 283 -39.67 12.89 6.44
C ALA A 283 -39.26 11.97 5.29
N VAL A 284 -37.95 11.83 5.09
CA VAL A 284 -37.39 11.13 3.93
C VAL A 284 -36.45 10.01 4.38
N LYS A 285 -36.98 8.80 4.46
CA LYS A 285 -36.19 7.62 4.82
C LYS A 285 -35.30 7.18 3.65
N ILE A 286 -34.12 6.68 3.98
CA ILE A 286 -33.15 6.26 2.97
C ILE A 286 -33.35 4.79 2.61
N ASP A 297 -20.26 -2.05 3.03
CA ASP A 297 -19.86 -2.06 1.64
C ASP A 297 -19.09 -0.79 1.26
N ALA A 298 -19.09 0.21 2.14
CA ALA A 298 -18.52 1.52 1.83
C ALA A 298 -17.11 1.71 2.42
N THR A 299 -16.26 0.71 2.25
CA THR A 299 -14.99 0.64 2.98
C THR A 299 -13.85 0.23 2.05
N ASN A 300 -14.00 0.53 0.77
CA ASN A 300 -12.89 0.65 -0.15
C ASN A 300 -13.33 1.40 -1.39
N MET A 301 -12.45 2.22 -1.94
CA MET A 301 -12.87 3.22 -2.92
C MET A 301 -13.79 2.61 -3.98
N PRO A 302 -13.41 1.46 -4.54
CA PRO A 302 -14.13 0.94 -5.69
C PRO A 302 -15.52 0.42 -5.30
N ALA A 303 -15.65 -0.01 -4.05
CA ALA A 303 -16.97 -0.22 -3.47
C ALA A 303 -17.70 1.12 -3.35
N VAL A 304 -17.07 2.08 -2.68
CA VAL A 304 -17.61 3.42 -2.58
C VAL A 304 -18.02 3.94 -3.95
N LYS A 305 -17.17 3.76 -4.95
CA LYS A 305 -17.44 4.28 -6.29
C LYS A 305 -18.69 3.65 -6.84
N ALA A 306 -18.67 2.32 -6.95
CA ALA A 306 -19.85 1.56 -7.34
C ALA A 306 -21.10 2.07 -6.66
N ILE A 307 -21.04 2.26 -5.34
CA ILE A 307 -22.18 2.70 -4.55
C ILE A 307 -22.62 4.09 -4.99
N ILE A 308 -21.68 4.99 -5.19
CA ILE A 308 -22.01 6.32 -5.68
C ILE A 308 -22.64 6.22 -7.07
N TYR A 309 -21.98 5.51 -7.98
CA TYR A 309 -22.46 5.41 -9.34
C TYR A 309 -23.88 4.87 -9.38
N GLN A 310 -24.20 4.01 -8.41
CA GLN A 310 -25.52 3.41 -8.34
C GLN A 310 -26.59 4.45 -8.06
N TYR A 311 -26.40 5.20 -6.98
CA TYR A 311 -27.34 6.25 -6.62
C TYR A 311 -27.49 7.27 -7.75
N MET A 312 -26.42 7.53 -8.49
CA MET A 312 -26.47 8.48 -9.61
C MET A 312 -27.53 8.04 -10.62
N GLU A 313 -27.52 6.75 -10.96
CA GLU A 313 -28.48 6.18 -11.90
C GLU A 313 -29.92 6.38 -11.43
N GLU A 314 -30.16 6.26 -10.14
CA GLU A 314 -31.49 6.47 -9.60
C GLU A 314 -31.99 7.88 -9.86
N ILE A 315 -31.19 8.87 -9.49
CA ILE A 315 -31.42 10.24 -9.96
C ILE A 315 -31.76 10.24 -11.45
N TYR A 316 -30.85 9.71 -12.26
CA TYR A 316 -30.99 9.72 -13.71
C TYR A 316 -32.34 9.19 -14.15
N HIS A 317 -32.74 8.07 -13.59
CA HIS A 317 -33.89 7.35 -14.09
C HIS A 317 -35.22 8.01 -13.72
N ARG A 318 -35.15 9.14 -13.02
CA ARG A 318 -36.36 9.85 -12.63
C ARG A 318 -36.32 11.35 -12.98
N ILE A 319 -35.37 11.75 -13.83
CA ILE A 319 -35.33 13.11 -14.35
C ILE A 319 -36.46 13.28 -15.37
N PRO A 320 -37.54 13.96 -14.96
CA PRO A 320 -38.61 14.24 -15.90
C PRO A 320 -38.19 15.29 -16.92
N ASP A 321 -38.51 15.06 -18.19
CA ASP A 321 -38.12 15.99 -19.24
C ASP A 321 -38.60 17.41 -18.93
N SER A 322 -39.76 17.50 -18.28
CA SER A 322 -40.38 18.79 -17.98
C SER A 322 -39.52 19.65 -17.06
N ASP A 323 -38.81 19.02 -16.13
CA ASP A 323 -38.13 19.75 -15.07
C ASP A 323 -37.07 20.66 -15.67
N PRO A 324 -37.13 21.96 -15.35
CA PRO A 324 -36.36 22.95 -16.09
C PRO A 324 -34.84 22.81 -15.96
N SER A 325 -34.39 21.86 -15.14
CA SER A 325 -32.96 21.61 -14.99
C SER A 325 -32.63 20.15 -15.35
N SER A 326 -33.32 19.63 -16.36
CA SER A 326 -33.14 18.23 -16.76
C SER A 326 -31.76 18.03 -17.37
N SER A 327 -31.42 18.92 -18.31
CA SER A 327 -30.15 18.82 -19.02
C SER A 327 -29.00 18.86 -18.04
N LYS A 328 -29.08 19.76 -17.07
CA LYS A 328 -28.03 19.95 -16.08
C LYS A 328 -27.84 18.69 -15.24
N THR A 329 -28.93 18.19 -14.66
CA THR A 329 -28.85 16.96 -13.88
C THR A 329 -28.17 15.86 -14.69
N ARG A 330 -28.71 15.57 -15.88
CA ARG A 330 -28.13 14.55 -16.74
C ARG A 330 -26.70 14.91 -17.06
N GLN A 331 -26.49 16.18 -17.37
CA GLN A 331 -25.18 16.71 -17.74
C GLN A 331 -24.11 16.35 -16.71
N ILE A 332 -24.40 16.57 -15.44
CA ILE A 332 -23.41 16.37 -14.38
C ILE A 332 -23.31 14.90 -13.94
N ILE A 333 -24.38 14.14 -14.13
CA ILE A 333 -24.33 12.70 -13.89
C ILE A 333 -23.44 12.05 -14.94
N SER A 334 -23.49 12.58 -16.16
CA SER A 334 -22.73 12.04 -17.27
C SER A 334 -21.25 12.27 -17.08
N THR A 335 -20.92 13.41 -16.47
CA THR A 335 -19.54 13.75 -16.16
C THR A 335 -19.01 12.88 -15.04
N ILE A 336 -19.87 12.61 -14.05
CA ILE A 336 -19.51 11.75 -12.91
C ILE A 336 -19.33 10.30 -13.34
N ARG A 337 -20.09 9.88 -14.33
CA ARG A 337 -19.94 8.54 -14.86
C ARG A 337 -18.54 8.38 -15.44
N THR A 338 -18.09 9.36 -16.21
CA THR A 338 -16.96 9.17 -17.11
C THR A 338 -15.71 9.91 -16.61
N GLN A 339 -15.77 10.40 -15.37
CA GLN A 339 -14.62 11.05 -14.72
C GLN A 339 -13.84 10.06 -13.85
N ASN A 340 -12.54 10.32 -13.70
CA ASN A 340 -11.65 9.54 -12.80
C ASN A 340 -11.74 8.00 -12.97
N SER B 7 -9.53 -36.85 -0.03
CA SER B 7 -9.65 -38.07 0.81
C SER B 7 -11.03 -38.13 1.49
N SER B 8 -11.68 -39.29 1.38
CA SER B 8 -13.08 -39.42 1.79
C SER B 8 -13.27 -39.13 3.29
N SER B 9 -12.28 -39.49 4.10
CA SER B 9 -12.42 -39.37 5.55
C SER B 9 -12.46 -37.91 5.96
N LEU B 10 -11.94 -37.04 5.11
CA LEU B 10 -11.97 -35.61 5.37
C LEU B 10 -13.18 -34.94 4.71
N LYS B 11 -13.66 -35.53 3.62
CA LYS B 11 -14.92 -35.10 3.00
C LYS B 11 -16.10 -35.31 3.94
N THR B 12 -16.12 -36.46 4.59
CA THR B 12 -17.25 -36.85 5.45
C THR B 12 -17.21 -36.07 6.77
N CYS B 13 -16.04 -35.58 7.13
CA CYS B 13 -15.93 -34.60 8.20
C CYS B 13 -16.67 -33.31 7.84
N TYR B 14 -16.19 -32.61 6.82
CA TYR B 14 -16.80 -31.34 6.42
C TYR B 14 -18.30 -31.51 6.16
N LYS B 15 -18.72 -32.73 5.87
CA LYS B 15 -20.15 -33.01 5.76
C LYS B 15 -20.81 -32.89 7.13
N TYR B 16 -20.19 -33.51 8.14
CA TYR B 16 -20.66 -33.41 9.51
C TYR B 16 -20.62 -31.96 9.96
N LEU B 17 -19.59 -31.25 9.55
CA LEU B 17 -19.36 -29.89 10.02
C LEU B 17 -20.56 -29.00 9.67
N ASN B 18 -21.02 -29.07 8.42
CA ASN B 18 -22.16 -28.27 7.98
C ASN B 18 -23.47 -28.85 8.47
N GLN B 19 -23.46 -30.15 8.75
CA GLN B 19 -24.62 -30.85 9.28
C GLN B 19 -24.94 -30.33 10.67
N THR B 20 -23.88 -29.99 11.42
CA THR B 20 -23.97 -29.78 12.86
C THR B 20 -23.73 -28.32 13.27
N SER B 21 -23.24 -27.50 12.34
CA SER B 21 -22.76 -26.15 12.66
C SER B 21 -23.48 -25.08 11.87
N ARG B 22 -24.45 -24.43 12.51
CA ARG B 22 -25.13 -23.27 11.93
C ARG B 22 -24.13 -22.18 11.58
N SER B 23 -23.55 -21.58 12.62
CA SER B 23 -22.97 -20.26 12.52
C SER B 23 -21.54 -20.28 11.95
N PHE B 24 -20.89 -21.44 12.01
CA PHE B 24 -19.44 -21.47 11.90
C PHE B 24 -18.96 -22.23 10.67
N ALA B 25 -19.89 -22.87 9.96
CA ALA B 25 -19.54 -23.71 8.81
C ALA B 25 -18.66 -22.96 7.81
N ALA B 26 -19.20 -21.90 7.23
CA ALA B 26 -18.53 -21.22 6.14
C ALA B 26 -17.28 -20.44 6.59
N VAL B 27 -17.39 -19.72 7.70
CA VAL B 27 -16.27 -18.90 8.15
C VAL B 27 -15.10 -19.80 8.47
N ILE B 28 -15.34 -20.90 9.18
CA ILE B 28 -14.33 -21.97 9.30
C ILE B 28 -13.86 -22.39 7.91
N GLN B 29 -14.80 -22.74 7.04
CA GLN B 29 -14.46 -23.24 5.71
C GLN B 29 -13.66 -22.22 4.89
N ALA B 30 -13.78 -20.94 5.22
CA ALA B 30 -13.03 -19.90 4.53
C ALA B 30 -11.65 -19.62 5.16
N LEU B 31 -11.26 -20.40 6.17
CA LEU B 31 -10.01 -20.15 6.85
C LEU B 31 -8.82 -20.58 5.99
N ASP B 32 -7.74 -19.81 6.02
CA ASP B 32 -6.57 -20.07 5.17
C ASP B 32 -5.78 -21.28 5.67
N GLY B 33 -5.19 -22.01 4.74
CA GLY B 33 -4.07 -22.90 5.05
C GLY B 33 -4.30 -23.91 6.16
N GLU B 34 -3.22 -24.29 6.83
CA GLU B 34 -3.25 -25.40 7.78
C GLU B 34 -4.41 -25.26 8.78
N MET B 35 -4.87 -24.03 9.02
CA MET B 35 -5.76 -23.77 10.15
C MET B 35 -7.23 -23.97 9.80
N ARG B 36 -7.49 -24.35 8.54
CA ARG B 36 -8.83 -24.72 8.14
C ARG B 36 -9.23 -26.08 8.70
N ASN B 37 -8.43 -27.10 8.40
CA ASN B 37 -8.68 -28.44 8.88
C ASN B 37 -8.50 -28.54 10.40
N ALA B 38 -7.60 -27.72 10.95
CA ALA B 38 -7.33 -27.76 12.39
C ALA B 38 -8.59 -27.37 13.14
N VAL B 39 -9.17 -26.25 12.75
CA VAL B 39 -10.41 -25.77 13.35
C VAL B 39 -11.56 -26.75 13.12
N CYS B 40 -11.74 -27.19 11.87
CA CYS B 40 -12.88 -28.04 11.52
C CYS B 40 -12.97 -29.24 12.43
N ILE B 41 -11.85 -29.95 12.59
CA ILE B 41 -11.75 -31.00 13.60
C ILE B 41 -12.08 -30.43 14.99
N PHE B 42 -11.36 -29.39 15.41
CA PHE B 42 -11.55 -28.85 16.76
C PHE B 42 -13.04 -28.74 17.10
N TYR B 43 -13.81 -28.13 16.20
CA TYR B 43 -15.25 -27.98 16.40
C TYR B 43 -15.93 -29.34 16.52
N LEU B 44 -15.62 -30.24 15.60
CA LEU B 44 -16.30 -31.53 15.54
C LEU B 44 -16.00 -32.40 16.77
N VAL B 45 -14.77 -32.36 17.25
CA VAL B 45 -14.42 -33.15 18.44
C VAL B 45 -15.12 -32.54 19.64
N LEU B 46 -15.30 -31.23 19.61
CA LEU B 46 -15.96 -30.55 20.71
C LEU B 46 -17.47 -30.72 20.59
N ARG B 47 -17.94 -30.90 19.35
CA ARG B 47 -19.34 -31.20 19.14
C ARG B 47 -19.66 -32.56 19.71
N ALA B 48 -18.86 -33.56 19.33
CA ALA B 48 -18.97 -34.90 19.90
C ALA B 48 -19.00 -34.85 21.43
N LEU B 49 -18.03 -34.13 22.00
CA LEU B 49 -17.96 -33.94 23.45
C LEU B 49 -19.28 -33.40 24.01
N ASP B 50 -19.79 -32.33 23.40
CA ASP B 50 -20.94 -31.63 23.95
C ASP B 50 -22.23 -32.42 23.76
N THR B 51 -22.22 -33.36 22.82
CA THR B 51 -23.40 -34.14 22.53
C THR B 51 -23.55 -35.27 23.54
N LEU B 52 -22.46 -35.59 24.23
CA LEU B 52 -22.51 -36.48 25.38
C LEU B 52 -23.00 -35.72 26.59
N GLU B 53 -22.46 -34.52 26.80
CA GLU B 53 -22.82 -33.69 27.95
C GLU B 53 -24.31 -33.34 28.00
N ASP B 54 -24.90 -33.13 26.82
CA ASP B 54 -26.27 -32.65 26.69
C ASP B 54 -27.26 -33.82 26.65
N ASP B 55 -26.73 -35.03 26.49
CA ASP B 55 -27.56 -36.21 26.33
C ASP B 55 -28.04 -36.69 27.69
N MET B 56 -29.32 -36.51 27.95
CA MET B 56 -29.85 -36.70 29.31
C MET B 56 -30.25 -38.15 29.60
N THR B 57 -30.14 -39.03 28.59
CA THR B 57 -30.35 -40.46 28.81
C THR B 57 -29.06 -41.22 29.09
N ILE B 58 -27.92 -40.51 29.13
CA ILE B 58 -26.68 -41.10 29.64
C ILE B 58 -26.58 -40.87 31.13
N SER B 59 -26.39 -41.95 31.88
CA SER B 59 -26.25 -41.87 33.34
C SER B 59 -25.10 -40.95 33.71
N VAL B 60 -25.25 -40.22 34.81
CA VAL B 60 -24.11 -39.55 35.43
C VAL B 60 -22.97 -40.54 35.70
N GLU B 61 -23.32 -41.73 36.17
CA GLU B 61 -22.36 -42.80 36.38
C GLU B 61 -21.47 -43.02 35.16
N LYS B 62 -22.08 -42.89 33.98
CA LYS B 62 -21.37 -43.15 32.73
C LYS B 62 -20.78 -41.87 32.16
N LYS B 63 -21.58 -40.81 32.16
CA LYS B 63 -21.22 -39.56 31.50
C LYS B 63 -19.91 -39.02 32.05
N VAL B 64 -19.72 -39.12 33.36
CA VAL B 64 -18.57 -38.51 34.00
C VAL B 64 -17.27 -39.09 33.46
N PRO B 65 -17.09 -40.41 33.60
CA PRO B 65 -15.94 -41.07 33.00
C PRO B 65 -15.74 -40.74 31.53
N LEU B 66 -16.84 -40.62 30.78
CA LEU B 66 -16.75 -40.34 29.35
C LEU B 66 -16.13 -38.97 29.11
N LEU B 67 -16.60 -37.98 29.86
CA LEU B 67 -16.13 -36.59 29.70
C LEU B 67 -14.67 -36.45 30.11
N HIS B 68 -14.32 -37.05 31.25
CA HIS B 68 -12.94 -37.06 31.74
C HIS B 68 -11.96 -37.59 30.70
N ASN B 69 -12.38 -38.62 29.98
CA ASN B 69 -11.45 -39.43 29.19
C ASN B 69 -11.63 -39.21 27.71
N PHE B 70 -12.41 -38.21 27.34
CA PHE B 70 -12.67 -37.96 25.91
C PHE B 70 -11.36 -37.70 25.19
N HIS B 71 -10.65 -36.66 25.62
CA HIS B 71 -9.38 -36.31 25.01
C HIS B 71 -8.63 -37.57 24.57
N SER B 72 -8.73 -38.63 25.36
CA SER B 72 -7.96 -39.84 25.10
C SER B 72 -8.51 -40.63 23.90
N PHE B 73 -9.81 -40.56 23.66
CA PHE B 73 -10.41 -41.32 22.56
C PHE B 73 -9.94 -40.79 21.22
N LEU B 74 -9.55 -39.51 21.19
CA LEU B 74 -8.87 -38.96 20.01
C LEU B 74 -7.75 -39.90 19.57
N TYR B 75 -7.24 -40.68 20.51
CA TYR B 75 -6.05 -41.47 20.30
C TYR B 75 -6.34 -42.98 20.25
N GLN B 76 -7.56 -43.36 20.62
CA GLN B 76 -8.07 -44.69 20.30
C GLN B 76 -8.76 -44.68 18.94
N PRO B 77 -8.19 -45.40 17.96
CA PRO B 77 -8.66 -45.22 16.60
C PRO B 77 -10.02 -45.85 16.34
N ASP B 78 -10.37 -46.85 17.14
CA ASP B 78 -11.59 -47.61 16.93
C ASP B 78 -12.71 -47.09 17.81
N TRP B 79 -12.40 -46.17 18.70
CA TRP B 79 -13.38 -45.79 19.71
C TRP B 79 -14.55 -45.08 19.07
N ARG B 80 -15.73 -45.36 19.59
CA ARG B 80 -16.98 -44.77 19.10
C ARG B 80 -18.04 -44.90 20.19
N PHE B 81 -19.20 -44.32 19.95
CA PHE B 81 -20.28 -44.36 20.92
C PHE B 81 -21.61 -44.52 20.21
N MET B 82 -22.33 -45.58 20.57
CA MET B 82 -23.47 -46.02 19.80
C MET B 82 -24.76 -45.89 20.60
N GLU B 83 -24.70 -45.21 21.74
CA GLU B 83 -25.82 -45.16 22.68
C GLU B 83 -26.40 -43.77 22.83
N SER B 84 -26.16 -42.89 21.85
CA SER B 84 -26.67 -41.53 21.94
C SER B 84 -28.04 -41.43 21.27
N LYS B 85 -28.98 -40.79 21.95
CA LYS B 85 -30.31 -40.57 21.40
C LYS B 85 -30.53 -39.10 21.06
N GLU B 86 -29.44 -38.45 20.64
CA GLU B 86 -29.44 -37.02 20.32
C GLU B 86 -29.72 -36.80 18.84
N LYS B 87 -29.78 -35.53 18.44
CA LYS B 87 -29.88 -35.18 17.02
C LYS B 87 -28.54 -35.40 16.33
N ASP B 88 -27.45 -35.05 17.01
CA ASP B 88 -26.15 -34.93 16.37
C ASP B 88 -25.30 -36.16 16.60
N ARG B 89 -25.96 -37.31 16.73
CA ARG B 89 -25.32 -38.50 17.27
C ARG B 89 -24.38 -39.18 16.28
N GLN B 90 -24.47 -38.80 15.01
CA GLN B 90 -23.60 -39.38 13.98
C GLN B 90 -22.15 -39.00 14.23
N VAL B 91 -21.91 -37.82 14.81
CA VAL B 91 -20.56 -37.38 15.13
C VAL B 91 -19.85 -38.37 16.05
N LEU B 92 -20.62 -39.08 16.86
CA LEU B 92 -20.07 -40.05 17.80
C LEU B 92 -19.99 -41.44 17.20
N GLU B 93 -21.04 -41.84 16.51
CA GLU B 93 -21.11 -43.17 15.91
C GLU B 93 -20.04 -43.35 14.83
N ASP B 94 -19.71 -42.27 14.13
CA ASP B 94 -18.61 -42.28 13.15
C ASP B 94 -17.41 -41.52 13.70
N PHE B 95 -17.15 -41.67 14.99
CA PHE B 95 -16.09 -40.91 15.64
C PHE B 95 -14.70 -41.40 15.25
N PRO B 96 -14.57 -42.71 14.96
CA PRO B 96 -13.29 -43.20 14.47
C PRO B 96 -12.80 -42.37 13.29
N THR B 97 -13.72 -41.95 12.43
CA THR B 97 -13.39 -41.07 11.31
C THR B 97 -12.72 -39.77 11.76
N ILE B 98 -13.27 -39.15 12.81
CA ILE B 98 -12.81 -37.85 13.26
C ILE B 98 -11.44 -37.96 13.94
N SER B 99 -11.27 -38.98 14.79
CA SER B 99 -10.00 -39.15 15.48
C SER B 99 -8.91 -39.41 14.47
N LEU B 100 -9.22 -40.19 13.45
CA LEU B 100 -8.27 -40.50 12.38
C LEU B 100 -7.72 -39.20 11.80
N GLU B 101 -8.63 -38.30 11.44
CA GLU B 101 -8.23 -37.02 10.88
C GLU B 101 -7.61 -36.10 11.93
N PHE B 102 -8.00 -36.26 13.18
CA PHE B 102 -7.33 -35.54 14.26
C PHE B 102 -5.85 -35.95 14.35
N ARG B 103 -5.62 -37.26 14.27
CA ARG B 103 -4.26 -37.81 14.25
C ARG B 103 -3.50 -37.46 12.97
N ASN B 104 -4.13 -36.67 12.09
CA ASN B 104 -3.48 -36.23 10.86
C ASN B 104 -2.90 -34.84 10.98
N LEU B 105 -3.49 -34.05 11.89
CA LEU B 105 -3.14 -32.64 12.02
C LEU B 105 -1.74 -32.52 12.62
N ALA B 106 -1.02 -31.46 12.25
CA ALA B 106 0.28 -31.19 12.83
C ALA B 106 0.25 -31.45 14.34
N GLU B 107 1.22 -32.22 14.82
CA GLU B 107 1.31 -32.51 16.25
C GLU B 107 0.96 -31.27 17.10
N LYS B 108 1.58 -30.14 16.79
CA LYS B 108 1.35 -28.92 17.57
C LYS B 108 -0.15 -28.58 17.74
N TYR B 109 -0.97 -28.94 16.76
CA TYR B 109 -2.41 -28.66 16.81
C TYR B 109 -3.12 -29.65 17.72
N GLN B 110 -2.74 -30.91 17.61
CA GLN B 110 -3.26 -31.95 18.48
C GLN B 110 -3.03 -31.60 19.93
N THR B 111 -1.90 -30.97 20.23
CA THR B 111 -1.60 -30.57 21.60
C THR B 111 -2.61 -29.56 22.11
N VAL B 112 -3.05 -28.67 21.22
CA VAL B 112 -4.05 -27.66 21.57
C VAL B 112 -5.44 -28.28 21.71
N ILE B 113 -5.86 -29.06 20.71
CA ILE B 113 -7.19 -29.64 20.70
C ILE B 113 -7.37 -30.59 21.88
N ALA B 114 -6.44 -31.53 22.02
CA ALA B 114 -6.51 -32.55 23.06
C ALA B 114 -6.44 -31.93 24.44
N ASP B 115 -5.49 -31.00 24.62
CA ASP B 115 -5.40 -30.26 25.88
C ASP B 115 -6.72 -29.58 26.21
N ILE B 116 -7.22 -28.78 25.27
CA ILE B 116 -8.41 -27.99 25.51
C ILE B 116 -9.56 -28.85 26.00
N CYS B 117 -9.83 -29.94 25.29
CA CYS B 117 -11.02 -30.75 25.58
C CYS B 117 -10.74 -31.85 26.60
N ARG B 118 -9.53 -31.89 27.15
CA ARG B 118 -9.31 -32.56 28.43
C ARG B 118 -9.80 -31.67 29.58
N ARG B 119 -9.52 -30.37 29.48
CA ARG B 119 -9.92 -29.42 30.51
C ARG B 119 -11.42 -29.18 30.47
N MET B 120 -11.95 -29.16 29.25
CA MET B 120 -13.38 -28.96 29.03
C MET B 120 -14.14 -30.16 29.57
N GLY B 121 -13.54 -31.33 29.47
CA GLY B 121 -14.12 -32.54 30.04
C GLY B 121 -14.21 -32.51 31.55
N ILE B 122 -13.15 -32.04 32.20
CA ILE B 122 -13.10 -31.97 33.66
C ILE B 122 -14.15 -31.00 34.17
N GLY B 123 -14.33 -29.91 33.44
CA GLY B 123 -15.20 -28.83 33.87
C GLY B 123 -16.66 -29.11 33.55
N MET B 124 -16.91 -29.69 32.39
CA MET B 124 -18.25 -30.12 32.03
C MET B 124 -18.79 -31.05 33.10
N ALA B 125 -17.96 -32.00 33.52
CA ALA B 125 -18.32 -32.92 34.59
C ALA B 125 -18.52 -32.15 35.90
N GLU B 126 -17.68 -31.16 36.14
CA GLU B 126 -17.76 -30.38 37.38
C GLU B 126 -19.17 -29.83 37.62
N PHE B 127 -19.93 -29.65 36.54
CA PHE B 127 -21.19 -28.92 36.62
C PHE B 127 -22.40 -29.81 36.38
N LEU B 128 -22.16 -31.11 36.28
CA LEU B 128 -23.20 -32.03 35.81
C LEU B 128 -24.39 -31.98 36.75
N ASP B 129 -24.12 -31.79 38.04
CA ASP B 129 -25.16 -31.89 39.07
C ASP B 129 -25.54 -30.54 39.70
N LYS B 130 -24.65 -29.56 39.60
CA LYS B 130 -24.92 -28.23 40.15
C LYS B 130 -25.42 -27.25 39.07
N HIS B 131 -26.13 -26.22 39.50
CA HIS B 131 -26.45 -25.08 38.63
C HIS B 131 -25.33 -24.04 38.73
N VAL B 132 -25.49 -22.92 38.02
CA VAL B 132 -24.66 -21.74 38.29
C VAL B 132 -25.26 -20.95 39.44
N THR B 133 -24.54 -20.88 40.55
CA THR B 133 -24.99 -20.11 41.71
C THR B 133 -24.58 -18.64 41.58
N SER B 134 -23.30 -18.35 41.77
CA SER B 134 -22.82 -16.98 41.80
C SER B 134 -22.44 -16.48 40.41
N GLU B 135 -22.33 -15.16 40.29
CA GLU B 135 -21.91 -14.56 39.04
C GLU B 135 -20.43 -14.84 38.72
N GLN B 136 -19.64 -15.09 39.77
CA GLN B 136 -18.27 -15.58 39.61
C GLN B 136 -18.22 -17.03 39.17
N GLU B 137 -19.26 -17.79 39.52
CA GLU B 137 -19.41 -19.16 39.07
C GLU B 137 -20.08 -19.22 37.70
N TRP B 138 -20.63 -18.11 37.26
CA TRP B 138 -21.02 -17.95 35.88
C TRP B 138 -19.77 -17.88 34.99
N ASP B 139 -18.83 -17.04 35.39
CA ASP B 139 -17.56 -16.91 34.68
C ASP B 139 -16.87 -18.26 34.60
N LYS B 140 -16.86 -18.98 35.71
CA LYS B 140 -16.31 -20.33 35.81
C LYS B 140 -16.89 -21.24 34.74
N TYR B 141 -18.21 -21.35 34.73
CA TYR B 141 -18.91 -22.25 33.84
C TYR B 141 -18.71 -21.83 32.39
N CYS B 142 -18.96 -20.57 32.10
CA CYS B 142 -18.78 -20.06 30.74
C CYS B 142 -17.36 -20.28 30.24
N HIS B 143 -16.38 -20.07 31.11
CA HIS B 143 -14.99 -20.37 30.78
C HIS B 143 -14.82 -21.81 30.28
N TYR B 144 -15.58 -22.74 30.87
CA TYR B 144 -15.39 -24.15 30.57
C TYR B 144 -15.93 -24.49 29.18
N VAL B 145 -17.10 -23.94 28.84
CA VAL B 145 -17.84 -24.44 27.67
C VAL B 145 -17.79 -23.46 26.50
N ALA B 146 -16.90 -22.47 26.56
CA ALA B 146 -16.87 -21.39 25.58
C ALA B 146 -15.59 -20.57 25.70
N GLY B 147 -15.33 -20.03 26.88
CA GLY B 147 -14.05 -19.42 27.17
C GLY B 147 -12.90 -20.26 26.63
N LEU B 148 -12.79 -21.49 27.14
CA LEU B 148 -11.74 -22.43 26.75
C LEU B 148 -11.67 -22.60 25.24
N VAL B 149 -12.80 -22.46 24.58
CA VAL B 149 -12.83 -22.56 23.13
C VAL B 149 -12.09 -21.37 22.52
N GLY B 150 -12.25 -20.21 23.14
CA GLY B 150 -11.49 -19.03 22.74
C GLY B 150 -9.99 -19.24 22.91
N ILE B 151 -9.59 -19.65 24.10
CA ILE B 151 -8.21 -20.01 24.36
C ILE B 151 -7.72 -20.98 23.30
N GLY B 152 -8.55 -21.95 22.97
CA GLY B 152 -8.15 -23.01 22.03
C GLY B 152 -7.84 -22.48 20.64
N LEU B 153 -8.80 -21.77 20.05
CA LEU B 153 -8.67 -21.25 18.69
C LEU B 153 -7.51 -20.29 18.61
N SER B 154 -7.26 -19.58 19.70
CA SER B 154 -6.22 -18.55 19.72
C SER B 154 -4.83 -19.17 19.62
N ARG B 155 -4.70 -20.41 20.11
CA ARG B 155 -3.42 -21.12 20.09
C ARG B 155 -3.31 -21.94 18.81
N LEU B 156 -4.44 -22.18 18.16
CA LEU B 156 -4.44 -22.73 16.83
C LEU B 156 -4.11 -21.65 15.80
N PHE B 157 -4.48 -20.41 16.10
CA PHE B 157 -4.11 -19.30 15.24
C PHE B 157 -2.59 -19.06 15.31
N SER B 158 -2.06 -19.10 16.53
CA SER B 158 -0.64 -18.80 16.74
C SER B 158 0.24 -19.99 16.38
N ALA B 159 -0.29 -21.19 16.50
CA ALA B 159 0.48 -22.38 16.14
C ALA B 159 0.71 -22.37 14.64
N SER B 160 -0.29 -21.92 13.89
CA SER B 160 -0.20 -21.88 12.43
C SER B 160 0.69 -20.75 11.97
N GLU B 161 0.81 -19.73 12.83
CA GLU B 161 1.68 -18.58 12.56
C GLU B 161 1.01 -17.58 11.63
N PHE B 162 -0.26 -17.82 11.31
CA PHE B 162 -1.07 -16.82 10.63
C PHE B 162 -1.29 -15.63 11.55
N GLU B 163 -1.35 -15.90 12.84
CA GLU B 163 -1.46 -14.84 13.84
C GLU B 163 -0.24 -14.77 14.76
N ASP B 164 0.05 -13.56 15.23
CA ASP B 164 1.17 -13.32 16.12
C ASP B 164 1.12 -14.25 17.31
N PRO B 165 2.29 -14.62 17.86
CA PRO B 165 2.33 -15.48 19.02
C PRO B 165 1.48 -14.95 20.18
N LEU B 166 1.45 -13.62 20.33
CA LEU B 166 0.67 -13.01 21.39
C LEU B 166 -0.73 -13.58 21.50
N VAL B 167 -1.40 -13.77 20.37
CA VAL B 167 -2.81 -14.08 20.38
C VAL B 167 -3.09 -15.33 21.24
N GLY B 168 -2.19 -16.30 21.18
CA GLY B 168 -2.27 -17.47 22.04
C GLY B 168 -1.78 -17.22 23.46
N GLU B 169 -0.75 -16.39 23.60
CA GLU B 169 -0.13 -16.20 24.91
C GLU B 169 -1.09 -15.57 25.89
N ASP B 170 -2.07 -14.85 25.35
CA ASP B 170 -2.93 -13.99 26.17
C ASP B 170 -4.29 -14.64 26.37
N THR B 171 -4.35 -15.61 27.27
CA THR B 171 -5.57 -16.40 27.46
C THR B 171 -6.75 -15.53 27.90
N GLU B 172 -6.47 -14.48 28.66
CA GLU B 172 -7.52 -13.73 29.35
C GLU B 172 -8.45 -13.05 28.36
N ARG B 173 -7.89 -12.56 27.25
CA ARG B 173 -8.68 -11.91 26.20
C ARG B 173 -9.38 -12.96 25.35
N ALA B 174 -8.64 -14.01 24.98
CA ALA B 174 -9.23 -15.23 24.44
C ALA B 174 -10.48 -15.64 25.23
N ASN B 175 -10.33 -15.74 26.54
CA ASN B 175 -11.45 -16.15 27.38
C ASN B 175 -12.63 -15.20 27.20
N SER B 176 -12.35 -13.90 27.29
CA SER B 176 -13.38 -12.90 27.12
C SER B 176 -14.16 -13.02 25.81
N MET B 177 -13.50 -13.47 24.74
CA MET B 177 -14.20 -13.71 23.48
C MET B 177 -15.30 -14.76 23.65
N GLY B 178 -14.95 -15.86 24.33
CA GLY B 178 -15.89 -16.94 24.56
C GLY B 178 -16.96 -16.58 25.59
N LEU B 179 -16.58 -15.78 26.57
CA LEU B 179 -17.50 -15.48 27.67
C LEU B 179 -18.61 -14.56 27.17
N PHE B 180 -18.29 -13.68 26.22
CA PHE B 180 -19.27 -12.75 25.68
C PHE B 180 -20.34 -13.50 24.90
N LEU B 181 -19.93 -14.20 23.86
CA LEU B 181 -20.87 -14.97 23.03
C LEU B 181 -21.79 -15.78 23.92
N GLN B 182 -21.18 -16.56 24.81
CA GLN B 182 -21.92 -17.45 25.69
C GLN B 182 -22.92 -16.67 26.55
N LYS B 183 -22.43 -15.73 27.35
CA LYS B 183 -23.30 -14.97 28.23
C LYS B 183 -24.49 -14.43 27.45
N THR B 184 -24.26 -13.89 26.27
CA THR B 184 -25.33 -13.25 25.52
C THR B 184 -26.29 -14.32 24.96
N ASN B 185 -25.79 -15.54 24.78
CA ASN B 185 -26.65 -16.67 24.45
C ASN B 185 -27.51 -17.11 25.62
N ILE B 186 -26.89 -17.21 26.80
CA ILE B 186 -27.58 -17.61 28.01
C ILE B 186 -28.65 -16.58 28.34
N ILE B 187 -28.37 -15.32 28.02
CA ILE B 187 -29.36 -14.26 28.15
C ILE B 187 -30.49 -14.47 27.14
N ARG B 188 -30.16 -14.31 25.87
CA ARG B 188 -31.13 -14.57 24.82
C ARG B 188 -31.98 -15.77 25.19
N ASP B 189 -31.36 -16.95 25.26
CA ASP B 189 -32.10 -18.22 25.19
C ASP B 189 -32.81 -18.59 26.49
N TYR B 190 -33.28 -17.60 27.23
CA TYR B 190 -33.89 -17.87 28.53
C TYR B 190 -35.14 -18.74 28.39
N LEU B 191 -36.06 -18.32 27.53
CA LEU B 191 -37.34 -19.00 27.41
C LEU B 191 -37.16 -20.39 26.82
N GLU B 192 -36.25 -20.51 25.85
CA GLU B 192 -35.97 -21.79 25.20
C GLU B 192 -35.49 -22.82 26.22
N ASP B 193 -34.61 -22.39 27.12
CA ASP B 193 -34.00 -23.30 28.09
C ASP B 193 -34.97 -23.62 29.23
N GLN B 194 -35.90 -22.72 29.50
CA GLN B 194 -36.92 -22.95 30.53
C GLN B 194 -37.99 -23.93 30.05
N GLN B 195 -38.36 -23.82 28.78
CA GLN B 195 -39.27 -24.77 28.14
C GLN B 195 -38.67 -26.17 28.20
N GLY B 196 -37.34 -26.25 28.11
CA GLY B 196 -36.63 -27.52 28.21
C GLY B 196 -35.96 -27.73 29.56
N GLY B 197 -36.53 -27.14 30.60
CA GLY B 197 -36.11 -27.40 31.97
C GLY B 197 -34.60 -27.41 32.17
N ARG B 198 -33.93 -26.37 31.68
CA ARG B 198 -32.56 -26.08 32.07
C ARG B 198 -32.44 -24.62 32.53
N GLU B 199 -31.94 -24.44 33.76
CA GLU B 199 -31.61 -23.11 34.27
C GLU B 199 -30.13 -22.84 34.02
N PHE B 200 -29.82 -21.66 33.49
CA PHE B 200 -28.44 -21.26 33.26
C PHE B 200 -28.12 -19.89 33.86
N TRP B 201 -29.15 -19.15 34.23
CA TRP B 201 -28.98 -17.83 34.85
C TRP B 201 -28.47 -17.98 36.28
N PRO B 202 -27.70 -17.00 36.78
CA PRO B 202 -27.07 -17.14 38.09
C PRO B 202 -28.03 -17.00 39.27
N GLN B 203 -28.07 -18.03 40.10
CA GLN B 203 -28.90 -18.03 41.32
C GLN B 203 -28.71 -16.74 42.10
N GLU B 204 -27.45 -16.45 42.42
CA GLU B 204 -27.08 -15.30 43.24
C GLU B 204 -27.71 -13.99 42.78
N VAL B 205 -28.03 -13.93 41.49
CA VAL B 205 -28.73 -12.77 40.93
C VAL B 205 -30.24 -12.97 40.92
N TRP B 206 -30.72 -13.91 40.10
CA TRP B 206 -32.16 -13.93 39.83
C TRP B 206 -32.96 -14.04 41.12
N SER B 207 -32.39 -14.70 42.12
CA SER B 207 -33.07 -14.87 43.41
C SER B 207 -33.21 -13.54 44.15
N ARG B 208 -32.55 -12.49 43.67
CA ARG B 208 -32.78 -11.15 44.17
C ARG B 208 -33.93 -10.46 43.44
N TYR B 209 -34.73 -11.24 42.71
CA TYR B 209 -35.93 -10.71 42.07
C TYR B 209 -37.14 -11.64 42.20
N VAL B 210 -36.92 -12.81 42.81
CA VAL B 210 -37.88 -13.90 42.70
C VAL B 210 -37.40 -15.14 43.47
N LYS B 211 -38.33 -15.99 43.87
CA LYS B 211 -38.01 -17.19 44.64
C LYS B 211 -37.55 -18.32 43.71
N LYS B 212 -38.06 -18.32 42.48
CA LYS B 212 -37.81 -19.40 41.53
C LYS B 212 -37.58 -18.81 40.14
N LEU B 213 -36.58 -19.32 39.44
CA LEU B 213 -36.13 -18.73 38.18
C LEU B 213 -37.25 -18.66 37.15
N GLY B 214 -37.99 -19.76 37.01
CA GLY B 214 -39.08 -19.84 36.03
C GLY B 214 -40.17 -18.83 36.26
N ASP B 215 -40.09 -18.09 37.37
CA ASP B 215 -41.10 -17.11 37.71
C ASP B 215 -41.09 -15.92 36.75
N PHE B 216 -40.03 -15.83 35.93
CA PHE B 216 -39.90 -14.76 34.94
C PHE B 216 -40.84 -15.01 33.77
N ALA B 217 -41.31 -16.25 33.64
CA ALA B 217 -42.27 -16.61 32.60
C ALA B 217 -43.64 -16.00 32.86
N LYS B 218 -43.93 -15.74 34.14
CA LYS B 218 -45.25 -15.28 34.57
C LYS B 218 -45.42 -13.78 34.29
N PRO B 219 -46.54 -13.40 33.63
CA PRO B 219 -46.67 -12.02 33.18
C PRO B 219 -46.62 -11.01 34.31
N GLU B 220 -47.16 -11.37 35.48
CA GLU B 220 -47.23 -10.45 36.61
C GLU B 220 -45.85 -10.01 37.12
N ASN B 221 -44.79 -10.46 36.44
CA ASN B 221 -43.43 -10.22 36.90
C ASN B 221 -42.52 -9.54 35.86
N ILE B 222 -43.06 -9.28 34.68
CA ILE B 222 -42.22 -8.83 33.58
C ILE B 222 -41.47 -7.55 33.95
N ASP B 223 -42.01 -6.80 34.91
CA ASP B 223 -41.29 -5.67 35.49
C ASP B 223 -39.95 -6.11 36.06
N LEU B 224 -39.95 -7.20 36.82
CA LEU B 224 -38.75 -7.68 37.52
C LEU B 224 -37.81 -8.44 36.57
N ALA B 225 -38.38 -9.32 35.75
CA ALA B 225 -37.61 -10.01 34.72
C ALA B 225 -36.62 -9.06 34.07
N VAL B 226 -37.10 -7.87 33.71
CA VAL B 226 -36.36 -6.98 32.83
C VAL B 226 -35.24 -6.22 33.56
N GLN B 227 -35.42 -6.03 34.87
CA GLN B 227 -34.37 -5.47 35.69
C GLN B 227 -33.20 -6.44 35.75
N CYS B 228 -33.51 -7.67 36.15
CA CYS B 228 -32.55 -8.78 36.14
C CYS B 228 -31.88 -8.90 34.78
N LEU B 229 -32.68 -8.99 33.73
CA LEU B 229 -32.15 -9.05 32.37
C LEU B 229 -31.07 -7.99 32.19
N ASN B 230 -31.42 -6.72 32.39
CA ASN B 230 -30.47 -5.62 32.17
C ASN B 230 -29.20 -5.77 32.98
N GLU B 231 -29.31 -6.37 34.17
CA GLU B 231 -28.16 -6.58 35.03
C GLU B 231 -27.18 -7.56 34.36
N LEU B 232 -27.70 -8.71 33.97
CA LEU B 232 -26.88 -9.70 33.29
C LEU B 232 -26.26 -9.13 32.02
N ILE B 233 -26.98 -8.25 31.34
CA ILE B 233 -26.46 -7.63 30.11
C ILE B 233 -25.32 -6.66 30.41
N THR B 234 -25.49 -5.85 31.46
CA THR B 234 -24.42 -4.98 31.93
C THR B 234 -23.18 -5.81 32.28
N ASN B 235 -23.40 -6.95 32.93
CA ASN B 235 -22.30 -7.88 33.20
C ASN B 235 -21.60 -8.27 31.90
N ALA B 236 -22.33 -8.92 30.99
CA ALA B 236 -21.78 -9.33 29.72
C ALA B 236 -21.05 -8.18 29.04
N LEU B 237 -21.59 -6.97 29.14
CA LEU B 237 -21.02 -5.80 28.46
C LEU B 237 -19.59 -5.54 28.89
N HIS B 238 -19.23 -5.96 30.09
CA HIS B 238 -17.94 -5.64 30.67
C HIS B 238 -16.82 -6.28 29.87
N HIS B 239 -17.19 -7.23 29.02
CA HIS B 239 -16.20 -8.00 28.27
C HIS B 239 -15.83 -7.29 26.97
N ILE B 240 -16.62 -6.30 26.56
CA ILE B 240 -16.43 -5.72 25.23
C ILE B 240 -14.99 -5.28 25.05
N PRO B 241 -14.40 -4.65 26.08
CA PRO B 241 -13.10 -4.03 25.85
C PRO B 241 -11.99 -5.03 25.56
N ASP B 242 -12.03 -6.19 26.22
CA ASP B 242 -11.20 -7.32 25.80
C ASP B 242 -11.51 -7.66 24.36
N VAL B 243 -12.78 -7.68 24.01
CA VAL B 243 -13.15 -8.06 22.66
C VAL B 243 -12.51 -7.11 21.65
N ILE B 244 -12.50 -5.81 21.96
CA ILE B 244 -11.93 -4.84 21.04
C ILE B 244 -10.40 -5.02 20.99
N THR B 245 -9.81 -5.38 22.12
CA THR B 245 -8.37 -5.60 22.17
C THR B 245 -8.00 -6.81 21.32
N TYR B 246 -8.75 -7.89 21.51
CA TYR B 246 -8.46 -9.13 20.80
C TYR B 246 -8.47 -8.84 19.30
N LEU B 247 -9.59 -8.30 18.83
CA LEU B 247 -9.86 -8.27 17.41
C LEU B 247 -8.84 -7.36 16.71
N SER B 248 -8.40 -6.32 17.41
CA SER B 248 -7.43 -5.39 16.84
C SER B 248 -6.08 -6.07 16.56
N ARG B 249 -5.75 -7.10 17.33
CA ARG B 249 -4.44 -7.74 17.19
C ARG B 249 -4.39 -8.74 16.04
N LEU B 250 -5.56 -9.21 15.61
CA LEU B 250 -5.66 -10.12 14.46
C LEU B 250 -5.12 -9.44 13.20
N ARG B 251 -4.32 -10.18 12.44
CA ARG B 251 -3.64 -9.62 11.27
C ARG B 251 -4.08 -10.28 9.97
N ASN B 252 -5.01 -11.23 10.06
CA ASN B 252 -5.31 -12.13 8.96
C ASN B 252 -6.80 -12.17 8.66
N GLN B 253 -7.16 -11.87 7.41
CA GLN B 253 -8.54 -11.56 7.04
C GLN B 253 -9.46 -12.72 7.39
N SER B 254 -9.05 -13.92 7.00
CA SER B 254 -9.85 -15.10 7.29
C SER B 254 -10.08 -15.26 8.80
N VAL B 255 -9.03 -15.07 9.60
CA VAL B 255 -9.16 -15.22 11.06
C VAL B 255 -9.97 -14.06 11.63
N PHE B 256 -9.78 -12.87 11.08
CA PHE B 256 -10.54 -11.71 11.52
C PHE B 256 -12.01 -11.95 11.32
N ASN B 257 -12.40 -12.30 10.10
CA ASN B 257 -13.80 -12.57 9.77
C ASN B 257 -14.36 -13.62 10.70
N PHE B 258 -13.60 -14.68 10.91
CA PHE B 258 -14.02 -15.79 11.75
C PHE B 258 -14.42 -15.26 13.12
N CYS B 259 -13.54 -14.43 13.68
CA CYS B 259 -13.73 -13.93 15.06
C CYS B 259 -14.72 -12.78 15.14
N ALA B 260 -14.72 -11.92 14.13
CA ALA B 260 -15.39 -10.62 14.21
C ALA B 260 -16.88 -10.81 14.17
N ILE B 261 -17.33 -11.63 13.21
CA ILE B 261 -18.75 -11.67 12.88
C ILE B 261 -19.61 -12.10 14.08
N PRO B 262 -19.19 -13.15 14.81
CA PRO B 262 -19.97 -13.57 15.95
C PRO B 262 -20.04 -12.55 17.07
N GLN B 263 -18.96 -11.80 17.28
CA GLN B 263 -18.99 -10.80 18.34
C GLN B 263 -19.97 -9.69 17.95
N VAL B 264 -19.92 -9.27 16.69
CA VAL B 264 -20.81 -8.23 16.24
C VAL B 264 -22.27 -8.66 16.43
N MET B 265 -22.58 -9.91 16.08
CA MET B 265 -23.93 -10.41 16.26
C MET B 265 -24.30 -10.54 17.74
N ALA B 266 -23.32 -10.92 18.56
CA ALA B 266 -23.54 -11.06 20.00
C ALA B 266 -23.93 -9.72 20.60
N ILE B 267 -23.27 -8.66 20.16
CA ILE B 267 -23.59 -7.30 20.60
C ILE B 267 -24.93 -6.85 20.04
N ALA B 268 -25.18 -7.19 18.78
CA ALA B 268 -26.44 -6.89 18.12
C ALA B 268 -27.63 -7.38 18.95
N THR B 269 -27.56 -8.62 19.41
CA THR B 269 -28.69 -9.24 20.10
C THR B 269 -28.86 -8.67 21.50
N LEU B 270 -27.76 -8.25 22.12
CA LEU B 270 -27.82 -7.56 23.41
C LEU B 270 -28.59 -6.26 23.26
N ALA B 271 -28.25 -5.50 22.22
CA ALA B 271 -28.91 -4.24 21.94
C ALA B 271 -30.37 -4.51 21.62
N ALA B 272 -30.63 -5.66 21.01
CA ALA B 272 -31.99 -6.12 20.77
C ALA B 272 -32.70 -6.43 22.08
N CYS B 273 -32.07 -7.23 22.93
CA CYS B 273 -32.72 -7.77 24.10
C CYS B 273 -32.86 -6.75 25.21
N TYR B 274 -32.02 -5.71 25.20
CA TYR B 274 -31.93 -4.81 26.34
C TYR B 274 -33.27 -4.15 26.64
N ASN B 275 -33.62 -4.11 27.92
CA ASN B 275 -34.91 -3.60 28.38
C ASN B 275 -36.09 -4.07 27.53
N ASN B 276 -35.90 -5.18 26.83
CA ASN B 276 -36.94 -5.73 25.97
C ASN B 276 -37.83 -6.67 26.77
N GLN B 277 -39.11 -6.33 26.89
CA GLN B 277 -40.08 -7.19 27.56
C GLN B 277 -40.21 -8.55 26.84
N GLN B 278 -39.80 -8.60 25.57
CA GLN B 278 -40.13 -9.73 24.69
C GLN B 278 -39.12 -10.88 24.78
N VAL B 279 -38.15 -10.77 25.68
CA VAL B 279 -37.21 -11.86 25.93
C VAL B 279 -37.90 -13.02 26.67
N PHE B 280 -39.03 -12.69 27.30
CA PHE B 280 -39.75 -13.63 28.16
C PHE B 280 -41.07 -14.08 27.54
N LYS B 281 -41.55 -13.31 26.57
CA LYS B 281 -42.77 -13.65 25.84
C LYS B 281 -42.47 -14.49 24.60
N GLY B 282 -41.19 -14.75 24.36
CA GLY B 282 -40.73 -15.25 23.07
C GLY B 282 -39.28 -14.90 22.81
N ALA B 283 -38.80 -15.15 21.59
CA ALA B 283 -37.43 -14.80 21.21
C ALA B 283 -37.39 -13.41 20.54
N VAL B 284 -36.30 -12.68 20.74
CA VAL B 284 -36.20 -11.29 20.29
C VAL B 284 -35.50 -11.22 18.93
N LYS B 285 -35.85 -10.22 18.13
CA LYS B 285 -35.37 -10.12 16.75
C LYS B 285 -34.54 -8.86 16.48
N ILE B 286 -33.57 -8.98 15.58
CA ILE B 286 -32.57 -7.95 15.35
C ILE B 286 -33.04 -6.90 14.34
N ASP B 297 -20.65 -4.71 6.67
CA ASP B 297 -19.67 -3.74 7.14
C ASP B 297 -18.48 -4.43 7.84
N ALA B 298 -18.76 -5.44 8.65
CA ALA B 298 -17.80 -5.92 9.65
C ALA B 298 -16.69 -6.80 9.05
N THR B 299 -15.79 -6.18 8.29
CA THR B 299 -14.66 -6.88 7.70
C THR B 299 -13.36 -6.10 7.86
N ASN B 300 -13.36 -5.09 8.73
CA ASN B 300 -12.12 -4.46 9.18
C ASN B 300 -12.32 -3.74 10.51
N MET B 301 -11.25 -3.61 11.28
CA MET B 301 -11.40 -3.25 12.68
C MET B 301 -12.14 -1.92 12.83
N PRO B 302 -11.68 -0.87 12.12
CA PRO B 302 -12.33 0.41 12.31
C PRO B 302 -13.81 0.37 11.98
N ALA B 303 -14.20 -0.52 11.08
CA ALA B 303 -15.61 -0.87 10.85
C ALA B 303 -16.26 -1.53 12.08
N VAL B 304 -15.63 -2.58 12.58
CA VAL B 304 -16.18 -3.31 13.71
C VAL B 304 -16.33 -2.38 14.91
N LYS B 305 -15.31 -1.59 15.21
CA LYS B 305 -15.40 -0.66 16.32
C LYS B 305 -16.64 0.23 16.21
N ALA B 306 -16.90 0.74 15.00
CA ALA B 306 -18.04 1.63 14.78
C ALA B 306 -19.35 0.88 14.97
N ILE B 307 -19.43 -0.32 14.39
CA ILE B 307 -20.65 -1.11 14.52
C ILE B 307 -20.93 -1.32 15.99
N ILE B 308 -19.87 -1.50 16.80
CA ILE B 308 -20.04 -1.77 18.22
C ILE B 308 -20.39 -0.52 19.03
N TYR B 309 -19.70 0.58 18.76
CA TYR B 309 -20.01 1.84 19.42
C TYR B 309 -21.45 2.24 19.13
N GLN B 310 -21.91 1.94 17.90
CA GLN B 310 -23.27 2.27 17.47
C GLN B 310 -24.30 1.51 18.30
N TYR B 311 -24.02 0.23 18.52
CA TYR B 311 -24.87 -0.62 19.33
C TYR B 311 -24.71 -0.24 20.79
N MET B 312 -23.53 0.24 21.15
CA MET B 312 -23.31 0.75 22.49
C MET B 312 -24.27 1.89 22.79
N GLU B 313 -24.47 2.79 21.83
CA GLU B 313 -25.39 3.89 22.02
C GLU B 313 -26.84 3.43 21.93
N GLU B 314 -27.14 2.53 21.00
CA GLU B 314 -28.49 2.00 20.93
C GLU B 314 -28.95 1.59 22.32
N ILE B 315 -28.06 0.96 23.08
CA ILE B 315 -28.39 0.62 24.46
C ILE B 315 -28.50 1.87 25.33
N TYR B 316 -27.51 2.76 25.22
CA TYR B 316 -27.42 3.91 26.10
C TYR B 316 -28.73 4.71 26.08
N HIS B 317 -29.28 4.89 24.88
CA HIS B 317 -30.43 5.76 24.70
C HIS B 317 -31.64 5.27 25.50
N ARG B 318 -31.60 4.02 25.91
CA ARG B 318 -32.78 3.32 26.39
C ARG B 318 -32.65 2.90 27.85
N ILE B 319 -31.69 3.50 28.56
CA ILE B 319 -31.47 3.14 29.96
C ILE B 319 -32.39 3.99 30.83
N PRO B 320 -33.41 3.36 31.41
CA PRO B 320 -34.36 4.07 32.27
C PRO B 320 -33.76 4.35 33.65
N ASP B 321 -33.80 5.61 34.04
CA ASP B 321 -33.25 6.05 35.33
C ASP B 321 -33.68 5.10 36.46
N SER B 322 -34.92 4.64 36.37
CA SER B 322 -35.54 3.95 37.49
C SER B 322 -35.11 2.49 37.56
N ASP B 323 -34.35 2.04 36.57
CA ASP B 323 -33.84 0.67 36.56
C ASP B 323 -32.71 0.53 37.57
N PRO B 324 -32.76 -0.53 38.39
CA PRO B 324 -31.89 -0.65 39.55
C PRO B 324 -30.42 -0.61 39.16
N SER B 325 -30.12 -0.99 37.93
CA SER B 325 -28.75 -1.23 37.51
C SER B 325 -28.36 -0.24 36.43
N SER B 326 -28.87 0.97 36.55
CA SER B 326 -28.83 1.92 35.46
C SER B 326 -27.44 2.54 35.37
N SER B 327 -26.86 2.84 36.52
CA SER B 327 -25.56 3.50 36.55
C SER B 327 -24.48 2.60 35.98
N LYS B 328 -24.38 1.40 36.54
CA LYS B 328 -23.42 0.41 36.08
C LYS B 328 -23.44 0.27 34.56
N THR B 329 -24.61 0.42 33.95
CA THR B 329 -24.76 0.24 32.52
C THR B 329 -24.19 1.42 31.78
N ARG B 330 -24.58 2.62 32.20
CA ARG B 330 -23.94 3.84 31.71
C ARG B 330 -22.42 3.73 31.91
N GLN B 331 -22.03 3.35 33.12
CA GLN B 331 -20.64 3.39 33.53
C GLN B 331 -19.74 2.59 32.60
N ILE B 332 -20.10 1.33 32.36
CA ILE B 332 -19.27 0.48 31.53
C ILE B 332 -19.24 0.98 30.08
N ILE B 333 -20.36 1.53 29.62
CA ILE B 333 -20.44 2.08 28.28
C ILE B 333 -19.52 3.29 28.10
N SER B 334 -19.39 4.10 29.16
CA SER B 334 -18.50 5.24 29.14
C SER B 334 -17.03 4.82 29.27
N THR B 335 -16.79 3.70 29.94
CA THR B 335 -15.48 3.08 29.91
C THR B 335 -15.18 2.58 28.51
N ILE B 336 -16.16 1.92 27.91
CA ILE B 336 -16.06 1.46 26.53
C ILE B 336 -15.77 2.60 25.56
N ARG B 337 -16.44 3.74 25.75
CA ARG B 337 -16.46 4.81 24.75
C ARG B 337 -15.20 5.67 24.78
N THR B 338 -14.43 5.57 25.85
CA THR B 338 -13.15 6.29 25.94
C THR B 338 -11.97 5.31 26.01
N GLN B 339 -12.28 4.04 26.28
CA GLN B 339 -11.28 2.98 26.20
C GLN B 339 -10.43 3.09 24.93
N ASN B 340 -9.28 2.42 24.95
CA ASN B 340 -8.66 1.89 23.73
C ASN B 340 -8.01 0.52 23.95
N SER C 7 -14.83 15.08 -24.28
CA SER C 7 -15.14 13.96 -25.22
C SER C 7 -16.59 13.50 -25.06
N SER C 8 -17.48 14.07 -25.87
CA SER C 8 -18.90 13.74 -25.79
C SER C 8 -19.18 12.30 -26.17
N SER C 9 -18.40 11.75 -27.08
CA SER C 9 -18.58 10.36 -27.51
C SER C 9 -18.40 9.40 -26.34
N LEU C 10 -17.33 9.60 -25.57
CA LEU C 10 -17.02 8.73 -24.44
C LEU C 10 -18.13 8.79 -23.40
N LYS C 11 -18.77 9.94 -23.28
CA LYS C 11 -19.93 10.06 -22.39
C LYS C 11 -21.10 9.24 -22.96
N THR C 12 -21.44 9.49 -24.22
CA THR C 12 -22.47 8.74 -24.90
C THR C 12 -22.23 7.25 -24.72
N CYS C 13 -20.97 6.85 -24.76
CA CYS C 13 -20.66 5.46 -24.53
C CYS C 13 -21.12 5.03 -23.14
N TYR C 14 -20.68 5.74 -22.11
CA TYR C 14 -21.02 5.35 -20.75
C TYR C 14 -22.51 5.52 -20.49
N LYS C 15 -23.22 6.20 -21.39
CA LYS C 15 -24.67 6.26 -21.32
C LYS C 15 -25.22 4.89 -21.65
N TYR C 16 -24.91 4.42 -22.86
CA TYR C 16 -25.36 3.13 -23.33
C TYR C 16 -24.98 2.02 -22.36
N LEU C 17 -23.90 2.22 -21.63
CA LEU C 17 -23.45 1.24 -20.64
C LEU C 17 -24.49 1.17 -19.52
N ASN C 18 -24.89 2.34 -19.02
CA ASN C 18 -25.85 2.41 -17.92
C ASN C 18 -27.25 2.09 -18.41
N GLN C 19 -27.42 2.10 -19.73
CA GLN C 19 -28.72 1.96 -20.33
C GLN C 19 -28.95 0.50 -20.71
N THR C 20 -27.89 -0.31 -20.64
CA THR C 20 -27.96 -1.70 -21.09
C THR C 20 -27.58 -2.73 -20.00
N SER C 21 -26.46 -2.51 -19.32
CA SER C 21 -25.97 -3.48 -18.33
C SER C 21 -26.83 -3.53 -17.07
N ARG C 22 -27.27 -4.74 -16.73
CA ARG C 22 -28.29 -4.93 -15.69
C ARG C 22 -27.77 -4.53 -14.31
N SER C 23 -26.50 -4.85 -14.03
CA SER C 23 -25.76 -4.12 -13.00
C SER C 23 -24.23 -4.34 -13.02
N PHE C 24 -23.69 -4.60 -14.21
CA PHE C 24 -22.25 -4.40 -14.45
C PHE C 24 -21.84 -2.92 -14.51
N ALA C 25 -22.77 -2.04 -14.86
CA ALA C 25 -22.42 -0.65 -15.16
C ALA C 25 -21.55 -0.03 -14.08
N ALA C 26 -22.02 -0.10 -12.83
CA ALA C 26 -21.40 0.64 -11.72
C ALA C 26 -20.05 0.03 -11.40
N VAL C 27 -20.02 -1.29 -11.36
CA VAL C 27 -18.80 -2.01 -11.08
C VAL C 27 -17.77 -1.82 -12.20
N ILE C 28 -18.25 -1.69 -13.44
CA ILE C 28 -17.36 -1.38 -14.57
C ILE C 28 -16.75 -0.01 -14.41
N GLN C 29 -17.60 0.95 -14.06
CA GLN C 29 -17.16 2.33 -13.86
C GLN C 29 -16.22 2.46 -12.66
N ALA C 30 -16.13 1.43 -11.83
CA ALA C 30 -15.29 1.50 -10.63
C ALA C 30 -13.87 0.97 -10.87
N LEU C 31 -13.66 0.34 -12.03
CA LEU C 31 -12.34 -0.19 -12.40
C LEU C 31 -11.28 0.90 -12.48
N ASP C 32 -10.03 0.50 -12.28
CA ASP C 32 -8.92 1.44 -12.18
C ASP C 32 -8.43 1.86 -13.57
N GLY C 33 -8.34 3.17 -13.80
CA GLY C 33 -7.53 3.69 -14.89
C GLY C 33 -7.90 3.11 -16.25
N GLU C 34 -6.90 2.55 -16.94
CA GLU C 34 -7.11 2.09 -18.33
C GLU C 34 -8.26 1.12 -18.46
N MET C 35 -8.24 0.08 -17.62
CA MET C 35 -9.27 -0.97 -17.61
C MET C 35 -10.69 -0.45 -17.81
N ARG C 36 -10.98 0.70 -17.20
CA ARG C 36 -12.33 1.23 -17.19
C ARG C 36 -12.95 1.26 -18.58
N ASN C 37 -12.41 2.09 -19.45
CA ASN C 37 -12.97 2.27 -20.79
C ASN C 37 -12.74 1.03 -21.64
N ALA C 38 -11.59 0.39 -21.47
CA ALA C 38 -11.34 -0.87 -22.14
C ALA C 38 -12.55 -1.78 -21.94
N VAL C 39 -12.97 -1.93 -20.70
CA VAL C 39 -14.02 -2.88 -20.34
C VAL C 39 -15.40 -2.33 -20.69
N CYS C 40 -15.56 -1.01 -20.62
CA CYS C 40 -16.82 -0.40 -21.00
C CYS C 40 -17.07 -0.55 -22.49
N ILE C 41 -16.04 -0.30 -23.29
CA ILE C 41 -16.12 -0.41 -24.74
C ILE C 41 -16.16 -1.88 -25.17
N PHE C 42 -15.44 -2.72 -24.44
CA PHE C 42 -15.55 -4.16 -24.62
C PHE C 42 -16.99 -4.60 -24.40
N TYR C 43 -17.60 -4.10 -23.33
CA TYR C 43 -18.97 -4.49 -23.00
C TYR C 43 -19.89 -4.10 -24.14
N LEU C 44 -19.77 -2.84 -24.57
CA LEU C 44 -20.71 -2.27 -25.53
C LEU C 44 -20.55 -2.91 -26.92
N VAL C 45 -19.32 -3.20 -27.31
CA VAL C 45 -19.09 -3.84 -28.59
C VAL C 45 -19.73 -5.21 -28.60
N LEU C 46 -19.54 -5.96 -27.52
CA LEU C 46 -20.18 -7.27 -27.39
C LEU C 46 -21.71 -7.17 -27.32
N ARG C 47 -22.21 -6.12 -26.66
CA ARG C 47 -23.65 -5.96 -26.51
C ARG C 47 -24.34 -5.80 -27.86
N ALA C 48 -23.74 -5.01 -28.74
CA ALA C 48 -24.24 -4.87 -30.10
C ALA C 48 -24.23 -6.20 -30.83
N LEU C 49 -23.11 -6.91 -30.72
CA LEU C 49 -22.98 -8.23 -31.35
C LEU C 49 -24.04 -9.22 -30.85
N ASP C 50 -24.36 -9.17 -29.55
CA ASP C 50 -25.41 -10.03 -29.01
C ASP C 50 -26.77 -9.58 -29.51
N THR C 51 -26.91 -8.27 -29.71
CA THR C 51 -28.14 -7.73 -30.23
C THR C 51 -28.41 -8.28 -31.63
N LEU C 52 -27.38 -8.29 -32.47
CA LEU C 52 -27.47 -8.91 -33.79
C LEU C 52 -27.90 -10.37 -33.69
N GLU C 53 -27.19 -11.18 -32.90
CA GLU C 53 -27.52 -12.59 -32.72
C GLU C 53 -28.97 -12.82 -32.31
N ASP C 54 -29.45 -12.03 -31.35
CA ASP C 54 -30.73 -12.31 -30.70
C ASP C 54 -31.90 -11.82 -31.54
N ASP C 55 -31.66 -10.85 -32.41
CA ASP C 55 -32.71 -10.32 -33.29
C ASP C 55 -33.20 -11.40 -34.26
N MET C 56 -34.50 -11.71 -34.21
CA MET C 56 -35.09 -12.70 -35.13
C MET C 56 -35.99 -12.05 -36.17
N THR C 57 -35.75 -10.78 -36.48
CA THR C 57 -36.27 -10.19 -37.72
C THR C 57 -35.20 -10.20 -38.81
N ILE C 58 -33.97 -10.54 -38.41
CA ILE C 58 -32.88 -10.71 -39.36
C ILE C 58 -32.82 -12.18 -39.78
N SER C 59 -32.81 -12.42 -41.10
CA SER C 59 -32.68 -13.77 -41.65
C SER C 59 -31.34 -14.34 -41.22
N VAL C 60 -31.22 -15.67 -41.26
CA VAL C 60 -29.94 -16.32 -40.99
C VAL C 60 -28.89 -15.90 -42.03
N GLU C 61 -29.31 -15.85 -43.29
CA GLU C 61 -28.44 -15.51 -44.42
C GLU C 61 -28.02 -14.04 -44.37
N LYS C 62 -28.83 -13.20 -43.75
CA LYS C 62 -28.48 -11.81 -43.55
C LYS C 62 -27.52 -11.71 -42.38
N LYS C 63 -27.74 -12.58 -41.39
CA LYS C 63 -27.17 -12.38 -40.07
C LYS C 63 -25.74 -12.86 -40.03
N VAL C 64 -25.46 -13.92 -40.77
CA VAL C 64 -24.22 -14.66 -40.60
C VAL C 64 -23.01 -13.84 -41.03
N PRO C 65 -23.10 -13.18 -42.20
CA PRO C 65 -22.02 -12.29 -42.63
C PRO C 65 -21.82 -11.10 -41.70
N LEU C 66 -22.91 -10.57 -41.15
CA LEU C 66 -22.83 -9.54 -40.13
C LEU C 66 -22.16 -10.08 -38.87
N LEU C 67 -22.52 -11.31 -38.49
CA LEU C 67 -21.90 -11.96 -37.34
C LEU C 67 -20.42 -12.20 -37.56
N HIS C 68 -20.07 -12.75 -38.72
CA HIS C 68 -18.67 -13.02 -39.09
C HIS C 68 -17.81 -11.76 -39.15
N ASN C 69 -18.37 -10.68 -39.69
CA ASN C 69 -17.60 -9.49 -39.99
C ASN C 69 -17.76 -8.36 -38.97
N PHE C 70 -18.25 -8.69 -37.78
CA PHE C 70 -18.44 -7.68 -36.74
C PHE C 70 -17.12 -7.11 -36.25
N HIS C 71 -16.15 -8.00 -35.99
CA HIS C 71 -14.84 -7.58 -35.54
C HIS C 71 -14.18 -6.61 -36.51
N SER C 72 -14.54 -6.70 -37.78
CA SER C 72 -13.93 -5.87 -38.81
C SER C 72 -14.64 -4.53 -38.95
N PHE C 73 -15.86 -4.44 -38.46
CA PHE C 73 -16.62 -3.19 -38.55
C PHE C 73 -16.12 -2.19 -37.52
N LEU C 74 -15.39 -2.69 -36.52
CA LEU C 74 -14.80 -1.81 -35.51
C LEU C 74 -13.85 -0.83 -36.17
N TYR C 75 -13.40 -1.18 -37.37
CA TYR C 75 -12.44 -0.39 -38.12
C TYR C 75 -13.08 0.20 -39.37
N GLN C 76 -14.38 -0.06 -39.53
CA GLN C 76 -15.18 0.57 -40.57
C GLN C 76 -15.92 1.76 -39.94
N PRO C 77 -15.30 2.96 -39.98
CA PRO C 77 -15.66 4.05 -39.07
C PRO C 77 -17.11 4.49 -39.15
N ASP C 78 -17.71 4.37 -40.32
CA ASP C 78 -19.06 4.89 -40.53
C ASP C 78 -20.10 3.77 -40.52
N TRP C 79 -19.69 2.56 -40.15
CA TRP C 79 -20.61 1.43 -40.12
C TRP C 79 -21.63 1.58 -39.01
N ARG C 80 -22.88 1.25 -39.33
CA ARG C 80 -23.90 1.06 -38.34
C ARG C 80 -24.95 0.10 -38.85
N PHE C 81 -26.07 0.03 -38.14
CA PHE C 81 -27.16 -0.87 -38.49
C PHE C 81 -28.47 -0.24 -38.04
N MET C 82 -29.42 -0.12 -38.97
CA MET C 82 -30.60 0.71 -38.75
C MET C 82 -31.89 -0.08 -38.91
N GLU C 83 -31.80 -1.40 -38.82
CA GLU C 83 -32.91 -2.27 -39.18
C GLU C 83 -33.25 -3.23 -38.05
N SER C 84 -32.57 -3.11 -36.93
CA SER C 84 -32.84 -3.97 -35.79
C SER C 84 -34.14 -3.54 -35.13
N LYS C 85 -34.78 -4.48 -34.44
CA LYS C 85 -36.03 -4.18 -33.75
C LYS C 85 -35.90 -4.41 -32.25
N GLU C 86 -34.75 -4.86 -31.78
CA GLU C 86 -34.58 -5.20 -30.36
C GLU C 86 -34.67 -3.95 -29.46
N LYS C 87 -34.46 -4.15 -28.16
CA LYS C 87 -34.45 -3.03 -27.21
C LYS C 87 -33.14 -2.23 -27.32
N ASP C 88 -32.04 -2.94 -27.54
CA ASP C 88 -30.72 -2.31 -27.47
C ASP C 88 -30.26 -1.81 -28.83
N ARG C 89 -31.21 -1.58 -29.74
CA ARG C 89 -30.86 -1.23 -31.12
C ARG C 89 -30.08 0.08 -31.22
N GLN C 90 -30.04 0.86 -30.15
CA GLN C 90 -29.35 2.14 -30.17
C GLN C 90 -27.86 1.88 -30.29
N VAL C 91 -27.42 0.77 -29.71
CA VAL C 91 -26.01 0.39 -29.71
C VAL C 91 -25.51 0.15 -31.14
N LEU C 92 -26.42 -0.16 -32.07
CA LEU C 92 -26.06 -0.46 -33.45
C LEU C 92 -26.35 0.73 -34.37
N GLU C 93 -27.41 1.47 -34.05
CA GLU C 93 -27.76 2.66 -34.82
C GLU C 93 -26.76 3.78 -34.61
N ASP C 94 -26.07 3.79 -33.47
CA ASP C 94 -24.99 4.74 -33.23
C ASP C 94 -23.68 4.01 -32.90
N PHE C 95 -23.39 2.94 -33.63
CA PHE C 95 -22.17 2.20 -33.40
C PHE C 95 -20.96 3.10 -33.58
N PRO C 96 -20.96 3.89 -34.66
CA PRO C 96 -19.77 4.64 -35.04
C PRO C 96 -19.11 5.35 -33.86
N THR C 97 -19.91 5.81 -32.92
CA THR C 97 -19.40 6.39 -31.70
C THR C 97 -18.62 5.39 -30.89
N ILE C 98 -19.23 4.24 -30.60
CA ILE C 98 -18.55 3.16 -29.90
C ILE C 98 -17.29 2.78 -30.67
N SER C 99 -17.45 2.48 -31.95
CA SER C 99 -16.33 2.20 -32.84
C SER C 99 -15.24 3.23 -32.62
N LEU C 100 -15.62 4.50 -32.68
CA LEU C 100 -14.70 5.59 -32.50
C LEU C 100 -13.91 5.39 -31.23
N GLU C 101 -14.63 5.19 -30.14
CA GLU C 101 -14.04 5.19 -28.82
C GLU C 101 -13.26 3.91 -28.56
N PHE C 102 -13.57 2.87 -29.33
CA PHE C 102 -12.76 1.64 -29.35
C PHE C 102 -11.44 1.86 -30.07
N ARG C 103 -11.50 2.60 -31.17
CA ARG C 103 -10.31 2.93 -31.93
C ARG C 103 -9.40 3.87 -31.15
N ASN C 104 -9.87 4.40 -30.03
CA ASN C 104 -9.03 5.21 -29.17
C ASN C 104 -8.41 4.44 -28.02
N LEU C 105 -8.76 3.15 -27.89
CA LEU C 105 -8.13 2.30 -26.87
C LEU C 105 -6.69 2.00 -27.28
N ALA C 106 -5.82 1.79 -26.29
CA ALA C 106 -4.47 1.31 -26.55
C ALA C 106 -4.54 0.06 -27.41
N GLU C 107 -3.58 -0.11 -28.31
CA GLU C 107 -3.61 -1.25 -29.24
C GLU C 107 -3.54 -2.55 -28.47
N LYS C 108 -2.72 -2.58 -27.41
CA LYS C 108 -2.83 -3.63 -26.41
C LYS C 108 -4.23 -4.19 -26.40
N TYR C 109 -5.18 -3.28 -26.18
CA TYR C 109 -6.54 -3.64 -25.78
C TYR C 109 -7.42 -3.86 -27.01
N GLN C 110 -7.14 -3.11 -28.07
CA GLN C 110 -7.82 -3.31 -29.34
C GLN C 110 -7.64 -4.75 -29.78
N THR C 111 -6.42 -5.24 -29.70
CA THR C 111 -6.12 -6.59 -30.18
C THR C 111 -6.93 -7.63 -29.41
N VAL C 112 -7.09 -7.42 -28.11
CA VAL C 112 -7.81 -8.39 -27.29
C VAL C 112 -9.31 -8.39 -27.63
N ILE C 113 -9.89 -7.21 -27.66
CA ILE C 113 -11.32 -7.08 -27.87
C ILE C 113 -11.70 -7.61 -29.26
N ALA C 114 -10.87 -7.26 -30.24
CA ALA C 114 -11.13 -7.63 -31.62
C ALA C 114 -11.11 -9.14 -31.83
N ASP C 115 -10.20 -9.84 -31.17
CA ASP C 115 -10.08 -11.29 -31.35
C ASP C 115 -11.28 -12.00 -30.74
N ILE C 116 -11.64 -11.58 -29.53
CA ILE C 116 -12.76 -12.19 -28.81
C ILE C 116 -14.06 -11.92 -29.58
N CYS C 117 -14.13 -10.74 -30.17
CA CYS C 117 -15.29 -10.36 -30.97
C CYS C 117 -15.37 -11.22 -32.24
N ARG C 118 -14.22 -11.47 -32.86
CA ARG C 118 -14.18 -12.29 -34.08
C ARG C 118 -14.53 -13.75 -33.80
N ARG C 119 -13.80 -14.39 -32.89
CA ARG C 119 -14.09 -15.77 -32.50
C ARG C 119 -15.53 -15.97 -32.03
N MET C 120 -16.08 -14.95 -31.38
CA MET C 120 -17.39 -15.05 -30.75
C MET C 120 -18.46 -15.16 -31.83
N GLY C 121 -18.39 -14.27 -32.82
CA GLY C 121 -19.31 -14.31 -33.94
C GLY C 121 -19.17 -15.59 -34.76
N ILE C 122 -17.93 -15.94 -35.09
CA ILE C 122 -17.66 -17.20 -35.79
C ILE C 122 -18.40 -18.32 -35.07
N GLY C 123 -18.49 -18.21 -33.74
CA GLY C 123 -19.25 -19.16 -32.93
C GLY C 123 -20.74 -18.94 -33.02
N MET C 124 -21.19 -17.73 -32.72
CA MET C 124 -22.62 -17.43 -32.71
C MET C 124 -23.31 -17.92 -33.99
N ALA C 125 -22.62 -17.75 -35.13
CA ALA C 125 -23.17 -18.19 -36.41
C ALA C 125 -23.30 -19.70 -36.47
N GLU C 126 -22.39 -20.40 -35.78
CA GLU C 126 -22.39 -21.86 -35.77
C GLU C 126 -23.71 -22.40 -35.22
N PHE C 127 -24.25 -21.72 -34.21
CA PHE C 127 -25.36 -22.25 -33.44
C PHE C 127 -26.68 -21.59 -33.81
N LEU C 128 -26.76 -21.04 -35.01
CA LEU C 128 -27.91 -20.23 -35.38
C LEU C 128 -29.07 -21.12 -35.79
N ASP C 129 -28.79 -22.13 -36.58
CA ASP C 129 -29.82 -22.97 -37.20
C ASP C 129 -30.14 -24.19 -36.35
N LYS C 130 -29.20 -24.56 -35.48
CA LYS C 130 -29.34 -25.74 -34.63
C LYS C 130 -29.76 -25.35 -33.21
N HIS C 131 -30.44 -26.27 -32.53
CA HIS C 131 -30.60 -26.19 -31.07
C HIS C 131 -29.33 -26.69 -30.37
N VAL C 132 -29.29 -26.54 -29.06
CA VAL C 132 -28.25 -27.18 -28.25
C VAL C 132 -28.70 -28.61 -27.92
N THR C 133 -27.75 -29.54 -27.96
CA THR C 133 -28.06 -30.95 -27.78
C THR C 133 -27.29 -31.54 -26.60
N SER C 134 -26.01 -31.83 -26.81
CA SER C 134 -25.21 -32.48 -25.78
C SER C 134 -24.79 -31.48 -24.70
N GLU C 135 -24.60 -31.99 -23.49
CA GLU C 135 -24.00 -31.21 -22.42
C GLU C 135 -22.67 -30.63 -22.89
N GLN C 136 -21.95 -31.41 -23.68
CA GLN C 136 -20.74 -30.93 -24.34
C GLN C 136 -21.05 -29.75 -25.28
N GLU C 137 -22.09 -29.89 -26.10
CA GLU C 137 -22.49 -28.80 -26.99
C GLU C 137 -22.82 -27.57 -26.16
N TRP C 138 -23.53 -27.80 -25.06
CA TRP C 138 -23.87 -26.72 -24.13
C TRP C 138 -22.63 -25.95 -23.69
N ASP C 139 -21.54 -26.69 -23.47
CA ASP C 139 -20.27 -26.08 -23.08
C ASP C 139 -19.76 -25.20 -24.19
N LYS C 140 -19.93 -25.65 -25.44
CA LYS C 140 -19.40 -24.92 -26.58
C LYS C 140 -20.11 -23.57 -26.72
N TYR C 141 -21.41 -23.61 -26.99
CA TYR C 141 -22.19 -22.39 -27.05
C TYR C 141 -21.72 -21.43 -25.97
N CYS C 142 -21.72 -21.90 -24.73
CA CYS C 142 -21.38 -21.07 -23.58
C CYS C 142 -19.98 -20.50 -23.70
N HIS C 143 -19.05 -21.29 -24.20
CA HIS C 143 -17.70 -20.82 -24.41
C HIS C 143 -17.66 -19.71 -25.46
N TYR C 144 -18.62 -19.72 -26.37
CA TYR C 144 -18.65 -18.76 -27.47
C TYR C 144 -19.25 -17.43 -27.02
N VAL C 145 -20.23 -17.48 -26.12
CA VAL C 145 -20.90 -16.26 -25.67
C VAL C 145 -20.32 -15.78 -24.35
N ALA C 146 -20.44 -16.60 -23.30
CA ALA C 146 -20.03 -16.21 -21.95
C ALA C 146 -18.55 -16.48 -21.70
N GLY C 147 -18.10 -17.69 -22.00
CA GLY C 147 -16.72 -18.09 -21.72
C GLY C 147 -15.67 -17.17 -22.32
N LEU C 148 -15.76 -16.93 -23.63
CA LEU C 148 -14.73 -16.16 -24.32
C LEU C 148 -14.65 -14.75 -23.74
N VAL C 149 -15.78 -14.24 -23.23
CA VAL C 149 -15.79 -13.00 -22.48
C VAL C 149 -14.79 -13.06 -21.32
N GLY C 150 -14.90 -14.12 -20.52
CA GLY C 150 -14.02 -14.30 -19.37
C GLY C 150 -12.57 -14.38 -19.76
N ILE C 151 -12.30 -15.04 -20.88
CA ILE C 151 -10.94 -15.12 -21.41
C ILE C 151 -10.49 -13.73 -21.83
N GLY C 152 -11.40 -12.97 -22.44
CA GLY C 152 -11.09 -11.63 -22.91
C GLY C 152 -10.79 -10.70 -21.76
N LEU C 153 -11.79 -10.51 -20.90
CA LEU C 153 -11.60 -9.72 -19.69
C LEU C 153 -10.24 -10.03 -19.04
N SER C 154 -9.87 -11.29 -19.04
CA SER C 154 -8.65 -11.74 -18.39
C SER C 154 -7.41 -11.28 -19.14
N ARG C 155 -7.42 -11.42 -20.45
CA ARG C 155 -6.28 -10.97 -21.24
C ARG C 155 -6.16 -9.45 -21.12
N LEU C 156 -7.26 -8.81 -20.72
CA LEU C 156 -7.31 -7.35 -20.56
C LEU C 156 -6.74 -6.93 -19.20
N PHE C 157 -7.13 -7.60 -18.12
CA PHE C 157 -6.61 -7.31 -16.78
C PHE C 157 -5.09 -7.46 -16.76
N SER C 158 -4.60 -8.50 -17.42
CA SER C 158 -3.18 -8.80 -17.42
C SER C 158 -2.45 -7.85 -18.39
N ALA C 159 -3.15 -7.43 -19.43
CA ALA C 159 -2.60 -6.49 -20.38
C ALA C 159 -2.41 -5.13 -19.71
N SER C 160 -3.30 -4.78 -18.80
CA SER C 160 -3.19 -3.50 -18.10
C SER C 160 -2.10 -3.52 -17.05
N GLU C 161 -1.62 -4.71 -16.70
CA GLU C 161 -0.63 -4.89 -15.65
C GLU C 161 -1.19 -4.59 -14.26
N PHE C 162 -2.51 -4.49 -14.17
CA PHE C 162 -3.18 -4.46 -12.88
C PHE C 162 -3.24 -5.85 -12.26
N GLU C 163 -3.29 -6.86 -13.11
CA GLU C 163 -3.23 -8.24 -12.67
C GLU C 163 -1.96 -8.93 -13.18
N ASP C 164 -1.73 -10.13 -12.68
CA ASP C 164 -0.57 -10.94 -13.05
C ASP C 164 -0.75 -11.53 -14.45
N PRO C 165 0.36 -11.73 -15.18
CA PRO C 165 0.36 -12.52 -16.40
C PRO C 165 -0.56 -13.74 -16.33
N LEU C 166 -0.39 -14.57 -15.30
CA LEU C 166 -1.10 -15.84 -15.20
C LEU C 166 -2.59 -15.68 -15.50
N VAL C 167 -3.20 -14.67 -14.88
CA VAL C 167 -4.65 -14.46 -14.97
C VAL C 167 -5.14 -14.56 -16.42
N GLY C 168 -4.45 -13.87 -17.33
CA GLY C 168 -4.74 -13.96 -18.75
C GLY C 168 -4.33 -15.29 -19.36
N GLU C 169 -3.13 -15.75 -19.01
CA GLU C 169 -2.54 -16.91 -19.65
C GLU C 169 -3.35 -18.17 -19.39
N ASP C 170 -4.02 -18.21 -18.25
CA ASP C 170 -4.78 -19.40 -17.86
C ASP C 170 -6.23 -19.26 -18.27
N THR C 171 -6.60 -19.92 -19.36
CA THR C 171 -7.82 -19.59 -20.09
C THR C 171 -8.98 -20.48 -19.66
N GLU C 172 -8.68 -21.73 -19.34
CA GLU C 172 -9.69 -22.68 -18.86
C GLU C 172 -10.39 -22.14 -17.62
N ARG C 173 -9.61 -21.48 -16.76
CA ARG C 173 -10.14 -20.92 -15.53
C ARG C 173 -10.98 -19.66 -15.81
N ALA C 174 -10.45 -18.75 -16.61
CA ALA C 174 -11.24 -17.63 -17.12
C ALA C 174 -12.50 -18.10 -17.84
N ASN C 175 -12.37 -19.18 -18.61
CA ASN C 175 -13.52 -19.75 -19.29
C ASN C 175 -14.61 -20.15 -18.31
N SER C 176 -14.19 -20.76 -17.19
CA SER C 176 -15.14 -21.22 -16.18
C SER C 176 -15.96 -20.06 -15.61
N MET C 177 -15.27 -18.97 -15.30
CA MET C 177 -15.95 -17.75 -14.93
C MET C 177 -17.07 -17.49 -15.92
N GLY C 178 -16.78 -17.66 -17.20
CA GLY C 178 -17.77 -17.39 -18.22
C GLY C 178 -18.92 -18.37 -18.15
N LEU C 179 -18.59 -19.65 -18.20
CA LEU C 179 -19.61 -20.69 -18.32
C LEU C 179 -20.55 -20.62 -17.12
N PHE C 180 -20.01 -20.62 -15.91
CA PHE C 180 -20.84 -20.53 -14.72
C PHE C 180 -21.89 -19.42 -14.83
N LEU C 181 -21.42 -18.19 -15.02
CA LEU C 181 -22.31 -17.05 -15.24
C LEU C 181 -23.39 -17.33 -16.29
N GLN C 182 -22.99 -17.94 -17.40
CA GLN C 182 -23.89 -18.10 -18.54
C GLN C 182 -24.94 -19.18 -18.28
N LYS C 183 -24.49 -20.30 -17.73
CA LYS C 183 -25.39 -21.40 -17.40
C LYS C 183 -26.45 -20.97 -16.39
N THR C 184 -26.06 -20.13 -15.43
CA THR C 184 -27.01 -19.64 -14.45
C THR C 184 -27.96 -18.62 -15.09
N ASN C 185 -27.46 -17.84 -16.04
CA ASN C 185 -28.33 -16.99 -16.85
C ASN C 185 -29.40 -17.84 -17.56
N ILE C 186 -28.96 -18.91 -18.20
CA ILE C 186 -29.86 -19.77 -18.98
C ILE C 186 -30.94 -20.38 -18.11
N ILE C 187 -30.53 -21.00 -17.02
CA ILE C 187 -31.46 -21.77 -16.18
C ILE C 187 -32.57 -20.85 -15.65
N ARG C 188 -32.19 -19.74 -15.02
CA ARG C 188 -33.16 -18.77 -14.51
C ARG C 188 -34.10 -18.30 -15.62
N ASP C 189 -33.55 -18.12 -16.82
CA ASP C 189 -34.28 -17.47 -17.91
C ASP C 189 -35.15 -18.45 -18.70
N TYR C 190 -35.41 -19.63 -18.13
CA TYR C 190 -36.10 -20.68 -18.86
C TYR C 190 -37.36 -20.15 -19.56
N LEU C 191 -38.31 -19.67 -18.77
CA LEU C 191 -39.65 -19.38 -19.30
C LEU C 191 -39.66 -18.11 -20.14
N GLU C 192 -38.96 -17.07 -19.66
CA GLU C 192 -38.81 -15.85 -20.45
C GLU C 192 -38.33 -16.19 -21.86
N ASP C 193 -37.40 -17.13 -21.96
CA ASP C 193 -36.88 -17.57 -23.25
C ASP C 193 -37.91 -18.37 -24.06
N GLN C 194 -38.63 -19.28 -23.42
CA GLN C 194 -39.49 -20.24 -24.13
C GLN C 194 -40.78 -19.59 -24.64
N GLN C 195 -41.17 -18.47 -24.03
CA GLN C 195 -42.18 -17.60 -24.62
C GLN C 195 -41.56 -16.76 -25.74
N GLY C 196 -40.38 -16.21 -25.49
CA GLY C 196 -39.62 -15.51 -26.52
C GLY C 196 -39.29 -16.38 -27.72
N GLY C 197 -39.31 -17.70 -27.52
CA GLY C 197 -39.12 -18.65 -28.61
C GLY C 197 -37.70 -19.16 -28.71
N ARG C 198 -36.96 -19.10 -27.61
CA ARG C 198 -35.57 -19.57 -27.57
C ARG C 198 -35.46 -20.83 -26.72
N GLU C 199 -34.85 -21.87 -27.30
CA GLU C 199 -34.58 -23.11 -26.57
C GLU C 199 -33.08 -23.23 -26.33
N PHE C 200 -32.66 -22.95 -25.10
CA PHE C 200 -31.25 -22.89 -24.77
C PHE C 200 -30.81 -23.94 -23.76
N TRP C 201 -31.71 -24.86 -23.43
CA TRP C 201 -31.37 -26.04 -22.64
C TRP C 201 -31.00 -27.20 -23.56
N PRO C 202 -30.05 -28.05 -23.13
CA PRO C 202 -29.52 -29.14 -23.95
C PRO C 202 -30.45 -30.36 -24.04
N GLN C 203 -30.69 -30.83 -25.25
CA GLN C 203 -31.73 -31.82 -25.52
C GLN C 203 -31.48 -33.12 -24.77
N GLU C 204 -30.23 -33.58 -24.78
CA GLU C 204 -29.90 -34.87 -24.20
C GLU C 204 -30.32 -34.93 -22.74
N VAL C 205 -30.51 -33.76 -22.14
CA VAL C 205 -30.91 -33.67 -20.75
C VAL C 205 -32.44 -33.62 -20.61
N TRP C 206 -33.08 -32.63 -21.22
CA TRP C 206 -34.54 -32.47 -21.10
C TRP C 206 -35.33 -33.49 -21.93
N SER C 207 -34.73 -33.96 -23.02
CA SER C 207 -35.35 -34.99 -23.85
C SER C 207 -35.47 -36.29 -23.08
N ARG C 208 -34.75 -36.37 -21.97
CA ARG C 208 -34.78 -37.56 -21.12
C ARG C 208 -35.98 -37.50 -20.17
N TYR C 209 -36.40 -36.29 -19.80
CA TYR C 209 -37.53 -36.10 -18.91
C TYR C 209 -38.84 -35.98 -19.70
N VAL C 210 -38.80 -35.20 -20.77
CA VAL C 210 -39.99 -34.90 -21.57
C VAL C 210 -39.61 -34.71 -23.03
N LYS C 211 -40.54 -35.04 -23.94
CA LYS C 211 -40.20 -35.25 -25.35
C LYS C 211 -40.30 -33.98 -26.23
N LYS C 212 -40.63 -32.86 -25.60
CA LYS C 212 -40.44 -31.54 -26.22
C LYS C 212 -40.33 -30.46 -25.13
N LEU C 213 -39.36 -29.56 -25.26
CA LEU C 213 -38.90 -28.73 -24.14
C LEU C 213 -40.02 -27.89 -23.53
N GLY C 214 -40.93 -27.42 -24.38
CA GLY C 214 -42.07 -26.63 -23.92
C GLY C 214 -42.77 -27.27 -22.73
N ASP C 215 -43.07 -28.56 -22.85
CA ASP C 215 -43.87 -29.28 -21.87
C ASP C 215 -43.56 -28.89 -20.41
N PHE C 216 -42.28 -28.67 -20.12
CA PHE C 216 -41.88 -28.24 -18.77
C PHE C 216 -42.78 -27.11 -18.29
N ALA C 217 -43.19 -26.25 -19.21
CA ALA C 217 -43.98 -25.07 -18.85
C ALA C 217 -45.28 -25.48 -18.16
N LYS C 218 -46.01 -26.40 -18.77
CA LYS C 218 -47.39 -26.68 -18.37
C LYS C 218 -47.48 -27.46 -17.07
N PRO C 219 -48.47 -27.13 -16.22
CA PRO C 219 -48.48 -27.47 -14.79
C PRO C 219 -48.24 -28.95 -14.49
N GLU C 220 -48.83 -29.83 -15.31
CA GLU C 220 -48.86 -31.25 -15.02
C GLU C 220 -47.45 -31.83 -14.93
N ASN C 221 -46.59 -31.42 -15.87
CA ASN C 221 -45.21 -31.87 -15.88
C ASN C 221 -44.31 -30.90 -15.11
N ILE C 222 -44.78 -30.50 -13.93
CA ILE C 222 -44.03 -29.60 -13.05
C ILE C 222 -43.25 -30.41 -12.01
N ASP C 223 -43.83 -31.54 -11.61
CA ASP C 223 -43.10 -32.55 -10.86
C ASP C 223 -41.82 -32.93 -11.62
N LEU C 224 -41.94 -33.09 -12.94
CA LEU C 224 -40.83 -33.52 -13.77
C LEU C 224 -39.85 -32.38 -14.06
N ALA C 225 -40.34 -31.14 -13.96
CA ALA C 225 -39.60 -29.98 -14.46
C ALA C 225 -38.57 -29.46 -13.46
N VAL C 226 -38.82 -29.71 -12.18
CA VAL C 226 -37.85 -29.38 -11.13
C VAL C 226 -36.67 -30.35 -11.13
N GLN C 227 -36.88 -31.55 -11.66
CA GLN C 227 -35.82 -32.57 -11.71
C GLN C 227 -34.73 -32.16 -12.70
N CYS C 228 -35.14 -31.79 -13.90
CA CYS C 228 -34.20 -31.30 -14.91
C CYS C 228 -33.55 -29.99 -14.47
N LEU C 229 -34.36 -29.05 -14.01
CA LEU C 229 -33.84 -27.86 -13.34
C LEU C 229 -32.69 -28.24 -12.41
N ASN C 230 -32.91 -29.25 -11.59
CA ASN C 230 -31.92 -29.70 -10.62
C ASN C 230 -30.67 -30.27 -11.28
N GLU C 231 -30.87 -31.03 -12.36
CA GLU C 231 -29.76 -31.65 -13.08
C GLU C 231 -28.84 -30.61 -13.72
N LEU C 232 -29.40 -29.75 -14.55
CA LEU C 232 -28.63 -28.67 -15.14
C LEU C 232 -27.90 -27.89 -14.05
N ILE C 233 -28.65 -27.38 -13.07
CA ILE C 233 -28.03 -26.62 -11.99
C ILE C 233 -26.77 -27.34 -11.57
N THR C 234 -26.89 -28.64 -11.31
CA THR C 234 -25.74 -29.41 -10.86
C THR C 234 -24.61 -29.29 -11.86
N ASN C 235 -24.91 -29.45 -13.15
CA ASN C 235 -23.88 -29.39 -14.17
C ASN C 235 -23.12 -28.08 -14.09
N ALA C 236 -23.80 -27.03 -13.64
CA ALA C 236 -23.22 -25.68 -13.57
C ALA C 236 -22.45 -25.46 -12.27
N LEU C 237 -22.86 -26.14 -11.20
CA LEU C 237 -22.13 -26.06 -9.95
C LEU C 237 -20.68 -26.44 -10.15
N HIS C 238 -20.44 -27.39 -11.06
CA HIS C 238 -19.11 -27.96 -11.25
C HIS C 238 -18.05 -26.89 -11.52
N HIS C 239 -18.48 -25.72 -11.97
CA HIS C 239 -17.56 -24.66 -12.30
C HIS C 239 -16.99 -23.92 -11.08
N ILE C 240 -17.66 -24.05 -9.93
CA ILE C 240 -17.36 -23.17 -8.80
C ILE C 240 -15.87 -23.24 -8.42
N PRO C 241 -15.36 -24.45 -8.18
CA PRO C 241 -13.98 -24.52 -7.72
C PRO C 241 -13.01 -23.85 -8.68
N ASP C 242 -13.39 -23.74 -9.96
CA ASP C 242 -12.62 -22.96 -10.92
C ASP C 242 -12.85 -21.46 -10.73
N VAL C 243 -14.11 -21.09 -10.52
CA VAL C 243 -14.44 -19.72 -10.15
C VAL C 243 -13.64 -19.26 -8.93
N ILE C 244 -13.44 -20.16 -7.96
CA ILE C 244 -12.77 -19.80 -6.72
C ILE C 244 -11.26 -19.67 -6.95
N THR C 245 -10.67 -20.61 -7.67
CA THR C 245 -9.25 -20.52 -8.01
C THR C 245 -8.93 -19.22 -8.73
N TYR C 246 -9.80 -18.84 -9.67
CA TYR C 246 -9.65 -17.56 -10.37
C TYR C 246 -9.64 -16.37 -9.40
N LEU C 247 -10.72 -16.20 -8.64
CA LEU C 247 -10.87 -15.03 -7.77
C LEU C 247 -9.68 -14.89 -6.80
N SER C 248 -9.14 -16.02 -6.38
CA SER C 248 -8.09 -16.03 -5.36
C SER C 248 -6.75 -15.64 -5.94
N ARG C 249 -6.72 -15.35 -7.24
CA ARG C 249 -5.51 -14.90 -7.91
C ARG C 249 -5.49 -13.39 -8.09
N LEU C 250 -6.66 -12.77 -7.95
CA LEU C 250 -6.82 -11.35 -8.21
C LEU C 250 -6.16 -10.55 -7.11
N ARG C 251 -5.55 -9.43 -7.48
CA ARG C 251 -4.85 -8.59 -6.52
C ARG C 251 -5.37 -7.15 -6.53
N ASN C 252 -5.95 -6.72 -7.64
CA ASN C 252 -6.56 -5.40 -7.70
C ASN C 252 -7.94 -5.49 -7.12
N GLN C 253 -8.26 -4.59 -6.19
CA GLN C 253 -9.55 -4.61 -5.54
C GLN C 253 -10.68 -4.32 -6.56
N SER C 254 -10.45 -3.31 -7.41
CA SER C 254 -11.45 -2.92 -8.39
C SER C 254 -11.79 -4.07 -9.35
N VAL C 255 -10.78 -4.85 -9.74
CA VAL C 255 -11.04 -6.07 -10.50
C VAL C 255 -11.74 -7.13 -9.65
N PHE C 256 -11.29 -7.31 -8.41
CA PHE C 256 -11.85 -8.34 -7.55
C PHE C 256 -13.33 -8.07 -7.29
N ASN C 257 -13.65 -6.81 -7.00
CA ASN C 257 -15.05 -6.39 -6.91
C ASN C 257 -15.81 -6.83 -8.17
N PHE C 258 -15.19 -6.64 -9.32
CA PHE C 258 -15.88 -6.72 -10.59
C PHE C 258 -16.05 -8.17 -11.00
N CYS C 259 -15.10 -9.03 -10.62
CA CYS C 259 -15.19 -10.45 -10.92
C CYS C 259 -16.02 -11.21 -9.89
N ALA C 260 -15.95 -10.82 -8.62
CA ALA C 260 -16.57 -11.60 -7.55
C ALA C 260 -18.07 -11.33 -7.47
N ILE C 261 -18.43 -10.06 -7.38
CA ILE C 261 -19.82 -9.66 -7.15
C ILE C 261 -20.75 -10.45 -8.06
N PRO C 262 -20.41 -10.53 -9.35
CA PRO C 262 -21.36 -11.20 -10.24
C PRO C 262 -21.48 -12.69 -9.96
N GLN C 263 -20.35 -13.36 -9.72
CA GLN C 263 -20.35 -14.80 -9.42
C GLN C 263 -21.20 -15.09 -8.18
N VAL C 264 -20.91 -14.38 -7.10
CA VAL C 264 -21.70 -14.48 -5.88
C VAL C 264 -23.20 -14.41 -6.20
N MET C 265 -23.58 -13.50 -7.08
CA MET C 265 -24.97 -13.38 -7.50
C MET C 265 -25.38 -14.63 -8.28
N ALA C 266 -24.51 -15.04 -9.19
CA ALA C 266 -24.70 -16.28 -9.92
C ALA C 266 -25.10 -17.40 -8.96
N ILE C 267 -24.36 -17.51 -7.86
CA ILE C 267 -24.56 -18.62 -6.93
C ILE C 267 -25.84 -18.41 -6.11
N ALA C 268 -26.12 -17.15 -5.79
CA ALA C 268 -27.38 -16.79 -5.16
C ALA C 268 -28.55 -17.32 -5.97
N THR C 269 -28.48 -17.10 -7.29
CA THR C 269 -29.59 -17.41 -8.18
C THR C 269 -29.82 -18.92 -8.23
N LEU C 270 -28.73 -19.67 -8.33
CA LEU C 270 -28.81 -21.12 -8.33
C LEU C 270 -29.49 -21.63 -7.06
N ALA C 271 -29.15 -21.03 -5.92
CA ALA C 271 -29.73 -21.44 -4.65
C ALA C 271 -31.20 -21.05 -4.60
N ALA C 272 -31.52 -19.88 -5.16
CA ALA C 272 -32.91 -19.43 -5.24
C ALA C 272 -33.67 -20.19 -6.30
N CYS C 273 -33.10 -21.30 -6.78
CA CYS C 273 -33.65 -22.03 -7.91
C CYS C 273 -33.66 -23.54 -7.70
N TYR C 274 -32.82 -24.05 -6.82
CA TYR C 274 -32.79 -25.48 -6.57
C TYR C 274 -34.08 -25.93 -5.89
N ASN C 275 -34.84 -26.77 -6.59
CA ASN C 275 -36.05 -27.35 -6.04
C ASN C 275 -37.24 -26.40 -6.14
N ASN C 276 -37.08 -25.34 -6.93
CA ASN C 276 -38.09 -24.29 -7.02
C ASN C 276 -39.07 -24.55 -8.15
N GLN C 277 -40.35 -24.68 -7.81
CA GLN C 277 -41.40 -24.83 -8.83
C GLN C 277 -41.58 -23.53 -9.61
N GLN C 278 -41.04 -22.43 -9.09
CA GLN C 278 -41.41 -21.10 -9.57
C GLN C 278 -40.57 -20.64 -10.75
N VAL C 279 -39.48 -21.36 -11.03
CA VAL C 279 -38.62 -21.01 -12.17
C VAL C 279 -39.36 -21.23 -13.48
N PHE C 280 -40.63 -21.62 -13.37
CA PHE C 280 -41.49 -21.87 -14.53
C PHE C 280 -42.75 -20.99 -14.53
N LYS C 281 -42.91 -20.15 -13.51
CA LYS C 281 -43.94 -19.11 -13.53
C LYS C 281 -43.34 -17.74 -13.16
N GLY C 282 -42.94 -16.99 -14.19
CA GLY C 282 -42.24 -15.73 -13.99
C GLY C 282 -40.77 -15.90 -13.63
N ALA C 283 -40.03 -14.80 -13.62
CA ALA C 283 -38.67 -14.80 -13.08
C ALA C 283 -38.69 -14.95 -11.55
N VAL C 284 -37.56 -15.36 -10.99
CA VAL C 284 -37.51 -15.77 -9.59
C VAL C 284 -36.76 -14.73 -8.75
N LYS C 285 -37.09 -14.68 -7.46
CA LYS C 285 -36.58 -13.63 -6.58
C LYS C 285 -35.17 -13.96 -6.08
N ILE C 286 -34.32 -12.94 -6.00
CA ILE C 286 -32.95 -13.10 -5.53
C ILE C 286 -32.61 -12.05 -4.49
N ASP C 297 -21.00 -7.33 2.28
CA ASP C 297 -19.79 -8.14 2.19
C ASP C 297 -19.38 -8.32 0.73
N ALA C 298 -18.50 -9.29 0.49
CA ALA C 298 -18.23 -9.80 -0.88
C ALA C 298 -17.08 -9.08 -1.56
N THR C 299 -16.20 -8.46 -0.77
CA THR C 299 -15.09 -7.68 -1.30
C THR C 299 -13.75 -8.21 -0.83
N ASN C 300 -13.70 -9.49 -0.48
CA ASN C 300 -12.44 -10.13 -0.16
C ASN C 300 -12.58 -11.64 -0.19
N MET C 301 -11.47 -12.32 -0.43
CA MET C 301 -11.52 -13.71 -0.88
C MET C 301 -12.24 -14.61 0.12
N PRO C 302 -11.86 -14.55 1.40
CA PRO C 302 -12.51 -15.41 2.37
C PRO C 302 -13.94 -14.98 2.69
N ALA C 303 -14.21 -13.69 2.62
CA ALA C 303 -15.59 -13.21 2.75
C ALA C 303 -16.45 -13.79 1.65
N VAL C 304 -15.93 -13.78 0.43
CA VAL C 304 -16.62 -14.33 -0.72
C VAL C 304 -16.70 -15.83 -0.62
N LYS C 305 -15.70 -16.46 -0.01
CA LYS C 305 -15.67 -17.91 0.11
C LYS C 305 -16.72 -18.39 1.09
N ALA C 306 -16.83 -17.68 2.21
CA ALA C 306 -17.88 -17.93 3.19
C ALA C 306 -19.25 -17.78 2.54
N ILE C 307 -19.46 -16.66 1.86
CA ILE C 307 -20.69 -16.44 1.12
C ILE C 307 -21.00 -17.64 0.24
N ILE C 308 -19.99 -18.12 -0.49
CA ILE C 308 -20.19 -19.23 -1.41
C ILE C 308 -20.64 -20.45 -0.62
N TYR C 309 -19.91 -20.77 0.43
CA TYR C 309 -20.12 -22.00 1.17
C TYR C 309 -21.44 -22.02 1.91
N GLN C 310 -22.09 -20.86 2.07
CA GLN C 310 -23.41 -20.82 2.68
C GLN C 310 -24.46 -21.25 1.66
N TYR C 311 -24.58 -20.48 0.58
CA TYR C 311 -25.47 -20.85 -0.52
C TYR C 311 -25.35 -22.33 -0.83
N MET C 312 -24.13 -22.87 -0.76
CA MET C 312 -23.91 -24.28 -0.99
C MET C 312 -24.72 -25.08 0.00
N GLU C 313 -24.48 -24.87 1.28
CA GLU C 313 -25.19 -25.61 2.32
C GLU C 313 -26.70 -25.37 2.21
N GLU C 314 -27.08 -24.19 1.72
CA GLU C 314 -28.49 -23.89 1.50
C GLU C 314 -29.10 -24.90 0.55
N ILE C 315 -28.36 -25.24 -0.50
CA ILE C 315 -28.82 -26.20 -1.50
C ILE C 315 -28.78 -27.62 -0.94
N TYR C 316 -27.68 -27.94 -0.25
CA TYR C 316 -27.47 -29.29 0.25
C TYR C 316 -28.68 -29.79 1.05
N HIS C 317 -29.22 -28.95 1.92
CA HIS C 317 -30.29 -29.39 2.82
C HIS C 317 -31.59 -29.60 2.07
N ARG C 318 -31.73 -28.95 0.91
CA ARG C 318 -32.93 -29.08 0.10
C ARG C 318 -32.94 -30.31 -0.80
N ILE C 319 -31.78 -30.96 -0.98
CA ILE C 319 -31.68 -32.12 -1.87
C ILE C 319 -32.59 -33.24 -1.38
N PRO C 320 -33.49 -33.72 -2.26
CA PRO C 320 -34.43 -34.79 -1.93
C PRO C 320 -34.08 -36.11 -2.60
N ASP C 321 -33.77 -37.13 -1.78
CA ASP C 321 -33.38 -38.43 -2.31
C ASP C 321 -34.22 -38.80 -3.54
N SER C 322 -35.53 -38.57 -3.44
CA SER C 322 -36.45 -38.79 -4.56
C SER C 322 -36.13 -37.88 -5.74
N ASP C 323 -34.85 -37.54 -5.89
CA ASP C 323 -34.40 -36.76 -7.03
C ASP C 323 -33.29 -37.50 -7.78
N PRO C 324 -33.39 -37.53 -9.13
CA PRO C 324 -32.54 -38.36 -9.98
C PRO C 324 -31.04 -38.06 -9.83
N SER C 325 -30.72 -36.83 -9.47
CA SER C 325 -29.32 -36.39 -9.42
C SER C 325 -28.81 -36.34 -7.98
N SER C 326 -29.70 -36.61 -7.02
CA SER C 326 -29.39 -36.37 -5.60
C SER C 326 -27.94 -36.67 -5.30
N SER C 327 -27.54 -37.91 -5.57
CA SER C 327 -26.22 -38.40 -5.21
C SER C 327 -25.13 -37.52 -5.80
N LYS C 328 -25.31 -37.13 -7.06
CA LYS C 328 -24.26 -36.40 -7.76
C LYS C 328 -24.47 -34.88 -7.68
N THR C 329 -25.38 -34.44 -6.83
CA THR C 329 -25.41 -33.04 -6.41
C THR C 329 -24.65 -32.87 -5.10
N ARG C 330 -24.43 -33.96 -4.40
CA ARG C 330 -23.78 -33.93 -3.07
C ARG C 330 -22.29 -34.21 -3.18
N GLN C 331 -21.90 -34.99 -4.19
CA GLN C 331 -20.49 -35.17 -4.56
C GLN C 331 -19.82 -33.84 -4.90
N ILE C 332 -20.46 -33.06 -5.78
CA ILE C 332 -19.93 -31.75 -6.18
C ILE C 332 -19.95 -30.75 -5.02
N ILE C 333 -21.04 -30.72 -4.26
CA ILE C 333 -21.15 -29.79 -3.14
C ILE C 333 -20.16 -30.16 -2.03
N SER C 334 -19.53 -31.32 -2.16
CA SER C 334 -18.51 -31.75 -1.21
C SER C 334 -17.12 -31.40 -1.72
N THR C 335 -16.81 -31.78 -2.96
CA THR C 335 -15.52 -31.45 -3.53
C THR C 335 -15.31 -29.93 -3.56
N ILE C 336 -16.40 -29.17 -3.53
CA ILE C 336 -16.34 -27.72 -3.29
C ILE C 336 -15.96 -27.42 -1.85
N ARG C 337 -16.43 -28.27 -0.94
CA ARG C 337 -16.32 -28.04 0.50
C ARG C 337 -14.94 -28.33 1.04
N THR C 338 -14.27 -29.31 0.43
CA THR C 338 -13.03 -29.83 0.99
C THR C 338 -11.82 -29.37 0.18
N GLN C 339 -12.03 -28.37 -0.67
CA GLN C 339 -11.00 -27.99 -1.63
C GLN C 339 -10.26 -26.74 -1.17
N ASN C 340 -10.36 -25.66 -1.95
CA ASN C 340 -9.32 -24.64 -2.00
C ASN C 340 -8.81 -24.29 -0.61
N SER D 7 1.60 -1.83 -35.58
CA SER D 7 2.26 -1.50 -34.27
C SER D 7 3.64 -0.91 -34.49
N SER D 8 4.28 -1.30 -35.60
CA SER D 8 5.69 -1.00 -35.84
C SER D 8 5.98 0.50 -35.75
N SER D 9 4.95 1.32 -35.95
CA SER D 9 5.07 2.76 -35.73
C SER D 9 5.61 3.06 -34.33
N LEU D 10 5.08 2.38 -33.32
CA LEU D 10 5.55 2.56 -31.95
C LEU D 10 7.05 2.22 -31.85
N LYS D 11 7.39 0.98 -32.20
CA LYS D 11 8.79 0.56 -32.29
C LYS D 11 9.68 1.65 -32.91
N THR D 12 9.22 2.22 -34.01
CA THR D 12 9.98 3.26 -34.70
C THR D 12 10.17 4.50 -33.81
N CYS D 13 9.08 4.96 -33.18
CA CYS D 13 9.13 6.11 -32.28
C CYS D 13 10.23 5.95 -31.24
N TYR D 14 10.41 4.74 -30.74
CA TYR D 14 11.32 4.53 -29.62
C TYR D 14 12.76 4.50 -30.08
N LYS D 15 13.00 4.00 -31.29
CA LYS D 15 14.29 4.19 -31.94
C LYS D 15 14.64 5.68 -31.94
N TYR D 16 13.79 6.48 -32.56
CA TYR D 16 14.05 7.91 -32.67
C TYR D 16 14.30 8.52 -31.28
N LEU D 17 13.71 7.94 -30.24
CA LEU D 17 13.86 8.45 -28.88
C LEU D 17 15.31 8.28 -28.42
N ASN D 18 15.84 7.08 -28.63
CA ASN D 18 17.21 6.79 -28.22
C ASN D 18 18.24 7.45 -29.14
N GLN D 19 17.85 7.72 -30.38
CA GLN D 19 18.75 8.34 -31.37
C GLN D 19 18.89 9.84 -31.13
N THR D 20 17.94 10.41 -30.38
CA THR D 20 17.90 11.86 -30.17
C THR D 20 18.23 12.24 -28.73
N SER D 21 17.98 11.33 -27.80
CA SER D 21 18.02 11.67 -26.37
C SER D 21 19.40 11.47 -25.77
N ARG D 22 20.05 12.58 -25.43
CA ARG D 22 21.04 12.60 -24.37
C ARG D 22 20.62 11.70 -23.20
N SER D 23 19.75 12.20 -22.32
CA SER D 23 19.79 11.81 -20.90
C SER D 23 18.44 11.35 -20.33
N PHE D 24 17.40 11.31 -21.17
CA PHE D 24 16.06 10.97 -20.69
C PHE D 24 15.55 9.67 -21.31
N ALA D 25 16.35 9.06 -22.20
CA ALA D 25 15.92 7.87 -22.92
C ALA D 25 15.55 6.75 -21.95
N ALA D 26 16.54 6.21 -21.24
CA ALA D 26 16.31 5.10 -20.32
C ALA D 26 15.21 5.44 -19.33
N VAL D 27 15.36 6.57 -18.65
CA VAL D 27 14.47 6.95 -17.57
C VAL D 27 13.02 7.08 -18.03
N ILE D 28 12.81 7.57 -19.25
CA ILE D 28 11.47 7.61 -19.86
C ILE D 28 10.88 6.22 -20.03
N GLN D 29 11.65 5.31 -20.62
CA GLN D 29 11.17 3.98 -20.95
C GLN D 29 10.94 3.16 -19.68
N ALA D 30 11.28 3.76 -18.54
CA ALA D 30 11.10 3.11 -17.24
C ALA D 30 9.80 3.54 -16.58
N LEU D 31 9.21 4.62 -17.11
CA LEU D 31 7.95 5.13 -16.59
C LEU D 31 6.90 4.03 -16.71
N ASP D 32 5.95 4.00 -15.76
CA ASP D 32 4.94 2.95 -15.70
C ASP D 32 3.78 3.25 -16.63
N GLY D 33 3.50 2.34 -17.54
CA GLY D 33 2.23 2.32 -18.25
C GLY D 33 1.96 3.56 -19.12
N GLU D 34 0.78 4.14 -18.93
CA GLU D 34 0.34 5.24 -19.77
C GLU D 34 1.50 6.17 -20.05
N MET D 35 2.20 6.59 -19.00
CA MET D 35 3.13 7.72 -19.06
C MET D 35 4.26 7.47 -20.06
N ARG D 36 4.63 6.21 -20.24
CA ARG D 36 5.77 5.85 -21.09
C ARG D 36 5.63 6.42 -22.48
N ASN D 37 4.58 5.98 -23.18
CA ASN D 37 4.32 6.44 -24.54
C ASN D 37 3.89 7.91 -24.54
N ALA D 38 3.16 8.30 -23.50
CA ALA D 38 2.75 9.69 -23.34
C ALA D 38 3.97 10.61 -23.39
N VAL D 39 4.97 10.31 -22.56
CA VAL D 39 6.18 11.14 -22.46
C VAL D 39 7.15 10.88 -23.61
N CYS D 40 7.13 9.67 -24.16
CA CYS D 40 7.98 9.34 -25.29
C CYS D 40 7.61 10.14 -26.54
N ILE D 41 6.32 10.35 -26.76
CA ILE D 41 5.87 11.19 -27.87
C ILE D 41 6.16 12.65 -27.56
N PHE D 42 5.65 13.11 -26.43
CA PHE D 42 5.83 14.50 -25.99
C PHE D 42 7.27 14.94 -26.19
N TYR D 43 8.22 14.04 -25.95
CA TYR D 43 9.62 14.34 -26.16
C TYR D 43 9.90 14.54 -27.64
N LEU D 44 9.48 13.57 -28.43
CA LEU D 44 9.85 13.52 -29.85
C LEU D 44 9.20 14.69 -30.58
N VAL D 45 7.96 14.97 -30.23
CA VAL D 45 7.26 16.14 -30.73
C VAL D 45 8.06 17.40 -30.44
N LEU D 46 8.36 17.64 -29.17
CA LEU D 46 9.15 18.79 -28.77
C LEU D 46 10.51 18.79 -29.48
N ARG D 47 10.93 17.60 -29.89
CA ARG D 47 12.23 17.40 -30.52
C ARG D 47 12.19 17.83 -32.00
N ALA D 48 11.17 17.37 -32.73
CA ALA D 48 10.95 17.81 -34.10
C ALA D 48 10.81 19.33 -34.16
N LEU D 49 10.18 19.91 -33.14
CA LEU D 49 9.98 21.35 -33.05
C LEU D 49 11.34 22.01 -32.86
N ASP D 50 12.11 21.51 -31.91
CA ASP D 50 13.40 22.10 -31.59
C ASP D 50 14.35 22.05 -32.78
N THR D 51 14.18 21.04 -33.62
CA THR D 51 15.07 20.86 -34.76
C THR D 51 14.71 21.83 -35.88
N LEU D 52 13.65 22.59 -35.71
CA LEU D 52 13.37 23.75 -36.55
C LEU D 52 13.91 25.01 -35.89
N GLU D 53 13.50 25.25 -34.64
CA GLU D 53 13.99 26.38 -33.85
C GLU D 53 15.47 26.69 -34.09
N ASP D 54 16.23 25.67 -34.46
CA ASP D 54 17.69 25.77 -34.46
C ASP D 54 18.25 25.73 -35.88
N ASP D 55 17.63 24.94 -36.73
CA ASP D 55 18.03 24.86 -38.14
C ASP D 55 18.23 26.25 -38.73
N MET D 56 19.49 26.65 -38.88
CA MET D 56 19.80 28.01 -39.33
C MET D 56 19.67 28.16 -40.85
N THR D 57 19.39 27.05 -41.54
CA THR D 57 19.18 27.09 -42.99
C THR D 57 17.74 27.45 -43.36
N ILE D 58 16.99 27.99 -42.40
CA ILE D 58 15.56 28.26 -42.58
C ILE D 58 15.24 29.74 -42.27
N SER D 59 14.64 30.43 -43.25
CA SER D 59 14.37 31.86 -43.11
C SER D 59 13.24 32.09 -42.11
N VAL D 60 13.34 33.18 -41.35
CA VAL D 60 12.35 33.52 -40.35
C VAL D 60 10.95 33.55 -40.97
N GLU D 61 10.86 34.07 -42.19
CA GLU D 61 9.57 34.13 -42.87
C GLU D 61 8.98 32.73 -43.01
N LYS D 62 9.83 31.76 -43.34
CA LYS D 62 9.40 30.38 -43.43
C LYS D 62 9.19 29.80 -42.02
N LYS D 63 10.14 30.08 -41.12
CA LYS D 63 10.25 29.34 -39.86
C LYS D 63 9.20 29.73 -38.83
N VAL D 64 8.89 31.02 -38.74
CA VAL D 64 7.97 31.49 -37.70
C VAL D 64 6.63 30.78 -37.79
N PRO D 65 6.01 30.76 -38.99
CA PRO D 65 4.75 30.05 -39.14
C PRO D 65 4.82 28.58 -38.72
N LEU D 66 5.89 27.89 -39.10
CA LEU D 66 6.02 26.46 -38.82
C LEU D 66 5.97 26.17 -37.32
N LEU D 67 6.63 27.01 -36.53
CA LEU D 67 6.58 26.95 -35.08
C LEU D 67 5.17 27.27 -34.55
N HIS D 68 4.64 28.41 -35.00
CA HIS D 68 3.27 28.81 -34.66
C HIS D 68 2.27 27.70 -34.96
N ASN D 69 2.57 26.87 -35.95
CA ASN D 69 1.62 25.88 -36.45
C ASN D 69 2.15 24.47 -36.34
N PHE D 70 3.09 24.25 -35.46
CA PHE D 70 3.66 22.91 -35.30
C PHE D 70 2.66 22.01 -34.59
N HIS D 71 2.18 22.47 -33.43
CA HIS D 71 1.13 21.78 -32.68
C HIS D 71 0.00 21.30 -33.58
N SER D 72 -0.21 21.99 -34.69
CA SER D 72 -1.36 21.72 -35.55
C SER D 72 -1.10 20.61 -36.58
N PHE D 73 0.18 20.36 -36.86
CA PHE D 73 0.56 19.27 -37.75
C PHE D 73 0.40 17.92 -37.06
N LEU D 74 0.17 17.95 -35.75
CA LEU D 74 -0.12 16.74 -34.98
C LEU D 74 -1.34 16.02 -35.55
N TYR D 75 -2.34 16.78 -35.95
CA TYR D 75 -3.59 16.20 -36.42
C TYR D 75 -3.65 16.07 -37.95
N GLN D 76 -2.64 16.60 -38.64
CA GLN D 76 -2.47 16.35 -40.07
C GLN D 76 -1.76 15.02 -40.32
N PRO D 77 -2.53 13.96 -40.59
CA PRO D 77 -1.96 12.63 -40.68
C PRO D 77 -0.75 12.55 -41.61
N ASP D 78 -0.73 13.41 -42.63
CA ASP D 78 0.20 13.25 -43.74
C ASP D 78 1.35 14.26 -43.70
N TRP D 79 1.38 15.09 -42.66
CA TRP D 79 2.33 16.21 -42.65
C TRP D 79 3.76 15.74 -42.42
N ARG D 80 4.69 16.41 -43.09
CA ARG D 80 6.11 16.17 -42.89
C ARG D 80 6.93 17.37 -43.36
N PHE D 81 8.11 17.55 -42.77
CA PHE D 81 9.04 18.56 -43.23
C PHE D 81 10.27 17.88 -43.82
N MET D 82 10.61 18.25 -45.05
CA MET D 82 11.52 17.45 -45.85
C MET D 82 12.84 18.14 -46.13
N GLU D 83 12.98 19.41 -45.76
CA GLU D 83 14.12 20.20 -46.20
C GLU D 83 15.13 20.50 -45.09
N SER D 84 15.09 19.73 -44.01
CA SER D 84 16.00 19.97 -42.88
C SER D 84 17.38 19.34 -43.08
N LYS D 85 18.40 19.98 -42.52
CA LYS D 85 19.79 19.54 -42.66
C LYS D 85 20.47 19.47 -41.30
N GLU D 86 19.71 19.04 -40.28
CA GLU D 86 20.22 18.99 -38.92
C GLU D 86 20.34 17.54 -38.44
N LYS D 87 21.05 17.32 -37.35
CA LYS D 87 21.39 15.98 -36.90
C LYS D 87 20.15 15.11 -36.67
N ASP D 88 19.08 15.73 -36.15
CA ASP D 88 17.90 14.97 -35.73
C ASP D 88 16.82 14.89 -36.82
N ARG D 89 17.16 15.34 -38.03
CA ARG D 89 16.16 15.64 -39.05
C ARG D 89 15.22 14.48 -39.38
N GLN D 90 15.64 13.25 -39.08
CA GLN D 90 14.86 12.05 -39.44
C GLN D 90 13.52 12.07 -38.73
N VAL D 91 13.46 12.85 -37.65
CA VAL D 91 12.25 12.99 -36.87
C VAL D 91 11.30 14.00 -37.51
N LEU D 92 11.81 14.78 -38.45
CA LEU D 92 10.98 15.67 -39.25
C LEU D 92 10.56 15.00 -40.57
N GLU D 93 11.51 14.35 -41.23
CA GLU D 93 11.22 13.61 -42.44
C GLU D 93 10.08 12.62 -42.20
N ASP D 94 10.24 11.82 -41.15
CA ASP D 94 9.28 10.76 -40.83
C ASP D 94 8.35 11.19 -39.70
N PHE D 95 7.92 12.44 -39.74
CA PHE D 95 7.08 12.97 -38.69
C PHE D 95 5.70 12.28 -38.63
N PRO D 96 5.09 12.04 -39.80
CA PRO D 96 3.74 11.46 -39.76
C PRO D 96 3.68 10.15 -38.97
N THR D 97 4.83 9.52 -38.74
CA THR D 97 4.90 8.36 -37.86
C THR D 97 4.72 8.73 -36.39
N ILE D 98 5.44 9.75 -35.93
CA ILE D 98 5.34 10.17 -34.53
C ILE D 98 4.09 10.99 -34.25
N SER D 99 3.42 11.48 -35.30
CA SER D 99 2.10 12.07 -35.10
C SER D 99 1.05 10.98 -34.94
N LEU D 100 1.20 9.90 -35.69
CA LEU D 100 0.22 8.82 -35.67
C LEU D 100 0.03 8.30 -34.27
N GLU D 101 1.14 8.04 -33.59
CA GLU D 101 1.08 7.42 -32.27
C GLU D 101 0.77 8.46 -31.18
N PHE D 102 0.78 9.73 -31.55
CA PHE D 102 0.24 10.79 -30.71
C PHE D 102 -1.29 10.80 -30.75
N ARG D 103 -1.85 10.48 -31.91
CA ARG D 103 -3.30 10.44 -32.06
C ARG D 103 -3.84 9.15 -31.46
N ASN D 104 -2.95 8.20 -31.19
CA ASN D 104 -3.31 7.00 -30.47
C ASN D 104 -3.18 7.19 -28.96
N LEU D 105 -2.42 8.19 -28.54
CA LEU D 105 -2.42 8.61 -27.14
C LEU D 105 -3.84 8.96 -26.72
N ALA D 106 -4.16 8.71 -25.45
CA ALA D 106 -5.44 9.12 -24.89
C ALA D 106 -5.66 10.62 -25.14
N GLU D 107 -6.93 11.02 -25.20
CA GLU D 107 -7.29 12.42 -25.43
C GLU D 107 -6.69 13.34 -24.36
N LYS D 108 -6.67 12.86 -23.13
CA LYS D 108 -6.20 13.68 -22.02
C LYS D 108 -4.74 14.10 -22.21
N TYR D 109 -3.95 13.20 -22.79
CA TYR D 109 -2.53 13.45 -22.98
C TYR D 109 -2.27 14.29 -24.22
N GLN D 110 -3.10 14.11 -25.25
CA GLN D 110 -3.02 14.93 -26.45
C GLN D 110 -3.19 16.41 -26.07
N THR D 111 -4.24 16.72 -25.34
CA THR D 111 -4.55 18.10 -25.00
C THR D 111 -3.39 18.76 -24.28
N VAL D 112 -2.76 18.04 -23.37
CA VAL D 112 -1.57 18.53 -22.70
C VAL D 112 -0.47 18.79 -23.73
N ILE D 113 -0.12 17.75 -24.48
CA ILE D 113 1.04 17.79 -25.36
C ILE D 113 0.86 18.87 -26.42
N ALA D 114 -0.37 19.04 -26.90
CA ALA D 114 -0.65 19.95 -28.00
C ALA D 114 -0.81 21.38 -27.51
N ASP D 115 -1.21 21.55 -26.25
CA ASP D 115 -1.23 22.87 -25.65
C ASP D 115 0.20 23.38 -25.51
N ILE D 116 1.04 22.63 -24.80
CA ILE D 116 2.42 23.04 -24.53
C ILE D 116 3.16 23.28 -25.84
N CYS D 117 2.88 22.45 -26.84
CA CYS D 117 3.56 22.52 -28.12
C CYS D 117 3.15 23.79 -28.88
N ARG D 118 1.94 24.28 -28.60
CA ARG D 118 1.52 25.57 -29.13
C ARG D 118 2.27 26.68 -28.41
N ARG D 119 2.26 26.64 -27.09
CA ARG D 119 2.80 27.73 -26.28
C ARG D 119 4.31 27.91 -26.47
N MET D 120 5.02 26.81 -26.69
CA MET D 120 6.44 26.87 -27.04
C MET D 120 6.62 27.44 -28.43
N GLY D 121 5.83 26.95 -29.38
CA GLY D 121 5.83 27.50 -30.73
C GLY D 121 5.78 29.01 -30.69
N ILE D 122 4.80 29.52 -29.94
CA ILE D 122 4.63 30.95 -29.76
C ILE D 122 5.95 31.57 -29.34
N GLY D 123 6.51 31.05 -28.26
CA GLY D 123 7.55 31.75 -27.53
C GLY D 123 8.92 31.51 -28.13
N MET D 124 9.06 30.44 -28.89
CA MET D 124 10.32 30.16 -29.57
C MET D 124 10.48 31.16 -30.71
N ALA D 125 9.42 31.32 -31.49
CA ALA D 125 9.39 32.33 -32.54
C ALA D 125 9.70 33.71 -31.97
N GLU D 126 9.35 33.93 -30.71
CA GLU D 126 9.52 35.24 -30.10
C GLU D 126 10.99 35.61 -29.94
N PHE D 127 11.84 34.59 -29.78
CA PHE D 127 13.23 34.82 -29.46
C PHE D 127 14.15 34.62 -30.66
N LEU D 128 13.57 34.31 -31.82
CA LEU D 128 14.34 34.25 -33.05
C LEU D 128 14.98 35.60 -33.39
N ASP D 129 14.24 36.69 -33.16
CA ASP D 129 14.64 38.02 -33.59
C ASP D 129 15.38 38.80 -32.49
N LYS D 130 15.46 38.21 -31.30
CA LYS D 130 15.92 38.92 -30.11
C LYS D 130 17.04 38.11 -29.45
N HIS D 131 17.78 38.76 -28.55
CA HIS D 131 18.61 38.05 -27.58
C HIS D 131 18.07 38.27 -26.16
N VAL D 132 18.60 37.52 -25.21
CA VAL D 132 18.20 37.66 -23.81
C VAL D 132 18.81 38.91 -23.21
N THR D 133 17.98 39.93 -22.99
CA THR D 133 18.44 41.17 -22.35
C THR D 133 18.50 41.00 -20.83
N SER D 134 17.34 41.06 -20.18
CA SER D 134 17.28 41.15 -18.72
C SER D 134 17.15 39.77 -18.10
N GLU D 135 17.33 39.71 -16.79
CA GLU D 135 17.14 38.47 -16.04
C GLU D 135 15.70 37.99 -16.10
N GLN D 136 14.77 38.94 -16.23
CA GLN D 136 13.35 38.60 -16.29
C GLN D 136 12.99 38.10 -17.68
N GLU D 137 13.72 38.56 -18.69
CA GLU D 137 13.58 38.02 -20.03
C GLU D 137 14.28 36.67 -20.14
N TRP D 138 15.31 36.49 -19.32
CA TRP D 138 16.01 35.22 -19.25
C TRP D 138 15.09 34.14 -18.71
N ASP D 139 14.24 34.52 -17.74
CA ASP D 139 13.27 33.62 -17.15
C ASP D 139 12.13 33.32 -18.11
N LYS D 140 11.72 34.33 -18.87
CA LYS D 140 10.69 34.14 -19.90
C LYS D 140 11.13 33.11 -20.93
N TYR D 141 12.37 33.23 -21.39
CA TYR D 141 12.91 32.31 -22.38
C TYR D 141 12.94 30.87 -21.86
N CYS D 142 13.68 30.64 -20.77
CA CYS D 142 13.74 29.34 -20.12
C CYS D 142 12.35 28.80 -19.79
N HIS D 143 11.37 29.70 -19.68
CA HIS D 143 9.99 29.28 -19.44
C HIS D 143 9.38 28.65 -20.67
N TYR D 144 9.52 29.35 -21.79
CA TYR D 144 9.09 28.82 -23.09
C TYR D 144 9.77 27.49 -23.39
N VAL D 145 11.10 27.52 -23.46
CA VAL D 145 11.86 26.45 -24.09
C VAL D 145 11.99 25.24 -23.15
N ALA D 146 11.78 25.47 -21.85
CA ALA D 146 12.08 24.46 -20.85
C ALA D 146 11.08 24.46 -19.67
N GLY D 147 10.70 25.64 -19.20
CA GLY D 147 9.74 25.75 -18.11
C GLY D 147 8.46 24.99 -18.42
N LEU D 148 7.88 25.28 -19.58
CA LEU D 148 6.63 24.66 -20.00
C LEU D 148 6.72 23.14 -19.98
N VAL D 149 7.83 22.62 -20.50
CA VAL D 149 8.06 21.18 -20.50
C VAL D 149 7.89 20.62 -19.09
N GLY D 150 8.46 21.32 -18.11
CA GLY D 150 8.20 21.03 -16.71
C GLY D 150 6.73 20.84 -16.46
N ILE D 151 5.93 21.80 -16.89
CA ILE D 151 4.50 21.82 -16.57
C ILE D 151 3.75 20.71 -17.30
N GLY D 152 4.08 20.53 -18.58
CA GLY D 152 3.50 19.48 -19.39
C GLY D 152 3.69 18.11 -18.77
N LEU D 153 4.91 17.83 -18.31
CA LEU D 153 5.16 16.53 -17.71
C LEU D 153 4.36 16.43 -16.43
N SER D 154 4.41 17.47 -15.62
CA SER D 154 3.59 17.53 -14.43
C SER D 154 2.14 17.30 -14.81
N ARG D 155 1.64 18.13 -15.72
CA ARG D 155 0.28 17.99 -16.20
C ARG D 155 0.01 16.56 -16.67
N LEU D 156 1.02 15.92 -17.23
CA LEU D 156 0.88 14.59 -17.80
C LEU D 156 0.85 13.54 -16.69
N PHE D 157 1.72 13.72 -15.69
CA PHE D 157 1.79 12.83 -14.55
C PHE D 157 0.45 12.81 -13.84
N SER D 158 -0.08 14.01 -13.59
CA SER D 158 -1.30 14.17 -12.84
C SER D 158 -2.49 13.67 -13.64
N ALA D 159 -2.34 13.64 -14.95
CA ALA D 159 -3.38 13.12 -15.83
C ALA D 159 -3.46 11.61 -15.70
N SER D 160 -2.31 10.97 -15.49
CA SER D 160 -2.27 9.52 -15.48
C SER D 160 -2.74 8.97 -14.13
N GLU D 161 -2.95 9.87 -13.16
CA GLU D 161 -3.24 9.47 -11.79
C GLU D 161 -2.06 8.73 -11.15
N PHE D 162 -0.95 8.62 -11.87
CA PHE D 162 0.27 8.06 -11.31
C PHE D 162 0.88 9.02 -10.29
N GLU D 163 0.50 10.28 -10.38
CA GLU D 163 0.87 11.27 -9.37
C GLU D 163 -0.36 12.06 -8.92
N ASP D 164 -0.18 12.87 -7.88
CA ASP D 164 -1.27 13.63 -7.29
C ASP D 164 -1.78 14.71 -8.24
N PRO D 165 -3.04 15.14 -8.06
CA PRO D 165 -3.58 16.26 -8.83
C PRO D 165 -2.84 17.56 -8.61
N LEU D 166 -2.29 17.74 -7.42
CA LEU D 166 -1.56 18.95 -7.07
C LEU D 166 -0.36 19.18 -7.99
N VAL D 167 0.26 18.08 -8.40
CA VAL D 167 1.53 18.13 -9.13
C VAL D 167 1.35 18.98 -10.38
N GLY D 168 0.41 18.57 -11.22
CA GLY D 168 0.07 19.36 -12.41
C GLY D 168 -0.45 20.74 -12.06
N GLU D 169 -1.31 20.81 -11.04
CA GLU D 169 -1.96 22.05 -10.66
C GLU D 169 -0.96 23.17 -10.37
N ASP D 170 0.05 22.86 -9.57
CA ASP D 170 1.03 23.86 -9.16
C ASP D 170 2.08 24.04 -10.25
N THR D 171 1.90 25.08 -11.05
CA THR D 171 2.71 25.29 -12.24
C THR D 171 4.02 26.02 -11.93
N GLU D 172 4.01 26.86 -10.90
CA GLU D 172 5.21 27.58 -10.45
C GLU D 172 6.36 26.62 -10.17
N ARG D 173 6.10 25.60 -9.35
CA ARG D 173 7.12 24.65 -8.96
C ARG D 173 7.50 23.73 -10.13
N ALA D 174 6.57 23.51 -11.04
CA ALA D 174 6.89 22.80 -12.27
C ALA D 174 7.83 23.66 -13.13
N ASN D 175 7.42 24.90 -13.37
CA ASN D 175 8.25 25.85 -14.11
C ASN D 175 9.67 25.82 -13.57
N SER D 176 9.80 25.78 -12.25
CA SER D 176 11.09 25.89 -11.59
C SER D 176 11.98 24.69 -11.87
N MET D 177 11.39 23.50 -11.96
CA MET D 177 12.16 22.31 -12.33
C MET D 177 12.82 22.53 -13.69
N GLY D 178 12.09 23.18 -14.58
CA GLY D 178 12.54 23.37 -15.97
C GLY D 178 13.46 24.57 -16.13
N LEU D 179 13.10 25.69 -15.52
CA LEU D 179 14.01 26.83 -15.47
C LEU D 179 15.37 26.47 -14.87
N PHE D 180 15.38 25.58 -13.88
CA PHE D 180 16.62 25.26 -13.17
C PHE D 180 17.56 24.40 -14.01
N LEU D 181 17.05 23.29 -14.54
CA LEU D 181 17.81 22.45 -15.47
C LEU D 181 18.37 23.29 -16.62
N GLN D 182 17.52 24.17 -17.14
CA GLN D 182 17.83 24.93 -18.35
C GLN D 182 18.85 26.03 -18.08
N LYS D 183 18.59 26.82 -17.05
CA LYS D 183 19.56 27.81 -16.58
C LYS D 183 20.93 27.14 -16.41
N THR D 184 20.93 26.02 -15.69
CA THR D 184 22.15 25.27 -15.42
C THR D 184 22.97 25.06 -16.70
N ASN D 185 22.33 24.44 -17.68
CA ASN D 185 23.00 24.06 -18.92
C ASN D 185 23.49 25.25 -19.70
N ILE D 186 22.74 26.34 -19.65
CA ILE D 186 23.19 27.58 -20.26
C ILE D 186 24.51 28.04 -19.62
N ILE D 187 24.59 27.93 -18.30
CA ILE D 187 25.83 28.24 -17.57
C ILE D 187 26.98 27.36 -18.07
N ARG D 188 26.73 26.07 -18.19
CA ARG D 188 27.79 25.09 -18.44
C ARG D 188 28.21 25.09 -19.92
N ASP D 189 27.25 25.33 -20.81
CA ASP D 189 27.49 25.23 -22.25
C ASP D 189 28.03 26.54 -22.84
N TYR D 190 28.56 27.41 -21.99
CA TYR D 190 28.81 28.78 -22.40
C TYR D 190 29.61 28.86 -23.69
N LEU D 191 30.77 28.18 -23.69
CA LEU D 191 31.73 28.30 -24.80
C LEU D 191 31.27 27.48 -26.00
N GLU D 192 30.74 26.29 -25.73
CA GLU D 192 30.13 25.48 -26.77
C GLU D 192 29.15 26.32 -27.59
N ASP D 193 28.39 27.17 -26.92
CA ASP D 193 27.45 28.08 -27.58
C ASP D 193 28.16 28.97 -28.60
N GLN D 194 29.31 29.54 -28.21
CA GLN D 194 30.04 30.47 -29.06
C GLN D 194 30.55 29.80 -30.32
N GLN D 195 31.13 28.61 -30.15
CA GLN D 195 31.57 27.79 -31.29
C GLN D 195 30.57 27.82 -32.43
N GLY D 196 29.28 27.79 -32.10
CA GLY D 196 28.21 27.86 -33.09
C GLY D 196 27.54 29.22 -33.15
N GLY D 197 28.08 30.17 -32.39
CA GLY D 197 27.65 31.56 -32.49
C GLY D 197 26.32 31.81 -31.82
N ARG D 198 26.20 31.37 -30.57
CA ARG D 198 24.96 31.51 -29.82
C ARG D 198 25.20 32.18 -28.46
N GLU D 199 24.26 33.02 -28.05
CA GLU D 199 24.42 33.87 -26.86
C GLU D 199 23.17 33.84 -25.98
N PHE D 200 23.19 33.00 -24.95
CA PHE D 200 22.03 32.82 -24.07
C PHE D 200 22.18 33.55 -22.76
N TRP D 201 23.41 33.92 -22.40
CA TRP D 201 23.66 34.60 -21.14
C TRP D 201 23.03 36.00 -21.17
N PRO D 202 22.42 36.42 -20.04
CA PRO D 202 21.64 37.66 -20.05
C PRO D 202 22.50 38.91 -20.16
N GLN D 203 22.12 39.80 -21.07
CA GLN D 203 22.89 41.02 -21.32
C GLN D 203 22.96 41.90 -20.08
N GLU D 204 21.81 42.20 -19.48
CA GLU D 204 21.77 42.99 -18.26
C GLU D 204 22.51 42.28 -17.13
N VAL D 205 23.64 41.67 -17.45
CA VAL D 205 24.43 40.94 -16.47
C VAL D 205 25.89 40.83 -16.90
N TRP D 206 26.13 40.36 -18.13
CA TRP D 206 27.50 40.32 -18.67
C TRP D 206 27.96 41.69 -19.17
N SER D 207 27.01 42.52 -19.59
CA SER D 207 27.34 43.84 -20.13
C SER D 207 28.04 44.71 -19.08
N ARG D 208 27.79 44.41 -17.80
CA ARG D 208 28.39 45.16 -16.70
C ARG D 208 29.65 44.47 -16.16
N TYR D 209 30.07 43.40 -16.82
CA TYR D 209 31.39 42.81 -16.54
C TYR D 209 32.32 43.01 -17.74
N VAL D 210 31.80 42.81 -18.94
CA VAL D 210 32.57 43.02 -20.16
C VAL D 210 31.74 43.71 -21.25
N LYS D 211 32.44 44.25 -22.24
CA LYS D 211 31.81 45.07 -23.29
C LYS D 211 30.98 44.18 -24.23
N LYS D 212 31.61 43.13 -24.75
CA LYS D 212 30.93 42.14 -25.58
C LYS D 212 30.95 40.78 -24.88
N LEU D 213 29.93 39.95 -25.13
CA LEU D 213 29.81 38.65 -24.44
C LEU D 213 30.88 37.65 -24.88
N GLY D 214 31.43 37.84 -26.07
CA GLY D 214 32.48 36.95 -26.58
C GLY D 214 33.85 37.23 -25.97
N ASP D 215 33.90 38.16 -25.03
CA ASP D 215 35.16 38.68 -24.51
C ASP D 215 35.69 37.82 -23.36
N PHE D 216 34.85 36.92 -22.86
CA PHE D 216 35.23 36.06 -21.74
C PHE D 216 36.31 35.06 -22.13
N ALA D 217 36.19 34.49 -23.32
CA ALA D 217 37.07 33.41 -23.76
C ALA D 217 38.54 33.85 -23.82
N LYS D 218 38.78 35.14 -24.00
CA LYS D 218 40.13 35.69 -23.99
C LYS D 218 40.72 35.63 -22.58
N PRO D 219 42.01 35.25 -22.47
CA PRO D 219 42.63 34.91 -21.19
C PRO D 219 42.71 36.09 -20.21
N GLU D 220 42.74 37.31 -20.73
CA GLU D 220 42.90 38.50 -19.90
C GLU D 220 41.64 38.81 -19.07
N ASN D 221 40.50 38.31 -19.53
CA ASN D 221 39.22 38.67 -18.91
C ASN D 221 38.66 37.57 -18.01
N ILE D 222 39.45 36.52 -17.79
CA ILE D 222 38.98 35.36 -17.02
C ILE D 222 38.57 35.76 -15.61
N ASP D 223 39.36 36.61 -14.97
CA ASP D 223 39.09 37.03 -13.60
C ASP D 223 37.75 37.76 -13.47
N LEU D 224 37.34 38.44 -14.53
CA LEU D 224 36.02 39.05 -14.59
C LEU D 224 34.95 38.06 -15.05
N ALA D 225 35.38 36.93 -15.58
CA ALA D 225 34.46 35.91 -16.10
C ALA D 225 33.87 35.07 -14.97
N VAL D 226 34.73 34.65 -14.04
CA VAL D 226 34.30 33.79 -12.95
C VAL D 226 33.38 34.54 -11.99
N GLN D 227 33.55 35.86 -11.92
CA GLN D 227 32.60 36.72 -11.22
C GLN D 227 31.21 36.59 -11.83
N CYS D 228 31.14 36.83 -13.14
CA CYS D 228 29.90 36.71 -13.89
C CYS D 228 29.31 35.32 -13.71
N LEU D 229 30.10 34.30 -14.03
CA LEU D 229 29.66 32.92 -13.90
C LEU D 229 28.99 32.73 -12.54
N ASN D 230 29.65 33.20 -11.49
CA ASN D 230 29.16 33.00 -10.14
C ASN D 230 27.80 33.66 -9.93
N GLU D 231 27.65 34.87 -10.43
CA GLU D 231 26.38 35.57 -10.31
C GLU D 231 25.26 34.74 -10.91
N LEU D 232 25.41 34.38 -12.18
CA LEU D 232 24.42 33.53 -12.86
C LEU D 232 24.09 32.33 -12.00
N ILE D 233 25.12 31.63 -11.54
CA ILE D 233 24.93 30.42 -10.75
C ILE D 233 24.19 30.72 -9.46
N THR D 234 24.42 31.89 -8.87
CA THR D 234 23.68 32.31 -7.68
C THR D 234 22.21 32.63 -8.00
N ASN D 235 21.98 33.12 -9.22
CA ASN D 235 20.63 33.17 -9.77
C ASN D 235 20.00 31.78 -9.82
N ALA D 236 20.69 30.84 -10.46
CA ALA D 236 20.15 29.49 -10.65
C ALA D 236 19.87 28.80 -9.32
N LEU D 237 20.63 29.16 -8.28
CA LEU D 237 20.47 28.54 -6.97
C LEU D 237 19.09 28.80 -6.37
N HIS D 238 18.48 29.91 -6.76
CA HIS D 238 17.20 30.34 -6.18
C HIS D 238 16.07 29.36 -6.45
N HIS D 239 16.26 28.46 -7.39
CA HIS D 239 15.18 27.58 -7.82
C HIS D 239 15.13 26.30 -6.98
N ILE D 240 16.23 25.98 -6.32
CA ILE D 240 16.35 24.68 -5.65
C ILE D 240 15.22 24.48 -4.64
N PRO D 241 15.04 25.46 -3.75
CA PRO D 241 13.97 25.36 -2.76
C PRO D 241 12.68 24.77 -3.36
N ASP D 242 12.34 25.22 -4.56
CA ASP D 242 11.17 24.69 -5.26
C ASP D 242 11.40 23.25 -5.73
N VAL D 243 12.59 22.99 -6.27
CA VAL D 243 12.92 21.64 -6.73
C VAL D 243 12.78 20.65 -5.57
N ILE D 244 12.94 21.12 -4.34
CA ILE D 244 12.78 20.25 -3.17
C ILE D 244 11.31 20.05 -2.80
N THR D 245 10.49 21.09 -2.91
CA THR D 245 9.06 20.90 -2.68
C THR D 245 8.46 20.08 -3.83
N TYR D 246 9.00 20.23 -5.03
CA TYR D 246 8.46 19.50 -6.19
C TYR D 246 8.70 18.00 -6.07
N LEU D 247 9.92 17.61 -5.76
CA LEU D 247 10.29 16.20 -5.76
C LEU D 247 9.65 15.53 -4.56
N SER D 248 9.32 16.35 -3.56
CA SER D 248 8.83 15.83 -2.30
C SER D 248 7.33 15.49 -2.33
N ARG D 249 6.61 15.99 -3.33
CA ARG D 249 5.21 15.58 -3.51
C ARG D 249 5.02 14.40 -4.48
N LEU D 250 6.13 13.92 -5.05
CA LEU D 250 6.12 12.74 -5.93
C LEU D 250 5.98 11.46 -5.12
N ARG D 251 5.11 10.55 -5.57
CA ARG D 251 4.92 9.26 -4.88
C ARG D 251 5.08 8.07 -5.81
N ASN D 252 5.53 8.30 -7.04
CA ASN D 252 5.75 7.19 -7.97
C ASN D 252 7.21 6.99 -8.29
N GLN D 253 7.68 5.78 -8.04
CA GLN D 253 9.11 5.48 -8.04
C GLN D 253 9.74 5.76 -9.39
N SER D 254 9.02 5.43 -10.47
CA SER D 254 9.50 5.72 -11.82
C SER D 254 9.47 7.22 -12.12
N VAL D 255 8.39 7.87 -11.70
CA VAL D 255 8.25 9.31 -11.90
C VAL D 255 9.28 10.07 -11.08
N PHE D 256 9.60 9.54 -9.91
CA PHE D 256 10.62 10.14 -9.05
C PHE D 256 11.99 10.06 -9.71
N ASN D 257 12.36 8.85 -10.14
CA ASN D 257 13.62 8.66 -10.84
C ASN D 257 13.69 9.61 -12.02
N PHE D 258 12.59 9.69 -12.75
CA PHE D 258 12.55 10.55 -13.94
C PHE D 258 12.85 12.02 -13.62
N CYS D 259 12.22 12.54 -12.57
CA CYS D 259 12.42 13.94 -12.17
C CYS D 259 13.72 14.13 -11.39
N ALA D 260 13.93 13.28 -10.39
CA ALA D 260 15.02 13.47 -9.43
C ALA D 260 16.40 13.49 -10.09
N ILE D 261 16.75 12.42 -10.80
CA ILE D 261 18.10 12.29 -11.38
C ILE D 261 18.55 13.58 -12.07
N PRO D 262 17.88 13.95 -13.17
CA PRO D 262 18.30 15.13 -13.91
C PRO D 262 18.60 16.33 -13.02
N GLN D 263 17.75 16.59 -12.04
CA GLN D 263 17.95 17.73 -11.15
C GLN D 263 19.25 17.59 -10.37
N VAL D 264 19.51 16.39 -9.85
CA VAL D 264 20.71 16.16 -9.05
C VAL D 264 21.96 16.33 -9.90
N MET D 265 21.93 15.84 -11.14
CA MET D 265 23.01 16.11 -12.08
C MET D 265 23.22 17.62 -12.18
N ALA D 266 22.12 18.35 -12.29
CA ALA D 266 22.14 19.79 -12.53
C ALA D 266 22.75 20.53 -11.35
N ILE D 267 22.46 20.07 -10.14
CA ILE D 267 23.22 20.51 -8.98
C ILE D 267 24.69 20.22 -9.23
N ALA D 268 24.98 18.96 -9.53
CA ALA D 268 26.35 18.47 -9.58
C ALA D 268 27.19 19.33 -10.50
N THR D 269 26.59 19.74 -11.63
CA THR D 269 27.31 20.53 -12.63
C THR D 269 27.48 21.96 -12.14
N LEU D 270 26.44 22.50 -11.51
CA LEU D 270 26.51 23.83 -10.92
C LEU D 270 27.58 23.86 -9.85
N ALA D 271 27.72 22.74 -9.14
CA ALA D 271 28.61 22.65 -8.00
C ALA D 271 30.08 22.56 -8.42
N ALA D 272 30.33 21.84 -9.52
CA ALA D 272 31.67 21.75 -10.08
C ALA D 272 31.87 22.81 -11.15
N CYS D 273 30.91 23.73 -11.27
CA CYS D 273 31.05 24.87 -12.17
C CYS D 273 31.10 26.21 -11.43
N TYR D 274 31.28 26.16 -10.11
CA TYR D 274 31.43 27.38 -9.32
C TYR D 274 32.89 27.80 -9.28
N ASN D 275 33.16 29.03 -9.68
CA ASN D 275 34.46 29.65 -9.43
C ASN D 275 35.57 28.95 -10.23
N ASN D 276 35.23 28.44 -11.40
CA ASN D 276 36.06 27.46 -12.09
C ASN D 276 36.72 28.00 -13.35
N GLN D 277 37.93 27.53 -13.63
CA GLN D 277 38.69 27.97 -14.80
C GLN D 277 38.76 26.87 -15.86
N GLN D 278 37.71 26.05 -15.91
CA GLN D 278 37.60 25.02 -16.93
C GLN D 278 36.39 25.27 -17.83
N VAL D 279 35.35 25.87 -17.24
CA VAL D 279 34.16 26.28 -17.97
C VAL D 279 34.52 26.87 -19.34
N PHE D 280 35.53 27.74 -19.34
CA PHE D 280 35.94 28.45 -20.55
C PHE D 280 37.07 27.72 -21.27
N LYS D 281 37.77 26.86 -20.54
CA LYS D 281 38.96 26.18 -21.06
C LYS D 281 38.61 24.87 -21.77
N GLY D 282 38.16 23.88 -21.01
CA GLY D 282 37.95 22.54 -21.54
C GLY D 282 36.53 22.06 -21.32
N ALA D 283 36.40 20.84 -20.79
CA ALA D 283 35.11 20.35 -20.28
C ALA D 283 35.16 20.26 -18.76
N VAL D 284 34.01 20.43 -18.12
CA VAL D 284 33.95 20.56 -16.66
C VAL D 284 33.53 19.24 -16.01
N LYS D 285 34.13 18.93 -14.85
CA LYS D 285 33.97 17.63 -14.21
C LYS D 285 32.79 17.61 -13.24
N ASP D 297 22.06 6.28 -6.31
CA ASP D 297 21.43 6.46 -5.00
C ASP D 297 20.78 7.84 -4.88
N ALA D 298 20.13 8.27 -5.97
CA ALA D 298 19.17 9.36 -5.92
C ALA D 298 17.77 8.81 -6.22
N THR D 299 17.30 7.96 -5.32
CA THR D 299 16.13 7.13 -5.56
C THR D 299 15.13 7.24 -4.42
N ASN D 300 15.52 7.94 -3.35
CA ASN D 300 14.55 8.41 -2.37
C ASN D 300 14.84 9.84 -1.91
N MET D 301 13.83 10.52 -1.39
CA MET D 301 13.89 11.96 -1.20
C MET D 301 14.86 12.34 -0.08
N PRO D 302 14.82 11.60 1.04
CA PRO D 302 15.82 11.87 2.07
C PRO D 302 17.25 11.82 1.52
N ALA D 303 17.50 10.89 0.60
CA ALA D 303 18.80 10.81 -0.08
C ALA D 303 18.97 12.01 -0.98
N VAL D 304 17.97 12.30 -1.80
CA VAL D 304 18.05 13.41 -2.75
C VAL D 304 18.30 14.73 -2.01
N LYS D 305 17.60 14.94 -0.91
CA LYS D 305 17.87 16.08 -0.04
C LYS D 305 19.33 16.06 0.41
N ALA D 306 19.72 14.99 1.09
CA ALA D 306 21.05 14.89 1.67
C ALA D 306 22.12 15.12 0.60
N ILE D 307 21.95 14.47 -0.54
CA ILE D 307 22.82 14.71 -1.70
C ILE D 307 22.90 16.20 -1.97
N ILE D 308 21.75 16.85 -2.09
CA ILE D 308 21.71 18.26 -2.44
C ILE D 308 22.49 19.08 -1.42
N TYR D 309 22.15 18.91 -0.15
CA TYR D 309 22.80 19.68 0.91
C TYR D 309 24.31 19.51 0.85
N GLN D 310 24.75 18.27 0.65
CA GLN D 310 26.16 17.97 0.48
C GLN D 310 26.81 18.91 -0.53
N TYR D 311 26.13 19.12 -1.64
CA TYR D 311 26.67 19.91 -2.74
C TYR D 311 26.63 21.40 -2.42
N MET D 312 25.64 21.80 -1.63
CA MET D 312 25.51 23.18 -1.20
C MET D 312 26.73 23.60 -0.41
N GLU D 313 27.02 22.86 0.65
CA GLU D 313 28.26 23.04 1.39
C GLU D 313 29.44 23.14 0.42
N GLU D 314 29.57 22.17 -0.47
CA GLU D 314 30.73 22.05 -1.34
C GLU D 314 30.92 23.29 -2.22
N ILE D 315 29.83 24.01 -2.48
CA ILE D 315 29.90 25.30 -3.16
C ILE D 315 30.11 26.44 -2.17
N TYR D 316 29.52 26.30 -0.98
CA TYR D 316 29.42 27.41 -0.02
C TYR D 316 30.75 27.72 0.68
N HIS D 317 31.51 26.69 1.02
CA HIS D 317 32.85 26.89 1.56
C HIS D 317 33.88 26.86 0.44
N ARG D 318 33.47 27.31 -0.75
CA ARG D 318 34.40 27.59 -1.83
C ARG D 318 34.23 29.03 -2.32
N ILE D 319 33.40 29.78 -1.62
CA ILE D 319 33.07 31.14 -2.03
C ILE D 319 34.16 32.11 -1.58
N PRO D 320 34.84 32.75 -2.56
CA PRO D 320 35.76 33.81 -2.17
C PRO D 320 34.99 35.02 -1.64
N ASP D 321 35.63 35.80 -0.77
CA ASP D 321 35.02 36.99 -0.20
C ASP D 321 34.99 38.12 -1.23
N SER D 322 35.96 38.10 -2.13
CA SER D 322 36.14 39.19 -3.10
C SER D 322 35.13 39.13 -4.24
N ASP D 323 34.42 38.01 -4.37
CA ASP D 323 33.35 37.89 -5.36
C ASP D 323 32.22 38.87 -5.05
N PRO D 324 31.87 39.73 -6.02
CA PRO D 324 30.77 40.67 -5.83
C PRO D 324 29.50 40.00 -5.30
N SER D 325 29.10 38.89 -5.95
CA SER D 325 27.89 38.20 -5.57
C SER D 325 28.16 37.15 -4.48
N SER D 326 29.10 37.46 -3.59
CA SER D 326 29.46 36.56 -2.49
C SER D 326 28.35 36.49 -1.44
N SER D 327 27.90 37.66 -1.00
CA SER D 327 26.90 37.76 0.07
C SER D 327 25.57 37.13 -0.34
N LYS D 328 25.18 37.33 -1.59
CA LYS D 328 23.96 36.74 -2.13
C LYS D 328 24.06 35.23 -2.14
N THR D 329 25.18 34.72 -2.66
CA THR D 329 25.40 33.28 -2.76
C THR D 329 25.37 32.62 -1.39
N ARG D 330 25.85 33.32 -0.37
CA ARG D 330 25.72 32.87 1.00
C ARG D 330 24.25 32.89 1.43
N GLN D 331 23.54 33.94 1.03
CA GLN D 331 22.16 34.15 1.48
C GLN D 331 21.27 33.03 0.96
N ILE D 332 21.38 32.76 -0.33
CA ILE D 332 20.51 31.76 -0.95
C ILE D 332 20.77 30.37 -0.39
N ILE D 333 22.04 30.04 -0.14
CA ILE D 333 22.40 28.70 0.33
C ILE D 333 21.94 28.50 1.77
N SER D 334 21.91 29.56 2.55
CA SER D 334 21.47 29.47 3.93
C SER D 334 19.95 29.32 3.97
N THR D 335 19.28 29.94 3.01
CA THR D 335 17.84 29.77 2.84
C THR D 335 17.50 28.33 2.51
N ILE D 336 18.26 27.75 1.59
CA ILE D 336 18.05 26.37 1.18
C ILE D 336 18.25 25.41 2.34
N ARG D 337 19.24 25.69 3.19
CA ARG D 337 19.58 24.80 4.29
C ARG D 337 18.48 24.76 5.34
N THR D 338 17.82 25.89 5.52
CA THR D 338 16.98 26.11 6.70
C THR D 338 15.50 25.82 6.40
N GLN D 339 15.22 24.67 5.81
CA GLN D 339 13.87 24.33 5.38
C GLN D 339 13.66 22.82 5.35
N SER E 7 13.49 31.91 11.30
CA SER E 7 14.25 32.47 12.45
C SER E 7 15.68 32.83 12.02
N SER E 8 16.02 34.11 12.13
CA SER E 8 17.36 34.58 11.78
C SER E 8 18.43 33.88 12.61
N SER E 9 18.08 33.54 13.85
CA SER E 9 18.99 32.80 14.73
C SER E 9 19.13 31.36 14.27
N LEU E 10 18.03 30.77 13.81
CA LEU E 10 18.06 29.38 13.34
C LEU E 10 18.85 29.25 12.03
N LYS E 11 18.70 30.24 11.14
CA LYS E 11 19.52 30.34 9.94
C LYS E 11 21.01 30.28 10.28
N THR E 12 21.42 31.10 11.23
CA THR E 12 22.82 31.15 11.66
C THR E 12 23.18 29.88 12.42
N CYS E 13 22.21 29.39 13.20
CA CYS E 13 22.40 28.16 13.95
C CYS E 13 22.76 26.99 13.03
N TYR E 14 22.07 26.88 11.91
CA TYR E 14 22.32 25.80 10.95
C TYR E 14 23.60 26.02 10.14
N LYS E 15 24.04 27.27 10.03
CA LYS E 15 25.33 27.55 9.41
C LYS E 15 26.44 26.84 10.16
N TYR E 16 26.39 26.91 11.48
CA TYR E 16 27.43 26.35 12.35
C TYR E 16 27.53 24.84 12.14
N LEU E 17 26.38 24.19 12.08
CA LEU E 17 26.31 22.76 11.78
C LEU E 17 27.20 22.42 10.59
N ASN E 18 26.97 23.11 9.48
CA ASN E 18 27.68 22.80 8.24
C ASN E 18 29.13 23.28 8.29
N GLN E 19 29.38 24.30 9.08
CA GLN E 19 30.74 24.81 9.31
C GLN E 19 31.61 23.76 10.00
N THR E 20 31.03 23.06 10.98
CA THR E 20 31.83 22.20 11.87
C THR E 20 31.76 20.72 11.48
N SER E 21 30.57 20.26 11.07
CA SER E 21 30.36 18.83 10.87
C SER E 21 30.94 18.33 9.57
N ARG E 22 32.16 17.79 9.65
CA ARG E 22 32.66 16.88 8.64
C ARG E 22 31.51 16.08 8.02
N SER E 23 30.79 15.34 8.87
CA SER E 23 30.22 14.07 8.43
C SER E 23 28.70 13.89 8.66
N PHE E 24 28.01 14.94 9.12
CA PHE E 24 26.62 14.78 9.55
C PHE E 24 25.64 15.87 9.11
N ALA E 25 26.15 16.99 8.60
CA ALA E 25 25.30 18.09 8.17
C ALA E 25 24.17 17.55 7.28
N ALA E 26 24.55 16.90 6.19
CA ALA E 26 23.59 16.43 5.19
C ALA E 26 22.48 15.59 5.82
N VAL E 27 22.85 14.46 6.41
CA VAL E 27 21.86 13.47 6.82
C VAL E 27 21.00 13.94 8.00
N ILE E 28 21.45 14.98 8.69
CA ILE E 28 20.60 15.65 9.68
C ILE E 28 19.53 16.52 8.99
N GLN E 29 19.96 17.35 8.04
CA GLN E 29 19.07 18.26 7.35
C GLN E 29 18.03 17.53 6.51
N ALA E 30 18.27 16.26 6.20
CA ALA E 30 17.30 15.45 5.45
C ALA E 30 16.27 14.82 6.40
N LEU E 31 16.54 14.85 7.70
CA LEU E 31 15.61 14.33 8.69
C LEU E 31 14.23 14.97 8.55
N ASP E 32 13.18 14.17 8.80
CA ASP E 32 11.80 14.61 8.59
C ASP E 32 11.34 15.53 9.71
N GLY E 33 11.15 16.80 9.39
CA GLY E 33 10.34 17.70 10.19
C GLY E 33 10.75 17.86 11.64
N GLU E 34 9.94 17.31 12.54
CA GLU E 34 10.08 17.57 13.96
C GLU E 34 11.49 17.24 14.44
N MET E 35 12.06 16.19 13.84
CA MET E 35 13.37 15.65 14.25
C MET E 35 14.51 16.53 13.81
N ARG E 36 14.34 17.17 12.66
CA ARG E 36 15.43 17.86 11.98
C ARG E 36 16.12 18.84 12.90
N ASN E 37 15.34 19.74 13.47
CA ASN E 37 15.86 20.77 14.36
C ASN E 37 16.32 20.14 15.67
N ALA E 38 15.58 19.13 16.13
CA ALA E 38 15.88 18.46 17.40
C ALA E 38 17.30 17.88 17.39
N VAL E 39 17.67 17.23 16.29
CA VAL E 39 18.98 16.60 16.17
C VAL E 39 20.04 17.64 15.89
N CYS E 40 19.69 18.62 15.07
CA CYS E 40 20.62 19.69 14.74
C CYS E 40 21.14 20.32 16.02
N ILE E 41 20.21 20.75 16.88
CA ILE E 41 20.59 21.45 18.10
C ILE E 41 21.37 20.52 19.02
N PHE E 42 20.98 19.25 19.04
CA PHE E 42 21.69 18.26 19.85
C PHE E 42 23.15 18.19 19.43
N TYR E 43 23.39 18.10 18.12
CA TYR E 43 24.74 18.18 17.58
C TYR E 43 25.43 19.49 17.95
N LEU E 44 24.73 20.60 17.79
CA LEU E 44 25.33 21.92 17.98
C LEU E 44 25.78 22.14 19.42
N VAL E 45 25.11 21.47 20.36
CA VAL E 45 25.48 21.54 21.76
C VAL E 45 26.71 20.69 22.04
N LEU E 46 26.72 19.48 21.50
CA LEU E 46 27.80 18.52 21.78
C LEU E 46 29.13 18.97 21.20
N ARG E 47 29.11 19.63 20.04
CA ARG E 47 30.30 20.34 19.58
C ARG E 47 30.73 21.35 20.65
N ALA E 48 29.85 22.30 20.96
CA ALA E 48 30.13 23.33 21.96
C ALA E 48 30.82 22.75 23.20
N LEU E 49 30.28 21.66 23.73
CA LEU E 49 30.95 20.96 24.82
C LEU E 49 32.35 20.53 24.37
N ASP E 50 32.42 19.77 23.27
CA ASP E 50 33.68 19.13 22.88
C ASP E 50 34.77 20.11 22.44
N THR E 51 34.39 21.32 22.05
CA THR E 51 35.36 22.38 21.83
C THR E 51 35.94 22.86 23.16
N LEU E 52 35.31 22.47 24.26
CA LEU E 52 35.91 22.64 25.58
C LEU E 52 36.87 21.49 25.90
N GLU E 53 36.34 20.27 25.88
CA GLU E 53 37.12 19.09 26.26
C GLU E 53 38.46 19.06 25.54
N ASP E 54 38.42 19.27 24.22
CA ASP E 54 39.58 19.04 23.36
C ASP E 54 40.61 20.18 23.49
N ASP E 55 40.31 21.17 24.33
CA ASP E 55 41.08 22.42 24.39
C ASP E 55 42.01 22.46 25.60
N MET E 56 43.28 22.79 25.33
CA MET E 56 44.35 22.69 26.34
C MET E 56 44.72 24.06 26.90
N THR E 57 44.14 25.12 26.34
CA THR E 57 44.26 26.46 26.91
C THR E 57 43.70 26.49 28.33
N ILE E 58 42.58 25.79 28.52
CA ILE E 58 41.86 25.82 29.78
C ILE E 58 42.46 24.85 30.80
N SER E 59 42.45 25.25 32.07
CA SER E 59 43.08 24.48 33.14
C SER E 59 42.10 23.47 33.74
N VAL E 60 42.63 22.40 34.32
CA VAL E 60 41.82 21.29 34.80
C VAL E 60 40.97 21.66 36.02
N GLU E 61 41.42 22.65 36.79
CA GLU E 61 40.64 23.17 37.92
C GLU E 61 39.53 24.09 37.43
N LYS E 62 39.81 24.80 36.34
CA LYS E 62 38.83 25.70 35.74
C LYS E 62 37.99 25.04 34.65
N LYS E 63 38.46 23.89 34.15
CA LYS E 63 37.78 23.18 33.06
C LYS E 63 36.70 22.24 33.59
N VAL E 64 37.04 21.48 34.62
CA VAL E 64 36.15 20.42 35.11
C VAL E 64 34.74 20.93 35.42
N PRO E 65 34.63 22.13 36.02
CA PRO E 65 33.29 22.67 36.31
C PRO E 65 32.48 23.00 35.06
N LEU E 66 33.13 23.56 34.04
CA LEU E 66 32.42 23.96 32.84
C LEU E 66 31.70 22.78 32.20
N LEU E 67 32.35 21.62 32.22
CA LEU E 67 31.77 20.39 31.65
C LEU E 67 30.64 19.86 32.53
N HIS E 68 30.95 19.64 33.81
CA HIS E 68 29.95 19.27 34.79
C HIS E 68 28.68 20.08 34.54
N ASN E 69 28.82 21.40 34.59
CA ASN E 69 27.69 22.32 34.60
C ASN E 69 27.42 22.93 33.22
N PHE E 70 27.64 22.15 32.17
CA PHE E 70 27.37 22.61 30.81
C PHE E 70 25.91 22.43 30.45
N HIS E 71 25.22 21.53 31.11
CA HIS E 71 23.79 21.40 30.95
C HIS E 71 23.04 22.59 31.56
N SER E 72 23.60 23.16 32.63
CA SER E 72 22.95 24.28 33.31
C SER E 72 22.99 25.53 32.45
N PHE E 73 24.03 25.65 31.63
CA PHE E 73 24.21 26.82 30.79
C PHE E 73 23.15 26.91 29.71
N LEU E 74 22.55 25.77 29.38
CA LEU E 74 21.48 25.73 28.37
C LEU E 74 20.32 26.65 28.78
N TYR E 75 20.00 26.68 30.06
CA TYR E 75 18.87 27.46 30.57
C TYR E 75 19.31 28.82 31.10
N GLN E 76 20.53 29.22 30.75
CA GLN E 76 20.99 30.59 31.01
C GLN E 76 21.20 31.31 29.68
N PRO E 77 20.33 32.27 29.37
CA PRO E 77 20.29 32.89 28.05
C PRO E 77 21.45 33.83 27.76
N ASP E 78 22.19 34.23 28.79
CA ASP E 78 23.26 35.20 28.62
C ASP E 78 24.60 34.53 28.28
N TRP E 79 24.69 33.22 28.54
CA TRP E 79 25.98 32.55 28.60
C TRP E 79 26.76 32.63 27.29
N ARG E 80 28.08 32.64 27.40
CA ARG E 80 28.97 33.07 26.32
C ARG E 80 30.42 32.92 26.78
N PHE E 81 31.26 32.30 25.94
CA PHE E 81 32.63 31.98 26.34
C PHE E 81 33.64 32.37 25.27
N MET E 82 34.50 33.33 25.60
CA MET E 82 35.43 33.90 24.62
C MET E 82 36.82 33.28 24.70
N GLU E 83 37.09 32.57 25.79
CA GLU E 83 38.46 32.23 26.15
C GLU E 83 38.91 30.90 25.54
N SER E 84 38.46 30.64 24.31
CA SER E 84 38.78 29.39 23.61
C SER E 84 39.40 29.68 22.24
N LYS E 85 40.69 29.38 22.10
CA LYS E 85 41.35 29.36 20.80
C LYS E 85 41.40 27.94 20.25
N GLU E 86 40.62 27.69 19.20
CA GLU E 86 40.56 26.37 18.60
C GLU E 86 39.82 26.39 17.26
N LYS E 87 39.99 25.32 16.49
CA LYS E 87 39.16 25.05 15.32
C LYS E 87 38.04 26.08 15.15
N ASP E 88 37.01 25.99 15.99
CA ASP E 88 35.74 26.68 15.76
C ASP E 88 35.15 27.22 17.06
N ARG E 89 35.61 28.40 17.44
CA ARG E 89 35.21 29.01 18.70
C ARG E 89 33.83 29.65 18.60
N GLN E 90 33.30 29.70 17.38
CA GLN E 90 32.12 30.51 17.11
C GLN E 90 30.86 29.95 17.75
N VAL E 91 30.88 28.65 18.08
CA VAL E 91 29.79 28.03 18.83
C VAL E 91 29.77 28.50 20.27
N LEU E 92 30.95 28.77 20.82
CA LEU E 92 31.08 29.21 22.20
C LEU E 92 30.81 30.70 22.31
N GLU E 93 31.33 31.46 21.36
CA GLU E 93 31.12 32.90 21.31
C GLU E 93 29.64 33.24 21.09
N ASP E 94 29.02 32.56 20.14
CA ASP E 94 27.64 32.86 19.74
C ASP E 94 26.65 31.94 20.45
N PHE E 95 27.03 31.40 21.60
CA PHE E 95 26.27 30.31 22.20
C PHE E 95 24.84 30.69 22.56
N PRO E 96 24.63 31.93 23.04
CA PRO E 96 23.26 32.36 23.31
C PRO E 96 22.32 31.96 22.19
N THR E 97 22.68 32.31 20.96
CA THR E 97 21.95 31.87 19.77
C THR E 97 21.52 30.41 19.90
N ILE E 98 22.50 29.54 20.10
CA ILE E 98 22.26 28.10 20.15
C ILE E 98 21.32 27.74 21.32
N SER E 99 21.59 28.32 22.48
CA SER E 99 20.74 28.12 23.64
C SER E 99 19.30 28.47 23.31
N LEU E 100 19.10 29.65 22.74
CA LEU E 100 17.75 30.16 22.46
C LEU E 100 16.92 29.16 21.68
N GLU E 101 17.46 28.72 20.54
CA GLU E 101 16.75 27.80 19.67
C GLU E 101 16.58 26.44 20.34
N PHE E 102 17.47 26.13 21.28
CA PHE E 102 17.32 24.92 22.08
C PHE E 102 16.04 24.95 22.91
N ARG E 103 15.61 26.16 23.29
CA ARG E 103 14.47 26.32 24.19
C ARG E 103 13.16 26.43 23.42
N ASN E 104 13.25 26.34 22.09
CA ASN E 104 12.06 26.20 21.25
C ASN E 104 11.50 24.79 21.28
N LEU E 105 12.39 23.81 21.46
CA LEU E 105 12.02 22.40 21.36
C LEU E 105 11.16 22.02 22.57
N ALA E 106 10.54 20.84 22.49
CA ALA E 106 9.52 20.45 23.47
C ALA E 106 10.12 19.99 24.80
N GLU E 107 9.28 19.88 25.82
CA GLU E 107 9.68 19.33 27.11
C GLU E 107 9.96 17.83 26.98
N LYS E 108 9.78 17.30 25.77
CA LYS E 108 10.27 15.97 25.44
C LYS E 108 11.73 16.01 25.02
N TYR E 109 12.07 16.95 24.14
CA TYR E 109 13.38 16.94 23.50
C TYR E 109 14.44 17.50 24.42
N GLN E 110 14.12 18.60 25.09
CA GLN E 110 15.04 19.22 26.05
C GLN E 110 15.48 18.21 27.10
N THR E 111 14.53 17.48 27.67
CA THR E 111 14.84 16.56 28.76
C THR E 111 15.53 15.29 28.27
N VAL E 112 15.89 15.25 26.99
CA VAL E 112 16.81 14.23 26.48
C VAL E 112 18.18 14.81 26.17
N ILE E 113 18.20 15.86 25.34
CA ILE E 113 19.45 16.52 24.99
C ILE E 113 20.22 16.90 26.25
N ALA E 114 19.58 17.64 27.13
CA ALA E 114 20.25 18.21 28.30
C ALA E 114 20.75 17.12 29.26
N ASP E 115 19.97 16.07 29.44
CA ASP E 115 20.41 14.90 30.21
C ASP E 115 21.75 14.41 29.67
N ILE E 116 21.78 14.07 28.38
CA ILE E 116 23.00 13.57 27.73
C ILE E 116 24.15 14.56 27.90
N CYS E 117 23.85 15.84 27.68
CA CYS E 117 24.85 16.90 27.82
C CYS E 117 25.52 16.84 29.18
N ARG E 118 24.71 16.79 30.24
CA ARG E 118 25.21 16.71 31.61
C ARG E 118 26.08 15.48 31.80
N ARG E 119 25.60 14.35 31.31
CA ARG E 119 26.26 13.06 31.53
C ARG E 119 27.55 12.94 30.72
N MET E 120 27.66 13.71 29.65
CA MET E 120 28.87 13.75 28.84
C MET E 120 29.99 14.45 29.59
N GLY E 121 29.70 15.65 30.10
CA GLY E 121 30.68 16.41 30.86
C GLY E 121 31.19 15.65 32.07
N ILE E 122 30.36 14.74 32.57
CA ILE E 122 30.76 13.85 33.66
C ILE E 122 31.88 12.91 33.22
N GLY E 123 31.68 12.23 32.09
CA GLY E 123 32.67 11.31 31.55
C GLY E 123 33.88 12.02 30.97
N MET E 124 33.62 13.00 30.10
CA MET E 124 34.67 13.89 29.61
C MET E 124 35.59 14.30 30.77
N ALA E 125 35.07 15.18 31.64
CA ALA E 125 35.86 15.68 32.77
C ALA E 125 36.64 14.55 33.44
N GLU E 126 36.01 13.39 33.57
CA GLU E 126 36.62 12.24 34.23
C GLU E 126 37.87 11.77 33.51
N PHE E 127 37.79 11.64 32.19
CA PHE E 127 38.87 11.03 31.41
C PHE E 127 39.88 12.07 30.94
N LEU E 128 39.87 13.25 31.54
CA LEU E 128 40.89 14.26 31.32
C LEU E 128 42.22 13.82 31.94
N ASP E 129 42.18 13.53 33.23
CA ASP E 129 43.40 13.38 34.02
C ASP E 129 44.15 12.10 33.64
N LYS E 130 43.42 11.11 33.15
CA LYS E 130 43.97 9.78 32.90
C LYS E 130 43.85 9.44 31.43
N HIS E 131 44.55 8.39 31.02
CA HIS E 131 44.45 7.85 29.66
C HIS E 131 43.70 6.51 29.67
N VAL E 132 43.32 6.04 28.49
CA VAL E 132 42.67 4.74 28.35
C VAL E 132 43.64 3.63 28.73
N THR E 133 43.38 2.97 29.84
CA THR E 133 44.18 1.83 30.27
C THR E 133 43.61 0.54 29.66
N SER E 134 42.60 -0.03 30.31
CA SER E 134 42.11 -1.35 29.93
C SER E 134 41.47 -1.35 28.55
N GLU E 135 40.98 -2.51 28.12
CA GLU E 135 40.01 -2.55 27.03
C GLU E 135 38.68 -2.00 27.51
N GLN E 136 38.36 -2.26 28.78
CA GLN E 136 37.13 -1.74 29.38
C GLN E 136 37.12 -0.22 29.38
N GLU E 137 38.20 0.39 29.86
CA GLU E 137 38.30 1.84 29.89
C GLU E 137 38.13 2.46 28.51
N TRP E 138 38.44 1.70 27.46
CA TRP E 138 38.25 2.16 26.10
C TRP E 138 36.78 2.07 25.70
N ASP E 139 36.17 0.91 25.93
CA ASP E 139 34.73 0.74 25.70
C ASP E 139 33.95 1.83 26.45
N LYS E 140 34.23 1.94 27.75
CA LYS E 140 33.69 3.00 28.59
C LYS E 140 33.85 4.37 27.93
N TYR E 141 35.09 4.80 27.72
CA TYR E 141 35.37 6.18 27.30
C TYR E 141 34.55 6.57 26.07
N CYS E 142 34.41 5.62 25.15
CA CYS E 142 33.62 5.84 23.96
C CYS E 142 32.13 5.96 24.33
N HIS E 143 31.68 5.16 25.27
CA HIS E 143 30.33 5.30 25.80
C HIS E 143 30.04 6.74 26.22
N TYR E 144 31.06 7.42 26.75
CA TYR E 144 30.87 8.79 27.23
C TYR E 144 30.78 9.78 26.07
N VAL E 145 31.57 9.55 25.02
CA VAL E 145 31.72 10.55 23.97
C VAL E 145 30.97 10.19 22.70
N ALA E 146 30.25 9.06 22.71
CA ALA E 146 29.70 8.51 21.47
C ALA E 146 28.54 7.56 21.73
N GLY E 147 28.73 6.65 22.68
CA GLY E 147 27.64 5.80 23.12
C GLY E 147 26.44 6.66 23.47
N LEU E 148 26.64 7.60 24.37
CA LEU E 148 25.54 8.42 24.86
C LEU E 148 25.02 9.37 23.77
N VAL E 149 25.75 9.49 22.68
CA VAL E 149 25.22 10.18 21.51
C VAL E 149 24.21 9.28 20.81
N GLY E 150 24.56 8.01 20.64
CA GLY E 150 23.71 7.06 19.95
C GLY E 150 22.45 6.78 20.75
N ILE E 151 22.54 6.91 22.07
CA ILE E 151 21.37 6.82 22.92
C ILE E 151 20.55 8.12 22.83
N GLY E 152 21.24 9.24 22.74
CA GLY E 152 20.58 10.54 22.63
C GLY E 152 19.70 10.58 21.40
N LEU E 153 20.29 10.24 20.25
CA LEU E 153 19.58 10.22 18.99
C LEU E 153 18.44 9.21 19.02
N SER E 154 18.64 8.13 19.75
CA SER E 154 17.66 7.06 19.83
C SER E 154 16.43 7.50 20.62
N ARG E 155 16.67 8.32 21.64
CA ARG E 155 15.60 8.79 22.52
C ARG E 155 14.87 9.93 21.85
N LEU E 156 15.61 10.75 21.11
CA LEU E 156 15.02 11.78 20.28
C LEU E 156 14.17 11.14 19.18
N PHE E 157 14.73 10.15 18.49
CA PHE E 157 14.03 9.46 17.41
C PHE E 157 12.69 8.94 17.92
N SER E 158 12.73 8.18 19.00
CA SER E 158 11.53 7.53 19.55
C SER E 158 10.54 8.57 20.09
N ALA E 159 11.06 9.68 20.59
CA ALA E 159 10.23 10.69 21.24
C ALA E 159 9.30 11.36 20.25
N SER E 160 9.78 11.52 19.01
CA SER E 160 8.95 12.06 17.94
C SER E 160 7.94 11.02 17.45
N GLU E 161 8.19 9.77 17.79
CA GLU E 161 7.33 8.66 17.39
C GLU E 161 7.46 8.33 15.90
N PHE E 162 8.51 8.85 15.25
CA PHE E 162 8.86 8.42 13.90
C PHE E 162 9.32 6.97 13.91
N GLU E 163 9.79 6.50 15.07
CA GLU E 163 10.19 5.12 15.24
C GLU E 163 9.41 4.46 16.37
N ASP E 164 9.52 3.14 16.46
CA ASP E 164 9.01 2.41 17.62
C ASP E 164 9.66 2.89 18.91
N PRO E 165 9.00 2.60 20.05
CA PRO E 165 9.60 2.83 21.36
C PRO E 165 10.91 2.07 21.57
N LEU E 166 11.03 0.88 20.97
CA LEU E 166 12.12 -0.04 21.26
C LEU E 166 13.49 0.57 20.94
N VAL E 167 13.54 1.39 19.89
CA VAL E 167 14.80 1.99 19.44
C VAL E 167 15.30 3.06 20.42
N GLY E 168 14.43 3.49 21.32
CA GLY E 168 14.79 4.49 22.32
C GLY E 168 15.24 3.90 23.65
N GLU E 169 14.77 2.70 23.97
CA GLU E 169 14.99 2.11 25.30
C GLU E 169 16.05 1.00 25.28
N ASP E 170 16.30 0.42 24.12
CA ASP E 170 17.44 -0.49 23.95
C ASP E 170 18.73 0.31 23.84
N THR E 171 19.41 0.50 24.96
CA THR E 171 20.55 1.41 25.03
C THR E 171 21.84 0.70 24.63
N GLU E 172 21.93 -0.60 24.90
CA GLU E 172 23.14 -1.37 24.59
C GLU E 172 23.34 -1.46 23.08
N ARG E 173 22.24 -1.50 22.33
CA ARG E 173 22.32 -1.42 20.87
C ARG E 173 22.70 -0.01 20.43
N ALA E 174 21.87 0.97 20.79
CA ALA E 174 22.18 2.38 20.54
C ALA E 174 23.61 2.67 20.95
N ASN E 175 24.03 2.04 22.04
CA ASN E 175 25.40 2.18 22.54
C ASN E 175 26.43 1.69 21.53
N SER E 176 26.26 0.46 21.07
CA SER E 176 27.15 -0.09 20.07
C SER E 176 27.25 0.89 18.90
N MET E 177 26.11 1.15 18.27
CA MET E 177 26.05 2.07 17.13
C MET E 177 27.10 3.16 17.21
N GLY E 178 27.17 3.81 18.37
CA GLY E 178 28.08 4.94 18.56
C GLY E 178 29.49 4.52 18.94
N LEU E 179 29.60 3.46 19.74
CA LEU E 179 30.91 2.89 20.07
C LEU E 179 31.64 2.52 18.78
N PHE E 180 30.97 1.75 17.93
CA PHE E 180 31.59 1.24 16.72
C PHE E 180 32.12 2.40 15.89
N LEU E 181 31.38 3.49 15.90
CA LEU E 181 31.68 4.65 15.08
C LEU E 181 32.90 5.40 15.61
N GLN E 182 33.00 5.50 16.94
CA GLN E 182 34.14 6.11 17.60
C GLN E 182 35.37 5.19 17.57
N LYS E 183 35.15 3.90 17.70
CA LYS E 183 36.25 2.94 17.71
C LYS E 183 37.01 2.95 16.38
N THR E 184 36.28 3.11 15.27
CA THR E 184 36.92 3.15 13.95
C THR E 184 37.49 4.54 13.65
N ASN E 185 36.99 5.57 14.32
CA ASN E 185 37.56 6.91 14.17
C ASN E 185 38.84 7.10 15.02
N ILE E 186 38.81 6.61 16.25
CA ILE E 186 39.99 6.63 17.12
C ILE E 186 41.10 5.73 16.58
N ILE E 187 40.73 4.60 15.98
CA ILE E 187 41.67 3.75 15.27
C ILE E 187 42.35 4.50 14.12
N ARG E 188 41.55 5.14 13.27
CA ARG E 188 42.04 5.69 12.02
C ARG E 188 42.74 7.03 12.23
N ASP E 189 42.33 7.77 13.26
CA ASP E 189 42.91 9.08 13.55
C ASP E 189 44.13 8.97 14.47
N TYR E 190 44.97 7.98 14.24
CA TYR E 190 46.13 7.79 15.11
C TYR E 190 47.10 8.95 14.93
N LEU E 191 47.74 9.02 13.78
CA LEU E 191 48.85 9.92 13.58
C LEU E 191 48.41 11.37 13.76
N GLU E 192 47.27 11.72 13.19
CA GLU E 192 46.71 13.07 13.35
C GLU E 192 46.54 13.46 14.82
N ASP E 193 46.11 12.49 15.64
CA ASP E 193 46.05 12.69 17.09
C ASP E 193 47.46 12.89 17.65
N GLN E 194 48.32 11.90 17.45
CA GLN E 194 49.62 11.87 18.11
C GLN E 194 50.50 13.02 17.66
N GLN E 195 50.32 13.46 16.42
CA GLN E 195 51.01 14.64 15.92
C GLN E 195 50.68 15.86 16.78
N GLY E 196 49.47 15.88 17.34
CA GLY E 196 49.05 16.93 18.28
C GLY E 196 48.91 16.42 19.71
N GLY E 197 49.34 15.19 19.95
CA GLY E 197 49.58 14.71 21.30
C GLY E 197 48.31 14.34 22.05
N ARG E 198 47.41 13.61 21.40
CA ARG E 198 46.30 12.95 22.09
C ARG E 198 46.46 11.44 21.95
N GLU E 199 46.11 10.71 23.01
CA GLU E 199 46.35 9.27 23.06
C GLU E 199 45.09 8.52 23.48
N PHE E 200 44.51 7.76 22.55
CA PHE E 200 43.18 7.20 22.75
C PHE E 200 43.12 5.69 22.58
N TRP E 201 44.25 5.08 22.26
CA TRP E 201 44.31 3.63 22.18
C TRP E 201 44.52 3.04 23.56
N PRO E 202 44.13 1.78 23.76
CA PRO E 202 44.22 1.14 25.06
C PRO E 202 45.64 0.73 25.41
N GLN E 203 46.18 1.26 26.49
CA GLN E 203 47.57 1.00 26.86
C GLN E 203 47.79 -0.47 27.22
N GLU E 204 46.74 -1.17 27.64
CA GLU E 204 46.83 -2.61 27.90
C GLU E 204 47.03 -3.42 26.62
N VAL E 205 46.71 -2.82 25.48
CA VAL E 205 46.87 -3.47 24.17
C VAL E 205 48.15 -3.03 23.47
N TRP E 206 48.48 -1.74 23.57
CA TRP E 206 49.68 -1.24 22.88
C TRP E 206 50.96 -1.38 23.70
N SER E 207 50.82 -1.57 25.01
CA SER E 207 51.95 -1.96 25.85
C SER E 207 52.51 -3.32 25.45
N ARG E 208 51.70 -4.11 24.75
CA ARG E 208 52.07 -5.49 24.44
C ARG E 208 52.94 -5.60 23.19
N TYR E 209 53.16 -4.48 22.52
CA TYR E 209 54.02 -4.42 21.34
C TYR E 209 55.21 -3.49 21.59
N VAL E 210 54.93 -2.31 22.12
CA VAL E 210 55.91 -1.22 22.18
C VAL E 210 55.87 -0.55 23.55
N LYS E 211 56.99 0.05 23.95
CA LYS E 211 57.16 0.53 25.33
C LYS E 211 56.35 1.79 25.61
N LYS E 212 56.21 2.65 24.60
CA LYS E 212 55.30 3.80 24.67
C LYS E 212 54.57 4.01 23.34
N LEU E 213 53.32 4.50 23.41
CA LEU E 213 52.42 4.50 22.26
C LEU E 213 52.96 5.35 21.10
N GLY E 214 53.77 6.36 21.42
CA GLY E 214 54.42 7.17 20.40
C GLY E 214 55.36 6.37 19.51
N ASP E 215 55.66 5.15 19.91
CA ASP E 215 56.56 4.29 19.14
C ASP E 215 56.01 4.02 17.74
N PHE E 216 54.71 3.75 17.64
CA PHE E 216 54.11 3.38 16.36
C PHE E 216 54.34 4.43 15.27
N ALA E 217 54.72 5.64 15.66
CA ALA E 217 54.98 6.71 14.71
C ALA E 217 56.40 6.60 14.16
N LYS E 218 57.29 5.99 14.94
CA LYS E 218 58.63 5.70 14.45
C LYS E 218 58.52 4.61 13.38
N PRO E 219 59.27 4.76 12.27
CA PRO E 219 59.08 3.94 11.07
C PRO E 219 59.80 2.59 11.10
N GLU E 220 60.30 2.18 12.25
CA GLU E 220 60.81 0.82 12.43
C GLU E 220 59.73 -0.10 13.00
N ASN E 221 58.96 0.42 13.96
CA ASN E 221 57.91 -0.34 14.63
C ASN E 221 56.66 -0.52 13.75
N ILE E 222 56.70 0.03 12.54
CA ILE E 222 55.60 -0.11 11.60
C ILE E 222 54.92 -1.46 11.75
N ASP E 223 55.73 -2.52 11.76
CA ASP E 223 55.24 -3.90 11.78
C ASP E 223 54.41 -4.22 13.03
N LEU E 224 54.93 -3.82 14.19
CA LEU E 224 54.21 -3.98 15.45
C LEU E 224 52.93 -3.14 15.46
N ALA E 225 53.02 -1.93 14.91
CA ALA E 225 51.88 -1.02 14.91
C ALA E 225 50.74 -1.58 14.08
N VAL E 226 51.06 -2.19 12.95
CA VAL E 226 50.04 -2.77 12.09
C VAL E 226 49.43 -4.00 12.75
N GLN E 227 50.26 -4.74 13.47
CA GLN E 227 49.79 -5.91 14.19
C GLN E 227 48.76 -5.46 15.22
N CYS E 228 49.12 -4.43 15.97
CA CYS E 228 48.22 -3.80 16.92
C CYS E 228 46.97 -3.28 16.22
N LEU E 229 47.17 -2.59 15.09
CA LEU E 229 46.08 -2.00 14.34
C LEU E 229 44.98 -3.02 14.01
N ASN E 230 45.39 -4.24 13.68
CA ASN E 230 44.45 -5.31 13.42
C ASN E 230 43.72 -5.76 14.68
N GLU E 231 44.47 -5.95 15.75
CA GLU E 231 43.85 -6.36 17.02
C GLU E 231 42.74 -5.38 17.42
N LEU E 232 42.99 -4.09 17.21
CA LEU E 232 42.01 -3.08 17.60
C LEU E 232 40.83 -3.07 16.63
N ILE E 233 41.11 -3.19 15.33
CA ILE E 233 40.05 -3.31 14.33
C ILE E 233 39.13 -4.47 14.69
N THR E 234 39.73 -5.63 14.94
CA THR E 234 39.01 -6.83 15.36
C THR E 234 38.07 -6.55 16.55
N ASN E 235 38.60 -5.82 17.53
CA ASN E 235 37.79 -5.31 18.62
C ASN E 235 36.50 -4.67 18.12
N ALA E 236 36.65 -3.67 17.25
CA ALA E 236 35.53 -2.85 16.80
C ALA E 236 34.58 -3.66 15.94
N LEU E 237 35.13 -4.63 15.21
CA LEU E 237 34.31 -5.48 14.35
C LEU E 237 33.23 -6.13 15.17
N HIS E 238 33.52 -6.38 16.44
CA HIS E 238 32.59 -7.08 17.31
C HIS E 238 31.29 -6.28 17.52
N HIS E 239 31.27 -5.02 17.13
CA HIS E 239 30.06 -4.19 17.29
C HIS E 239 29.09 -4.29 16.10
N ILE E 240 29.52 -4.93 15.01
CA ILE E 240 28.74 -4.95 13.78
C ILE E 240 27.36 -5.53 14.00
N PRO E 241 27.29 -6.70 14.67
CA PRO E 241 26.03 -7.42 14.82
C PRO E 241 24.96 -6.59 15.50
N ASP E 242 25.36 -5.79 16.48
CA ASP E 242 24.47 -4.79 17.06
C ASP E 242 24.08 -3.77 16.02
N VAL E 243 25.08 -3.15 15.40
CA VAL E 243 24.84 -2.13 14.37
C VAL E 243 23.76 -2.62 13.39
N ILE E 244 23.85 -3.87 12.96
CA ILE E 244 22.80 -4.48 12.15
C ILE E 244 21.45 -4.36 12.86
N THR E 245 21.25 -5.16 13.91
CA THR E 245 19.95 -5.21 14.58
C THR E 245 19.35 -3.81 14.74
N TYR E 246 20.18 -2.85 15.14
CA TYR E 246 19.71 -1.46 15.30
C TYR E 246 19.06 -0.97 14.01
N LEU E 247 19.83 -0.97 12.93
CA LEU E 247 19.34 -0.48 11.65
C LEU E 247 18.11 -1.27 11.23
N SER E 248 18.10 -2.58 11.49
CA SER E 248 16.98 -3.45 11.12
C SER E 248 15.64 -2.90 11.59
N ARG E 249 15.62 -2.38 12.81
CA ARG E 249 14.38 -1.95 13.44
C ARG E 249 13.84 -0.67 12.83
N LEU E 250 14.73 0.17 12.30
CA LEU E 250 14.37 1.51 11.84
C LEU E 250 13.35 1.46 10.70
N ARG E 251 12.38 2.38 10.75
CA ARG E 251 11.24 2.37 9.84
C ARG E 251 11.25 3.61 8.95
N ASN E 252 11.62 4.75 9.52
CA ASN E 252 11.69 6.01 8.79
C ASN E 252 12.93 6.10 7.90
N GLN E 253 12.71 6.37 6.61
CA GLN E 253 13.80 6.36 5.62
C GLN E 253 14.89 7.38 5.95
N SER E 254 14.51 8.64 6.14
CA SER E 254 15.45 9.68 6.56
C SER E 254 16.20 9.24 7.81
N VAL E 255 15.48 8.75 8.80
CA VAL E 255 16.11 8.27 10.02
C VAL E 255 16.99 7.09 9.71
N PHE E 256 16.70 6.40 8.61
CA PHE E 256 17.55 5.28 8.19
C PHE E 256 18.86 5.73 7.53
N ASN E 257 18.75 6.50 6.45
CA ASN E 257 19.91 7.12 5.83
C ASN E 257 20.83 7.69 6.92
N PHE E 258 20.25 8.47 7.82
CA PHE E 258 21.02 9.13 8.88
C PHE E 258 21.89 8.12 9.61
N CYS E 259 21.29 6.99 9.97
CA CYS E 259 21.99 6.00 10.78
C CYS E 259 22.89 5.14 9.92
N ALA E 260 22.35 4.64 8.82
CA ALA E 260 23.02 3.60 8.03
C ALA E 260 24.27 4.13 7.33
N ILE E 261 24.21 5.38 6.87
CA ILE E 261 25.26 5.89 5.98
C ILE E 261 26.59 6.12 6.71
N PRO E 262 26.53 6.67 7.93
CA PRO E 262 27.78 6.85 8.66
C PRO E 262 28.40 5.56 9.21
N GLN E 263 27.58 4.53 9.45
CA GLN E 263 28.11 3.22 9.83
C GLN E 263 28.93 2.61 8.70
N VAL E 264 28.41 2.70 7.47
CA VAL E 264 29.04 2.08 6.33
C VAL E 264 30.27 2.85 5.87
N MET E 265 30.33 4.14 6.19
CA MET E 265 31.57 4.91 6.08
C MET E 265 32.61 4.36 7.04
N ALA E 266 32.16 3.83 8.17
CA ALA E 266 33.04 3.21 9.15
C ALA E 266 33.50 1.82 8.69
N ILE E 267 32.56 0.95 8.35
CA ILE E 267 32.95 -0.38 7.88
C ILE E 267 33.89 -0.24 6.68
N ALA E 268 33.58 0.73 5.81
CA ALA E 268 34.42 1.04 4.66
C ALA E 268 35.81 1.52 5.10
N THR E 269 35.85 2.32 6.16
CA THR E 269 37.12 2.80 6.67
C THR E 269 37.94 1.68 7.30
N LEU E 270 37.34 0.95 8.24
CA LEU E 270 38.03 -0.13 8.93
C LEU E 270 38.66 -1.10 7.93
N ALA E 271 37.88 -1.50 6.93
CA ALA E 271 38.33 -2.50 5.97
C ALA E 271 39.46 -1.92 5.11
N ALA E 272 39.41 -0.61 4.90
CA ALA E 272 40.47 0.08 4.16
C ALA E 272 41.72 0.20 5.04
N CYS E 273 41.52 0.44 6.33
CA CYS E 273 42.64 0.59 7.26
C CYS E 273 43.33 -0.74 7.53
N TYR E 274 42.57 -1.82 7.44
CA TYR E 274 43.00 -3.08 8.05
C TYR E 274 44.27 -3.59 7.40
N ASN E 275 45.19 -4.05 8.25
CA ASN E 275 46.53 -4.46 7.83
C ASN E 275 47.20 -3.41 6.94
N ASN E 276 46.87 -2.15 7.16
CA ASN E 276 47.39 -1.07 6.34
C ASN E 276 48.46 -0.29 7.08
N GLN E 277 49.68 -0.29 6.52
CA GLN E 277 50.78 0.46 7.13
C GLN E 277 50.57 1.95 6.90
N GLN E 278 49.78 2.29 5.89
CA GLN E 278 49.53 3.67 5.54
C GLN E 278 48.84 4.45 6.66
N VAL E 279 48.28 3.74 7.64
CA VAL E 279 47.60 4.40 8.76
C VAL E 279 48.60 5.05 9.73
N PHE E 280 49.89 4.87 9.47
CA PHE E 280 50.93 5.45 10.32
C PHE E 280 51.85 6.38 9.51
N LYS E 281 51.42 6.73 8.30
CA LYS E 281 52.25 7.49 7.38
C LYS E 281 51.46 8.65 6.77
N GLY E 282 50.27 8.90 7.28
CA GLY E 282 49.28 9.72 6.58
C GLY E 282 47.86 9.19 6.77
N ALA E 283 46.91 9.78 6.04
CA ALA E 283 45.52 9.33 6.09
C ALA E 283 45.21 8.37 4.96
N VAL E 284 44.32 7.40 5.23
CA VAL E 284 44.07 6.31 4.30
C VAL E 284 42.85 6.65 3.46
N LYS E 285 42.98 6.47 2.15
CA LYS E 285 41.96 6.89 1.21
C LYS E 285 40.84 5.86 1.11
N ILE E 286 39.68 6.20 1.69
CA ILE E 286 38.48 5.38 1.59
C ILE E 286 38.33 4.76 0.20
N ASP E 297 23.47 2.97 -3.02
CA ASP E 297 23.14 1.61 -2.63
C ASP E 297 22.58 1.55 -1.20
N ALA E 298 23.15 2.34 -0.29
CA ALA E 298 23.12 2.04 1.14
C ALA E 298 21.90 2.59 1.88
N THR E 299 20.73 2.52 1.25
CA THR E 299 19.53 3.15 1.80
C THR E 299 18.37 2.16 1.94
N ASN E 300 18.71 0.87 2.03
CA ASN E 300 17.76 -0.15 2.47
C ASN E 300 18.53 -1.36 2.97
N MET E 301 18.07 -1.93 4.07
CA MET E 301 18.88 -2.83 4.88
C MET E 301 19.53 -3.95 4.06
N PRO E 302 18.73 -4.68 3.27
CA PRO E 302 19.29 -5.83 2.57
C PRO E 302 20.56 -5.46 1.79
N ALA E 303 20.56 -4.26 1.22
CA ALA E 303 21.73 -3.70 0.55
C ALA E 303 22.82 -3.31 1.56
N VAL E 304 22.45 -2.57 2.59
CA VAL E 304 23.37 -2.27 3.68
C VAL E 304 23.96 -3.57 4.24
N LYS E 305 23.13 -4.56 4.46
CA LYS E 305 23.63 -5.87 4.88
C LYS E 305 24.68 -6.33 3.88
N ALA E 306 24.30 -6.44 2.61
CA ALA E 306 25.22 -6.92 1.58
C ALA E 306 26.52 -6.13 1.60
N ILE E 307 26.40 -4.80 1.54
CA ILE E 307 27.56 -3.93 1.50
C ILE E 307 28.53 -4.27 2.62
N ILE E 308 28.00 -4.42 3.83
CA ILE E 308 28.82 -4.78 4.98
C ILE E 308 29.57 -6.08 4.76
N TYR E 309 28.89 -7.08 4.22
CA TYR E 309 29.50 -8.39 4.02
C TYR E 309 30.64 -8.31 3.03
N GLN E 310 30.46 -7.52 1.98
CA GLN E 310 31.49 -7.33 0.95
C GLN E 310 32.76 -6.81 1.61
N TYR E 311 32.60 -5.93 2.58
CA TYR E 311 33.75 -5.38 3.30
C TYR E 311 34.37 -6.36 4.28
N MET E 312 33.58 -7.31 4.78
CA MET E 312 34.10 -8.33 5.70
C MET E 312 34.95 -9.34 4.94
N GLU E 313 34.42 -9.83 3.83
CA GLU E 313 35.16 -10.73 2.96
C GLU E 313 36.38 -10.02 2.38
N GLU E 314 36.31 -8.68 2.35
CA GLU E 314 37.43 -7.87 1.87
C GLU E 314 38.51 -7.78 2.94
N ILE E 315 38.11 -7.89 4.20
CA ILE E 315 39.06 -8.00 5.31
C ILE E 315 39.55 -9.44 5.46
N TYR E 316 38.62 -10.38 5.33
CA TYR E 316 38.89 -11.79 5.59
C TYR E 316 40.08 -12.25 4.74
N HIS E 317 40.06 -11.91 3.46
CA HIS E 317 40.94 -12.54 2.48
C HIS E 317 42.41 -12.13 2.68
N ARG E 318 42.63 -11.07 3.45
CA ARG E 318 43.97 -10.51 3.58
C ARG E 318 44.46 -10.44 5.04
N ILE E 319 43.81 -11.21 5.91
CA ILE E 319 44.41 -11.59 7.18
C ILE E 319 45.72 -12.32 6.88
N PRO E 320 46.82 -11.91 7.54
CA PRO E 320 48.00 -12.76 7.53
C PRO E 320 47.95 -13.83 8.63
N ASP E 321 48.15 -15.08 8.24
CA ASP E 321 48.29 -16.18 9.19
C ASP E 321 49.10 -15.77 10.41
N SER E 322 50.33 -15.34 10.17
CA SER E 322 51.32 -15.12 11.23
C SER E 322 50.89 -14.04 12.24
N ASP E 323 49.67 -13.55 12.12
CA ASP E 323 49.22 -12.38 12.88
C ASP E 323 48.54 -12.79 14.18
N PRO E 324 48.92 -12.16 15.30
CA PRO E 324 48.43 -12.51 16.65
C PRO E 324 46.90 -12.59 16.76
N SER E 325 46.20 -11.88 15.88
CA SER E 325 44.75 -11.82 15.93
C SER E 325 44.15 -12.56 14.74
N SER E 326 45.01 -13.22 13.97
CA SER E 326 44.58 -14.04 12.83
C SER E 326 43.24 -14.73 13.10
N SER E 327 43.12 -15.37 14.24
CA SER E 327 41.96 -16.23 14.52
C SER E 327 40.80 -15.44 15.12
N LYS E 328 41.13 -14.46 15.95
CA LYS E 328 40.11 -13.59 16.53
C LYS E 328 39.30 -12.97 15.42
N THR E 329 40.00 -12.41 14.45
CA THR E 329 39.36 -11.78 13.29
C THR E 329 38.46 -12.75 12.54
N ARG E 330 39.03 -13.87 12.13
CA ARG E 330 38.28 -14.95 11.47
C ARG E 330 36.98 -15.28 12.21
N GLN E 331 37.07 -15.44 13.53
CA GLN E 331 35.98 -16.02 14.29
C GLN E 331 34.81 -15.04 14.43
N ILE E 332 35.14 -13.77 14.67
CA ILE E 332 34.12 -12.73 14.71
C ILE E 332 33.58 -12.51 13.31
N ILE E 333 34.45 -12.61 12.32
CA ILE E 333 34.03 -12.48 10.93
C ILE E 333 32.90 -13.45 10.61
N SER E 334 33.03 -14.69 11.07
CA SER E 334 32.06 -15.74 10.76
C SER E 334 30.85 -15.69 11.69
N THR E 335 31.03 -15.14 12.87
CA THR E 335 29.89 -14.85 13.74
C THR E 335 28.97 -13.89 13.00
N ILE E 336 29.56 -12.96 12.25
CA ILE E 336 28.79 -12.00 11.46
C ILE E 336 28.18 -12.63 10.21
N ARG E 337 28.89 -13.58 9.60
CA ARG E 337 28.49 -14.12 8.30
C ARG E 337 27.32 -15.10 8.39
N THR E 338 26.88 -15.41 9.61
CA THR E 338 25.90 -16.47 9.81
C THR E 338 24.78 -16.03 10.75
N GLN E 339 25.11 -15.15 11.70
CA GLN E 339 24.11 -14.53 12.58
C GLN E 339 22.70 -15.01 12.24
N SER F 8 30.22 -24.49 15.60
CA SER F 8 28.94 -24.80 14.91
C SER F 8 29.21 -25.39 13.52
N SER F 9 28.17 -25.87 12.87
CA SER F 9 28.27 -26.33 11.49
C SER F 9 27.75 -25.26 10.52
N LEU F 10 26.65 -24.62 10.90
CA LEU F 10 26.10 -23.52 10.13
C LEU F 10 27.15 -22.44 9.92
N LYS F 11 27.92 -22.14 10.96
CA LYS F 11 29.07 -21.26 10.84
C LYS F 11 30.00 -21.76 9.74
N THR F 12 30.19 -23.07 9.68
CA THR F 12 31.14 -23.66 8.73
C THR F 12 30.59 -23.65 7.31
N CYS F 13 29.26 -23.65 7.18
CA CYS F 13 28.62 -23.51 5.87
C CYS F 13 28.94 -22.18 5.21
N TYR F 14 28.55 -21.09 5.87
CA TYR F 14 28.79 -19.75 5.36
C TYR F 14 30.28 -19.48 5.15
N LYS F 15 31.13 -20.30 5.78
CA LYS F 15 32.54 -20.34 5.44
C LYS F 15 32.70 -20.86 4.01
N TYR F 16 32.10 -22.02 3.76
CA TYR F 16 32.18 -22.65 2.44
C TYR F 16 31.43 -21.85 1.39
N LEU F 17 30.43 -21.08 1.81
CA LEU F 17 29.68 -20.24 0.89
C LEU F 17 30.58 -19.11 0.38
N ASN F 18 31.25 -18.43 1.29
CA ASN F 18 32.02 -17.24 0.93
C ASN F 18 33.29 -17.59 0.15
N GLN F 19 33.64 -18.87 0.09
CA GLN F 19 34.87 -19.29 -0.57
C GLN F 19 34.61 -20.00 -1.89
N THR F 20 33.42 -20.56 -2.05
CA THR F 20 33.00 -21.08 -3.36
C THR F 20 32.33 -19.99 -4.21
N SER F 21 31.37 -19.28 -3.61
CA SER F 21 30.58 -18.30 -4.35
C SER F 21 31.40 -17.08 -4.75
N ARG F 22 31.16 -16.60 -5.96
CA ARG F 22 31.74 -15.34 -6.41
C ARG F 22 31.36 -14.22 -5.45
N SER F 23 30.09 -13.83 -5.48
CA SER F 23 29.62 -12.72 -4.65
C SER F 23 28.12 -12.81 -4.35
N PHE F 24 27.39 -13.58 -5.16
CA PHE F 24 26.17 -14.24 -4.69
C PHE F 24 26.19 -14.35 -3.16
N ALA F 25 27.34 -14.74 -2.62
CA ALA F 25 27.57 -14.80 -1.18
C ALA F 25 26.84 -13.69 -0.44
N ALA F 26 27.39 -12.49 -0.47
CA ALA F 26 26.87 -11.39 0.33
C ALA F 26 25.36 -11.31 0.18
N VAL F 27 24.89 -11.33 -1.05
CA VAL F 27 23.48 -11.16 -1.35
C VAL F 27 22.60 -12.26 -0.74
N ILE F 28 23.11 -13.49 -0.71
CA ILE F 28 22.44 -14.58 0.00
C ILE F 28 22.32 -14.27 1.50
N GLN F 29 23.42 -13.83 2.09
CA GLN F 29 23.46 -13.56 3.53
C GLN F 29 22.56 -12.38 3.86
N ALA F 30 22.04 -11.73 2.82
CA ALA F 30 21.25 -10.52 2.99
C ALA F 30 19.75 -10.82 2.98
N LEU F 31 19.39 -12.04 2.59
CA LEU F 31 17.99 -12.43 2.48
C LEU F 31 17.24 -12.23 3.81
N ASP F 32 15.92 -12.12 3.75
CA ASP F 32 15.09 -12.05 4.96
C ASP F 32 14.86 -13.44 5.56
N GLY F 33 14.99 -13.53 6.88
CA GLY F 33 14.32 -14.56 7.67
C GLY F 33 14.74 -15.98 7.35
N GLU F 34 13.76 -16.86 7.17
CA GLU F 34 14.04 -18.28 6.94
C GLU F 34 14.79 -18.49 5.62
N MET F 35 14.75 -17.50 4.73
CA MET F 35 15.35 -17.64 3.40
C MET F 35 16.88 -17.70 3.45
N ARG F 36 17.46 -17.01 4.43
CA ARG F 36 18.92 -16.93 4.57
C ARG F 36 19.60 -18.28 4.39
N ASN F 37 19.46 -19.14 5.38
CA ASN F 37 20.16 -20.42 5.41
C ASN F 37 19.70 -21.32 4.27
N ALA F 38 18.42 -21.26 3.94
CA ALA F 38 17.84 -22.16 2.94
C ALA F 38 18.66 -22.11 1.66
N VAL F 39 18.78 -20.90 1.11
CA VAL F 39 19.43 -20.71 -0.19
C VAL F 39 20.94 -20.89 -0.09
N CYS F 40 21.51 -20.41 1.01
CA CYS F 40 22.90 -20.69 1.34
C CYS F 40 23.19 -22.18 1.18
N ILE F 41 22.38 -23.03 1.82
CA ILE F 41 22.52 -24.48 1.66
C ILE F 41 22.25 -24.88 0.23
N PHE F 42 21.22 -24.29 -0.37
CA PHE F 42 20.81 -24.65 -1.72
C PHE F 42 21.91 -24.30 -2.73
N TYR F 43 22.71 -23.28 -2.41
CA TYR F 43 23.89 -22.99 -3.21
C TYR F 43 24.97 -24.05 -2.98
N LEU F 44 25.29 -24.29 -1.72
CA LEU F 44 26.37 -25.22 -1.39
C LEU F 44 26.04 -26.64 -1.88
N VAL F 45 24.79 -27.06 -1.69
CA VAL F 45 24.34 -28.37 -2.15
C VAL F 45 24.50 -28.54 -3.65
N LEU F 46 24.15 -27.49 -4.41
CA LEU F 46 24.31 -27.49 -5.86
C LEU F 46 25.76 -27.25 -6.26
N ARG F 47 26.51 -26.61 -5.38
CA ARG F 47 27.93 -26.43 -5.62
C ARG F 47 28.62 -27.77 -5.67
N ALA F 48 28.31 -28.63 -4.71
CA ALA F 48 28.90 -29.96 -4.64
C ALA F 48 28.51 -30.81 -5.85
N LEU F 49 27.23 -30.78 -6.21
CA LEU F 49 26.75 -31.53 -7.36
C LEU F 49 27.58 -31.15 -8.59
N ASP F 50 27.67 -29.86 -8.88
CA ASP F 50 28.45 -29.38 -10.01
C ASP F 50 29.89 -29.90 -9.97
N THR F 51 30.51 -29.81 -8.79
CA THR F 51 31.93 -30.11 -8.64
C THR F 51 32.26 -31.55 -9.01
N LEU F 52 31.22 -32.38 -9.11
CA LEU F 52 31.33 -33.67 -9.76
C LEU F 52 31.31 -33.51 -11.28
N GLU F 53 30.17 -33.10 -11.83
CA GLU F 53 30.07 -32.84 -13.27
C GLU F 53 31.36 -32.23 -13.80
N ASP F 54 31.99 -31.38 -13.00
CA ASP F 54 33.16 -30.62 -13.44
C ASP F 54 34.42 -31.48 -13.48
N ASP F 55 34.46 -32.52 -12.64
CA ASP F 55 35.71 -33.21 -12.33
C ASP F 55 36.13 -34.17 -13.43
N MET F 56 37.17 -33.81 -14.17
CA MET F 56 37.57 -34.52 -15.39
C MET F 56 38.14 -35.90 -15.08
N THR F 57 38.65 -36.07 -13.86
CA THR F 57 39.35 -37.29 -13.48
C THR F 57 38.36 -38.37 -13.04
N ILE F 58 37.09 -38.00 -12.90
CA ILE F 58 36.04 -38.98 -12.61
C ILE F 58 35.54 -39.63 -13.90
N SER F 59 35.59 -40.96 -13.93
CA SER F 59 35.10 -41.72 -15.07
C SER F 59 33.57 -41.73 -15.08
N VAL F 60 33.00 -42.04 -16.25
CA VAL F 60 31.58 -41.83 -16.50
C VAL F 60 30.74 -43.05 -16.10
N GLU F 61 31.38 -44.22 -16.01
CA GLU F 61 30.75 -45.35 -15.33
C GLU F 61 30.47 -45.00 -13.87
N LYS F 62 31.35 -44.21 -13.26
CA LYS F 62 31.23 -43.87 -11.85
C LYS F 62 30.76 -42.43 -11.64
N LYS F 63 30.41 -41.76 -12.73
CA LYS F 63 29.89 -40.40 -12.65
C LYS F 63 28.36 -40.41 -12.62
N VAL F 64 27.76 -41.13 -13.56
CA VAL F 64 26.30 -41.17 -13.69
C VAL F 64 25.62 -41.39 -12.33
N PRO F 65 25.86 -42.56 -11.71
CA PRO F 65 25.09 -42.89 -10.51
C PRO F 65 25.28 -41.88 -9.37
N LEU F 66 26.54 -41.54 -9.10
CA LEU F 66 26.84 -40.48 -8.13
C LEU F 66 25.93 -39.26 -8.34
N LEU F 67 25.70 -38.91 -9.61
CA LEU F 67 24.80 -37.81 -9.95
C LEU F 67 23.35 -38.20 -9.69
N HIS F 68 22.90 -39.25 -10.38
CA HIS F 68 21.51 -39.67 -10.31
C HIS F 68 20.98 -39.63 -8.87
N ASN F 69 21.65 -40.33 -7.97
CA ASN F 69 21.21 -40.40 -6.57
C ASN F 69 22.07 -39.54 -5.64
N PHE F 70 22.36 -38.33 -6.10
CA PHE F 70 22.94 -37.29 -5.25
C PHE F 70 21.90 -36.73 -4.27
N HIS F 71 20.65 -36.70 -4.71
CA HIS F 71 19.56 -36.11 -3.92
C HIS F 71 19.17 -37.01 -2.75
N SER F 72 19.55 -38.29 -2.83
CA SER F 72 19.35 -39.20 -1.72
C SER F 72 20.42 -39.02 -0.66
N PHE F 73 21.60 -38.56 -1.08
CA PHE F 73 22.74 -38.44 -0.18
C PHE F 73 22.48 -37.36 0.88
N LEU F 74 21.61 -36.42 0.56
CA LEU F 74 21.17 -35.43 1.54
C LEU F 74 20.58 -36.11 2.76
N TYR F 75 20.05 -37.32 2.55
CA TYR F 75 19.45 -38.10 3.63
C TYR F 75 20.28 -39.34 3.95
N GLN F 76 21.53 -39.12 4.36
CA GLN F 76 22.41 -40.20 4.84
C GLN F 76 23.69 -39.59 5.40
N PRO F 77 23.74 -39.40 6.73
CA PRO F 77 24.63 -38.38 7.31
C PRO F 77 26.10 -38.56 6.94
N ASP F 78 26.59 -39.80 6.97
CA ASP F 78 28.03 -40.08 6.95
C ASP F 78 28.57 -40.21 5.52
N TRP F 79 27.78 -39.75 4.54
CA TRP F 79 28.20 -39.79 3.14
C TRP F 79 29.21 -38.67 2.83
N ARG F 80 30.14 -38.95 1.94
CA ARG F 80 30.95 -37.90 1.33
C ARG F 80 31.58 -38.36 0.01
N PHE F 81 32.50 -37.57 -0.52
CA PHE F 81 33.33 -38.00 -1.63
C PHE F 81 34.69 -37.35 -1.54
N MET F 82 35.65 -38.09 -0.99
CA MET F 82 37.03 -37.63 -0.95
C MET F 82 37.76 -38.08 -2.23
N GLU F 83 38.89 -37.44 -2.52
CA GLU F 83 39.65 -37.72 -3.73
C GLU F 83 38.92 -37.19 -4.96
N SER F 84 38.75 -35.87 -5.01
CA SER F 84 38.49 -35.19 -6.27
C SER F 84 39.77 -34.52 -6.75
N LYS F 85 39.66 -33.57 -7.66
CA LYS F 85 40.83 -32.84 -8.17
C LYS F 85 40.55 -31.35 -8.33
N GLU F 86 39.58 -30.84 -7.57
CA GLU F 86 39.11 -29.47 -7.73
C GLU F 86 39.48 -28.60 -6.53
N LYS F 87 39.46 -27.29 -6.73
CA LYS F 87 39.53 -26.33 -5.64
C LYS F 87 38.40 -26.57 -4.63
N ASP F 88 37.19 -26.77 -5.16
CA ASP F 88 35.99 -26.69 -4.36
C ASP F 88 35.63 -28.05 -3.76
N ARG F 89 36.64 -28.76 -3.27
CA ARG F 89 36.51 -30.19 -2.96
C ARG F 89 36.18 -30.43 -1.48
N GLN F 90 36.28 -29.38 -0.67
CA GLN F 90 35.94 -29.47 0.75
C GLN F 90 34.45 -29.75 0.93
N VAL F 91 33.63 -29.15 0.08
CA VAL F 91 32.17 -29.28 0.20
C VAL F 91 31.76 -30.75 0.08
N LEU F 92 32.64 -31.56 -0.49
CA LEU F 92 32.44 -33.01 -0.54
C LEU F 92 33.12 -33.71 0.64
N GLU F 93 34.38 -33.36 0.89
CA GLU F 93 35.16 -34.01 1.94
C GLU F 93 34.54 -33.75 3.31
N ASP F 94 33.87 -32.61 3.44
CA ASP F 94 33.06 -32.29 4.62
C ASP F 94 31.61 -32.01 4.20
N PHE F 95 31.01 -32.95 3.48
CA PHE F 95 29.60 -32.87 3.14
C PHE F 95 28.67 -33.15 4.33
N PRO F 96 29.14 -33.97 5.29
CA PRO F 96 28.28 -34.29 6.43
C PRO F 96 27.73 -33.06 7.13
N THR F 97 28.56 -32.03 7.31
CA THR F 97 28.11 -30.79 7.94
C THR F 97 27.23 -29.97 7.00
N ILE F 98 27.07 -30.45 5.76
CA ILE F 98 26.07 -29.88 4.85
C ILE F 98 24.78 -30.71 4.92
N SER F 99 24.91 -32.03 4.74
CA SER F 99 23.80 -32.96 4.94
C SER F 99 22.98 -32.57 6.17
N LEU F 100 23.67 -32.37 7.29
CA LEU F 100 23.05 -32.11 8.57
C LEU F 100 22.17 -30.86 8.48
N GLU F 101 22.80 -29.74 8.14
CA GLU F 101 22.13 -28.44 8.19
C GLU F 101 21.06 -28.32 7.12
N PHE F 102 21.10 -29.19 6.12
CA PHE F 102 19.97 -29.37 5.21
C PHE F 102 18.77 -29.93 5.97
N ARG F 103 19.01 -31.02 6.70
CA ARG F 103 17.94 -31.71 7.44
C ARG F 103 17.32 -30.80 8.49
N ASN F 104 17.98 -29.69 8.77
CA ASN F 104 17.46 -28.69 9.70
C ASN F 104 16.46 -27.73 9.04
N LEU F 105 16.66 -27.46 7.75
CA LEU F 105 15.69 -26.67 6.99
C LEU F 105 14.30 -27.29 7.13
N ALA F 106 13.29 -26.45 7.38
CA ALA F 106 11.93 -26.94 7.55
C ALA F 106 11.49 -27.74 6.33
N GLU F 107 10.42 -28.53 6.47
CA GLU F 107 10.08 -29.55 5.47
C GLU F 107 10.02 -28.91 4.08
N LYS F 108 9.32 -27.78 3.99
CA LYS F 108 8.94 -27.23 2.70
C LYS F 108 10.16 -26.90 1.86
N TYR F 109 11.16 -26.26 2.47
CA TYR F 109 12.39 -25.90 1.76
C TYR F 109 13.17 -27.15 1.39
N GLN F 110 13.15 -28.11 2.30
CA GLN F 110 13.84 -29.40 2.12
C GLN F 110 13.27 -30.15 0.91
N THR F 111 11.95 -30.25 0.85
CA THR F 111 11.27 -30.88 -0.28
C THR F 111 11.84 -30.32 -1.57
N VAL F 112 11.86 -29.00 -1.68
CA VAL F 112 12.11 -28.32 -2.95
C VAL F 112 13.52 -28.59 -3.47
N ILE F 113 14.50 -28.46 -2.57
CA ILE F 113 15.91 -28.61 -2.96
C ILE F 113 16.19 -30.05 -3.40
N ALA F 114 15.56 -30.99 -2.71
CA ALA F 114 15.63 -32.40 -3.08
C ALA F 114 15.15 -32.58 -4.52
N ASP F 115 14.15 -31.79 -4.90
CA ASP F 115 13.46 -31.96 -6.17
C ASP F 115 14.33 -31.45 -7.32
N ILE F 116 15.03 -30.35 -7.07
CA ILE F 116 15.78 -29.67 -8.12
C ILE F 116 17.18 -30.23 -8.21
N CYS F 117 17.71 -30.67 -7.08
CA CYS F 117 18.96 -31.42 -7.07
C CYS F 117 18.82 -32.71 -7.88
N ARG F 118 17.71 -33.40 -7.67
CA ARG F 118 17.40 -34.63 -8.40
C ARG F 118 17.18 -34.33 -9.88
N ARG F 119 16.20 -33.47 -10.17
CA ARG F 119 15.83 -33.15 -11.54
C ARG F 119 17.01 -32.67 -12.38
N MET F 120 18.09 -32.26 -11.70
CA MET F 120 19.32 -31.90 -12.37
C MET F 120 20.18 -33.13 -12.64
N GLY F 121 20.28 -33.99 -11.64
CA GLY F 121 20.99 -35.27 -11.79
C GLY F 121 20.67 -35.92 -13.12
N ILE F 122 19.42 -36.35 -13.27
CA ILE F 122 18.94 -36.91 -14.53
C ILE F 122 19.56 -36.13 -15.68
N GLY F 123 19.41 -34.82 -15.64
CA GLY F 123 19.68 -33.94 -16.77
C GLY F 123 21.15 -33.76 -17.07
N MET F 124 21.95 -33.57 -16.02
CA MET F 124 23.40 -33.49 -16.18
C MET F 124 23.96 -34.79 -16.74
N ALA F 125 23.44 -35.91 -16.24
CA ALA F 125 23.78 -37.22 -16.76
C ALA F 125 23.62 -37.25 -18.27
N GLU F 126 22.49 -36.75 -18.75
CA GLU F 126 22.24 -36.69 -20.20
C GLU F 126 23.47 -36.14 -20.92
N PHE F 127 24.05 -35.07 -20.38
CA PHE F 127 24.94 -34.18 -21.15
C PHE F 127 26.42 -34.38 -20.85
N LEU F 128 26.82 -35.61 -20.57
CA LEU F 128 28.24 -35.90 -20.32
C LEU F 128 28.95 -36.25 -21.61
N ASP F 129 28.70 -37.45 -22.13
CA ASP F 129 29.29 -37.88 -23.40
C ASP F 129 28.52 -37.28 -24.58
N LYS F 130 27.37 -36.68 -24.29
CA LYS F 130 26.73 -35.78 -25.24
C LYS F 130 27.13 -34.33 -24.95
N HIS F 131 27.42 -33.57 -26.00
CA HIS F 131 27.69 -32.13 -25.86
C HIS F 131 26.65 -31.29 -26.61
N VAL F 132 26.72 -29.98 -26.45
CA VAL F 132 25.61 -29.09 -26.76
C VAL F 132 25.59 -28.71 -28.24
N THR F 133 24.72 -29.37 -29.00
CA THR F 133 24.73 -29.29 -30.46
C THR F 133 23.82 -28.18 -30.96
N SER F 134 22.53 -28.30 -30.65
CA SER F 134 21.50 -27.46 -31.25
C SER F 134 21.02 -26.36 -30.31
N GLU F 135 20.50 -25.28 -30.87
CA GLU F 135 19.89 -24.21 -30.07
C GLU F 135 18.80 -24.79 -29.18
N GLN F 136 17.77 -25.36 -29.79
CA GLN F 136 16.76 -26.13 -29.05
C GLN F 136 17.35 -26.75 -27.78
N GLU F 137 18.41 -27.53 -27.95
CA GLU F 137 18.96 -28.33 -26.87
C GLU F 137 19.79 -27.46 -25.92
N TRP F 138 20.48 -26.48 -26.48
CA TRP F 138 21.26 -25.56 -25.68
C TRP F 138 20.43 -24.98 -24.53
N ASP F 139 19.22 -24.54 -24.85
CA ASP F 139 18.24 -24.19 -23.82
C ASP F 139 18.16 -25.32 -22.79
N LYS F 140 17.85 -26.52 -23.26
CA LYS F 140 17.62 -27.66 -22.38
C LYS F 140 18.77 -27.89 -21.41
N TYR F 141 20.00 -27.66 -21.86
CA TYR F 141 21.17 -27.86 -21.02
C TYR F 141 21.19 -26.87 -19.87
N CYS F 142 21.01 -25.59 -20.20
CA CYS F 142 21.00 -24.54 -19.21
C CYS F 142 19.80 -24.71 -18.28
N HIS F 143 18.68 -25.15 -18.84
CA HIS F 143 17.51 -25.51 -18.05
C HIS F 143 17.92 -26.43 -16.90
N TYR F 144 18.59 -27.53 -17.23
CA TYR F 144 19.06 -28.48 -16.21
C TYR F 144 19.98 -27.76 -15.20
N VAL F 145 20.96 -27.02 -15.72
CA VAL F 145 22.11 -26.61 -14.91
C VAL F 145 21.93 -25.23 -14.29
N ALA F 146 20.87 -24.51 -14.70
CA ALA F 146 20.74 -23.09 -14.38
C ALA F 146 19.27 -22.65 -14.36
N GLY F 147 18.53 -23.00 -15.42
CA GLY F 147 17.11 -22.73 -15.46
C GLY F 147 16.39 -23.26 -14.23
N LEU F 148 16.57 -24.55 -13.96
CA LEU F 148 15.94 -25.20 -12.82
C LEU F 148 16.27 -24.50 -11.51
N VAL F 149 17.55 -24.20 -11.31
CA VAL F 149 18.00 -23.43 -10.14
C VAL F 149 17.08 -22.23 -9.84
N GLY F 150 16.75 -21.46 -10.88
CA GLY F 150 15.87 -20.30 -10.74
C GLY F 150 14.47 -20.69 -10.33
N ILE F 151 13.94 -21.72 -10.96
CA ILE F 151 12.66 -22.30 -10.56
C ILE F 151 12.72 -22.62 -9.07
N GLY F 152 13.68 -23.45 -8.67
CA GLY F 152 13.90 -23.75 -7.27
C GLY F 152 13.90 -22.52 -6.38
N LEU F 153 14.53 -21.45 -6.84
CA LEU F 153 14.59 -20.20 -6.07
C LEU F 153 13.19 -19.60 -5.96
N SER F 154 12.51 -19.48 -7.09
CA SER F 154 11.14 -18.98 -7.08
C SER F 154 10.32 -19.66 -5.99
N ARG F 155 10.54 -20.96 -5.82
CA ARG F 155 9.69 -21.78 -4.97
C ARG F 155 9.97 -21.53 -3.50
N LEU F 156 11.26 -21.46 -3.15
CA LEU F 156 11.67 -21.11 -1.79
C LEU F 156 11.12 -19.75 -1.39
N PHE F 157 11.13 -18.81 -2.33
CA PHE F 157 10.58 -17.48 -2.10
C PHE F 157 9.12 -17.60 -1.68
N SER F 158 8.30 -18.20 -2.53
CA SER F 158 6.87 -18.34 -2.24
C SER F 158 6.65 -19.17 -0.98
N ALA F 159 7.42 -20.25 -0.85
CA ALA F 159 7.28 -21.15 0.29
C ALA F 159 7.56 -20.44 1.61
N SER F 160 8.46 -19.45 1.56
CA SER F 160 8.85 -18.71 2.76
C SER F 160 7.79 -17.68 3.13
N GLU F 161 6.71 -17.63 2.36
CA GLU F 161 5.66 -16.61 2.51
C GLU F 161 6.24 -15.19 2.46
N PHE F 162 7.42 -15.02 1.86
CA PHE F 162 8.07 -13.71 1.79
C PHE F 162 7.70 -12.95 0.52
N GLU F 163 7.18 -13.66 -0.47
CA GLU F 163 6.92 -13.07 -1.76
C GLU F 163 5.43 -13.12 -2.08
N ASP F 164 4.99 -14.29 -2.56
CA ASP F 164 3.62 -14.47 -3.05
C ASP F 164 3.53 -15.75 -3.87
N PRO F 165 2.48 -16.56 -3.63
CA PRO F 165 2.33 -17.84 -4.31
C PRO F 165 2.50 -17.75 -5.82
N LEU F 166 2.09 -16.63 -6.40
CA LEU F 166 2.20 -16.39 -7.84
C LEU F 166 3.65 -16.47 -8.34
N VAL F 167 4.63 -16.23 -7.46
CA VAL F 167 6.03 -16.11 -7.87
C VAL F 167 6.64 -17.47 -8.20
N GLY F 168 6.45 -18.43 -7.29
CA GLY F 168 6.85 -19.80 -7.53
C GLY F 168 6.15 -20.39 -8.74
N GLU F 169 4.88 -20.03 -8.91
CA GLU F 169 4.02 -20.67 -9.89
C GLU F 169 4.54 -20.42 -11.31
N ASP F 170 5.04 -19.21 -11.54
CA ASP F 170 5.49 -18.82 -12.87
C ASP F 170 6.86 -19.43 -13.13
N THR F 171 6.88 -20.61 -13.73
CA THR F 171 8.11 -21.38 -13.85
C THR F 171 8.79 -21.18 -15.22
N GLU F 172 8.07 -20.57 -16.16
CA GLU F 172 8.62 -20.36 -17.49
C GLU F 172 9.52 -19.14 -17.52
N ARG F 173 9.17 -18.11 -16.75
CA ARG F 173 9.98 -16.91 -16.66
C ARG F 173 11.11 -17.08 -15.64
N ALA F 174 10.83 -17.82 -14.57
CA ALA F 174 11.88 -18.25 -13.64
C ALA F 174 12.99 -19.01 -14.39
N ASN F 175 12.58 -19.98 -15.19
CA ASN F 175 13.51 -20.69 -16.05
C ASN F 175 14.46 -19.72 -16.74
N SER F 176 13.88 -18.72 -17.40
CA SER F 176 14.64 -17.84 -18.28
C SER F 176 15.70 -17.07 -17.49
N MET F 177 15.33 -16.61 -16.30
CA MET F 177 16.26 -15.95 -15.38
C MET F 177 17.53 -16.78 -15.27
N GLY F 178 17.38 -18.10 -15.23
CA GLY F 178 18.52 -19.00 -15.13
C GLY F 178 19.21 -19.20 -16.46
N LEU F 179 18.41 -19.29 -17.52
CA LEU F 179 18.95 -19.50 -18.87
C LEU F 179 19.78 -18.30 -19.29
N PHE F 180 19.42 -17.11 -18.78
CA PHE F 180 20.12 -15.88 -19.11
C PHE F 180 21.48 -15.80 -18.41
N LEU F 181 21.48 -15.88 -17.08
CA LEU F 181 22.73 -15.90 -16.32
C LEU F 181 23.70 -16.91 -16.94
N GLN F 182 23.17 -18.08 -17.29
CA GLN F 182 24.00 -19.21 -17.72
C GLN F 182 24.58 -18.97 -19.10
N LYS F 183 23.73 -18.53 -20.03
CA LYS F 183 24.17 -18.25 -21.37
C LYS F 183 25.21 -17.13 -21.38
N THR F 184 25.09 -16.19 -20.45
CA THR F 184 26.02 -15.06 -20.35
C THR F 184 27.43 -15.56 -20.02
N ASN F 185 27.52 -16.46 -19.03
CA ASN F 185 28.82 -17.01 -18.64
C ASN F 185 29.56 -17.60 -19.85
N ILE F 186 28.86 -18.45 -20.58
CA ILE F 186 29.42 -19.14 -21.73
C ILE F 186 29.36 -18.26 -22.98
N ASN F 235 21.01 -13.10 -29.15
CA ASN F 235 20.18 -14.27 -28.83
C ASN F 235 19.76 -14.33 -27.37
N ALA F 236 20.75 -14.45 -26.48
CA ALA F 236 20.48 -14.41 -25.05
C ALA F 236 19.53 -13.26 -24.74
N LEU F 237 19.76 -12.13 -25.40
CA LEU F 237 18.90 -10.95 -25.26
C LEU F 237 17.42 -11.29 -25.16
N HIS F 238 16.97 -12.24 -25.98
CA HIS F 238 15.55 -12.59 -26.05
C HIS F 238 14.94 -12.94 -24.68
N HIS F 239 15.80 -13.28 -23.72
CA HIS F 239 15.33 -13.64 -22.38
C HIS F 239 14.89 -12.42 -21.58
N ILE F 240 15.39 -11.24 -21.97
CA ILE F 240 15.34 -10.08 -21.09
C ILE F 240 13.92 -9.76 -20.64
N PRO F 241 12.96 -9.79 -21.59
CA PRO F 241 11.55 -9.53 -21.28
C PRO F 241 10.99 -10.40 -20.17
N ASP F 242 11.33 -11.69 -20.19
CA ASP F 242 10.98 -12.58 -19.09
C ASP F 242 11.65 -12.14 -17.79
N VAL F 243 12.91 -11.72 -17.88
CA VAL F 243 13.62 -11.24 -16.71
C VAL F 243 12.93 -10.01 -16.13
N ILE F 244 12.61 -9.03 -16.98
CA ILE F 244 11.97 -7.81 -16.51
C ILE F 244 10.61 -8.12 -15.89
N THR F 245 9.85 -8.99 -16.54
CA THR F 245 8.49 -9.29 -16.11
C THR F 245 8.47 -10.09 -14.80
N TYR F 246 9.48 -10.93 -14.60
CA TYR F 246 9.64 -11.65 -13.35
C TYR F 246 9.96 -10.70 -12.20
N LEU F 247 11.10 -10.04 -12.29
CA LEU F 247 11.53 -9.08 -11.25
C LEU F 247 10.39 -8.12 -10.90
N SER F 248 9.62 -7.74 -11.91
CA SER F 248 8.57 -6.73 -11.74
C SER F 248 7.45 -7.25 -10.85
N ARG F 249 7.47 -8.54 -10.57
CA ARG F 249 6.46 -9.16 -9.72
C ARG F 249 6.86 -9.17 -8.26
N LEU F 250 8.15 -8.94 -7.99
CA LEU F 250 8.73 -9.19 -6.66
C LEU F 250 8.39 -8.08 -5.66
N ARG F 251 8.25 -8.46 -4.39
CA ARG F 251 7.72 -7.56 -3.35
C ARG F 251 8.71 -7.28 -2.22
N ASN F 252 9.68 -8.16 -2.05
CA ASN F 252 10.60 -8.09 -0.93
C ASN F 252 11.99 -7.59 -1.37
N GLN F 253 12.46 -6.52 -0.75
CA GLN F 253 13.73 -5.90 -1.17
C GLN F 253 14.86 -6.91 -1.26
N SER F 254 15.03 -7.72 -0.22
CA SER F 254 16.06 -8.75 -0.22
C SER F 254 15.91 -9.68 -1.42
N VAL F 255 14.69 -10.20 -1.62
CA VAL F 255 14.43 -11.08 -2.75
C VAL F 255 14.69 -10.36 -4.07
N PHE F 256 14.29 -9.09 -4.13
CA PHE F 256 14.50 -8.29 -5.33
C PHE F 256 16.00 -8.12 -5.63
N ASN F 257 16.73 -7.60 -4.65
CA ASN F 257 18.17 -7.36 -4.80
C ASN F 257 18.88 -8.63 -5.28
N PHE F 258 18.51 -9.74 -4.67
CA PHE F 258 19.17 -11.01 -4.95
C PHE F 258 18.97 -11.37 -6.40
N CYS F 259 17.79 -11.07 -6.93
CA CYS F 259 17.50 -11.38 -8.32
C CYS F 259 18.07 -10.33 -9.27
N ALA F 260 17.81 -9.07 -8.96
CA ALA F 260 18.04 -7.98 -9.90
C ALA F 260 19.52 -7.75 -10.13
N ILE F 261 20.30 -7.75 -9.05
CA ILE F 261 21.72 -7.37 -9.12
C ILE F 261 22.50 -8.30 -10.07
N PRO F 262 22.36 -9.62 -9.91
CA PRO F 262 22.96 -10.56 -10.87
C PRO F 262 22.55 -10.31 -12.31
N GLN F 263 21.25 -10.17 -12.55
CA GLN F 263 20.74 -9.98 -13.90
C GLN F 263 21.41 -8.80 -14.57
N VAL F 264 21.70 -7.76 -13.80
CA VAL F 264 22.25 -6.53 -14.35
C VAL F 264 23.71 -6.73 -14.72
N MET F 265 24.48 -7.30 -13.81
CA MET F 265 25.88 -7.65 -14.09
C MET F 265 25.94 -8.49 -15.37
N ALA F 266 24.97 -9.39 -15.51
CA ALA F 266 24.94 -10.31 -16.65
C ALA F 266 24.81 -9.55 -17.95
N ILE F 267 23.98 -8.52 -17.96
CA ILE F 267 23.85 -7.64 -19.12
C ILE F 267 25.11 -6.80 -19.25
N ALA F 268 25.55 -6.25 -18.13
CA ALA F 268 26.79 -5.49 -18.09
C ALA F 268 27.89 -6.20 -18.88
N THR F 269 28.07 -7.50 -18.61
CA THR F 269 29.12 -8.28 -19.26
C THR F 269 28.81 -8.45 -20.76
N LEU F 270 27.62 -8.92 -21.08
CA LEU F 270 27.19 -9.02 -22.48
C LEU F 270 27.48 -7.71 -23.25
N ALA F 271 27.27 -6.58 -22.58
CA ALA F 271 27.52 -5.26 -23.18
C ALA F 271 29.02 -5.05 -23.40
N ALA F 272 29.83 -5.59 -22.51
CA ALA F 272 31.27 -5.56 -22.69
C ALA F 272 31.66 -6.35 -23.94
N CYS F 273 30.99 -7.48 -24.15
CA CYS F 273 31.31 -8.37 -25.26
C CYS F 273 30.30 -8.21 -26.41
N ASP F 297 22.64 0.98 -7.60
CA ASP F 297 21.35 1.56 -7.95
C ASP F 297 20.37 0.47 -8.35
N ALA F 298 20.87 -0.75 -8.49
CA ALA F 298 20.12 -1.81 -9.17
C ALA F 298 19.11 -2.43 -8.23
N THR F 299 18.43 -1.59 -7.46
CA THR F 299 17.79 -2.01 -6.22
C THR F 299 16.31 -1.62 -6.13
N ASN F 300 15.81 -0.93 -7.15
CA ASN F 300 14.37 -0.83 -7.37
C ASN F 300 14.10 -1.00 -8.86
N MET F 301 12.86 -1.34 -9.22
CA MET F 301 12.55 -1.86 -10.56
C MET F 301 12.66 -0.80 -11.66
N PRO F 302 12.09 0.40 -11.42
CA PRO F 302 12.24 1.44 -12.43
C PRO F 302 13.68 1.73 -12.73
N ALA F 303 14.54 1.60 -11.72
CA ALA F 303 15.96 1.82 -11.90
C ALA F 303 16.54 0.67 -12.72
N VAL F 304 16.32 -0.54 -12.24
CA VAL F 304 16.78 -1.73 -12.93
C VAL F 304 16.40 -1.66 -14.41
N LYS F 305 15.20 -1.18 -14.70
CA LYS F 305 14.76 -1.01 -16.08
C LYS F 305 15.69 -0.04 -16.81
N ALA F 306 15.92 1.11 -16.18
CA ALA F 306 16.69 2.19 -16.79
C ALA F 306 18.14 1.77 -17.01
N ILE F 307 18.69 0.99 -16.09
CA ILE F 307 20.05 0.49 -16.22
C ILE F 307 20.14 -0.52 -17.36
N ILE F 308 19.09 -1.33 -17.51
CA ILE F 308 18.98 -2.31 -18.61
C ILE F 308 18.93 -1.62 -19.97
N TYR F 309 17.97 -0.73 -20.13
CA TYR F 309 17.80 -0.03 -21.39
C TYR F 309 19.09 0.70 -21.77
N GLN F 310 19.82 1.15 -20.75
CA GLN F 310 21.02 1.97 -20.96
C GLN F 310 22.21 1.14 -21.43
N TYR F 311 22.11 -0.18 -21.27
CA TYR F 311 23.09 -1.10 -21.85
C TYR F 311 22.63 -1.54 -23.24
N MET F 312 21.32 -1.76 -23.42
CA MET F 312 20.79 -2.10 -24.72
C MET F 312 21.21 -1.06 -25.76
N GLU F 313 21.30 0.20 -25.32
CA GLU F 313 21.85 1.26 -26.15
C GLU F 313 23.32 1.00 -26.48
N GLU F 314 24.14 0.83 -25.45
CA GLU F 314 25.57 0.61 -25.65
C GLU F 314 25.79 -0.46 -26.71
N ILE F 315 25.01 -1.54 -26.63
CA ILE F 315 25.11 -2.62 -27.60
C ILE F 315 24.52 -2.20 -28.95
N TYR F 316 23.41 -1.46 -28.92
CA TYR F 316 22.75 -1.08 -30.15
C TYR F 316 23.67 -0.23 -31.02
N HIS F 317 24.38 0.70 -30.40
CA HIS F 317 25.16 1.69 -31.14
C HIS F 317 26.45 1.09 -31.68
N ARG F 318 26.85 -0.05 -31.11
CA ARG F 318 27.97 -0.82 -31.65
C ARG F 318 27.44 -2.09 -32.30
N ILE F 319 26.64 -1.94 -33.36
CA ILE F 319 26.30 -3.06 -34.22
C ILE F 319 26.81 -2.78 -35.64
N PRO F 320 27.70 -3.65 -36.14
CA PRO F 320 28.13 -3.65 -37.53
C PRO F 320 26.97 -3.65 -38.53
N ASP F 321 26.81 -2.54 -39.23
CA ASP F 321 25.80 -2.41 -40.30
C ASP F 321 25.76 -3.67 -41.15
N SER F 322 26.93 -4.14 -41.58
CA SER F 322 27.03 -5.43 -42.24
C SER F 322 27.36 -6.51 -41.23
N ASP F 323 26.35 -7.27 -40.83
CA ASP F 323 26.52 -8.39 -39.92
C ASP F 323 25.40 -9.42 -40.09
N PRO F 324 25.76 -10.72 -40.07
CA PRO F 324 24.79 -11.81 -40.03
C PRO F 324 23.78 -11.68 -38.89
N SER F 325 24.15 -10.95 -37.83
CA SER F 325 23.28 -10.79 -36.67
C SER F 325 22.75 -9.36 -36.56
N SER F 326 22.82 -8.61 -37.65
CA SER F 326 22.39 -7.22 -37.66
C SER F 326 20.90 -7.13 -37.39
N SER F 327 20.10 -7.66 -38.32
CA SER F 327 18.65 -7.56 -38.22
C SER F 327 18.09 -8.28 -36.99
N LYS F 328 18.79 -9.32 -36.55
CA LYS F 328 18.30 -10.17 -35.48
C LYS F 328 18.37 -9.47 -34.12
N THR F 329 19.32 -8.55 -33.96
CA THR F 329 19.54 -7.88 -32.68
C THR F 329 18.73 -6.59 -32.59
N ARG F 330 18.79 -5.78 -33.65
CA ARG F 330 17.84 -4.68 -33.80
C ARG F 330 16.43 -5.14 -33.48
N GLN F 331 16.06 -6.30 -34.02
CA GLN F 331 14.73 -6.87 -33.84
C GLN F 331 14.42 -7.13 -32.36
N ILE F 332 15.36 -7.74 -31.65
CA ILE F 332 15.12 -8.10 -30.26
C ILE F 332 15.18 -6.86 -29.35
N ILE F 333 16.16 -5.99 -29.60
CA ILE F 333 16.30 -4.77 -28.82
C ILE F 333 15.04 -3.94 -28.97
N SER F 334 14.58 -3.80 -30.22
CA SER F 334 13.37 -3.04 -30.49
C SER F 334 12.25 -3.47 -29.56
N THR F 335 12.04 -4.79 -29.45
CA THR F 335 10.95 -5.32 -28.64
C THR F 335 11.14 -4.96 -27.17
N ILE F 336 12.38 -5.08 -26.70
CA ILE F 336 12.73 -4.83 -25.31
C ILE F 336 12.48 -3.36 -24.93
N ARG F 337 12.78 -2.46 -25.86
CA ARG F 337 12.56 -1.03 -25.66
C ARG F 337 11.08 -0.70 -25.59
N THR F 338 10.31 -1.27 -26.51
CA THR F 338 8.88 -1.02 -26.61
C THR F 338 8.09 -2.15 -25.95
N GLN F 339 8.45 -2.47 -24.72
CA GLN F 339 7.70 -3.41 -23.89
C GLN F 339 6.65 -2.69 -23.04
N ASN F 340 6.83 -2.75 -21.72
CA ASN F 340 5.70 -2.63 -20.80
C ASN F 340 5.95 -1.60 -19.69
CAL B65 G . -17.98 16.86 12.16
CAH B65 G . -17.22 15.83 12.70
CAG B65 G . -16.06 16.14 13.41
CAI B65 G . -15.66 17.45 13.58
CAM B65 G . -16.43 18.48 13.03
CAU B65 G . -17.59 18.18 12.34
OAS B65 G . -18.35 19.18 11.79
CAV B65 G . -19.14 20.00 12.56
CAO B65 G . -19.72 21.13 12.00
CAN B65 G . -19.37 19.70 13.90
CAJ B65 G . -20.18 20.53 14.66
CAK B65 G . -20.76 21.66 14.10
CAT B65 G . -20.52 21.96 12.77
CAQ B65 G . -21.17 23.17 12.15
CAP B65 G . -22.40 22.70 11.38
CAR B65 G . -23.63 22.62 12.28
CAW B65 G . -24.90 22.42 11.47
PAX B65 G . -25.56 24.00 10.86
OAB B65 G . -26.16 23.65 9.52
OAC B65 G . -26.56 24.42 11.91
OAA B65 G . -24.38 24.95 10.76
SAY B65 G . -26.07 21.69 12.41
OAF B65 G . -27.16 21.25 11.52
OAE B65 G . -26.61 22.65 13.40
OAD B65 G . -25.49 20.52 13.10
MG MG H . -26.04 27.02 12.11
CAL B65 I . -17.16 -23.06 17.79
CAH B65 I . -16.41 -22.98 16.62
CAG B65 I . -15.25 -23.71 16.48
CAI B65 I . -14.83 -24.54 17.52
CAM B65 I . -15.57 -24.63 18.69
CAU B65 I . -16.76 -23.91 18.82
OAS B65 I . -17.49 -23.98 19.99
CAV B65 I . -18.21 -25.08 20.35
CAO B65 I . -18.69 -25.17 21.67
CAN B65 I . -18.50 -26.10 19.45
CAJ B65 I . -19.25 -27.20 19.86
CAK B65 I . -19.71 -27.28 21.17
CAT B65 I . -19.44 -26.28 22.07
CAQ B65 I . -19.94 -26.37 23.50
CAP B65 I . -20.86 -25.19 23.87
CAR B65 I . -21.94 -24.98 22.82
CAW B65 I . -23.40 -25.03 23.30
PAX B65 I . -23.72 -25.93 24.87
OAB B65 I . -23.92 -24.83 25.88
OAC B65 I . -24.99 -26.75 24.65
OAA B65 I . -22.52 -26.79 25.11
SAY B65 I . -24.28 -25.68 22.04
OAF B65 I . -24.29 -24.71 20.94
OAE B65 I . -25.67 -25.95 22.49
OAD B65 I . -23.65 -26.93 21.56
MG MG J . -23.89 -28.39 26.60
CAL B65 K . -19.93 -8.29 -19.27
CAH B65 K . -19.33 -7.28 -18.53
CAG B65 K . -18.38 -6.46 -19.12
CAI B65 K . -18.02 -6.65 -20.44
CAM B65 K . -18.63 -7.66 -21.18
CAU B65 K . -19.62 -8.45 -20.60
OAS B65 K . -20.18 -9.48 -21.33
CAV B65 K . -21.19 -9.38 -22.24
CAO B65 K . -21.76 -10.55 -22.72
CAN B65 K . -21.68 -8.15 -22.69
CAJ B65 K . -22.71 -8.11 -23.63
CAK B65 K . -23.26 -9.29 -24.11
CAT B65 K . -22.79 -10.51 -23.66
CAQ B65 K . -23.39 -11.80 -24.16
CAP B65 K . -24.47 -12.29 -23.20
CAR B65 K . -25.81 -11.66 -23.56
CAW B65 K . -26.99 -12.37 -22.90
PAX B65 K . -27.55 -13.76 -23.95
OAB B65 K . -28.43 -14.60 -23.04
OAC B65 K . -28.29 -13.13 -25.10
OAA B65 K . -26.27 -14.45 -24.36
SAY B65 K . -28.20 -11.25 -22.58
OAF B65 K . -29.17 -11.83 -21.62
OAE B65 K . -28.90 -10.88 -23.85
OAD B65 K . -27.62 -10.04 -21.98
MG MG L . -27.43 -14.14 -26.89
CAL B65 M . 12.16 16.47 -21.69
CAH B65 M . 11.72 15.20 -21.34
CAG B65 M . 10.62 14.65 -21.99
CAI B65 M . 9.97 15.36 -22.99
CAM B65 M . 10.41 16.63 -23.34
CAU B65 M . 11.52 17.18 -22.69
OAS B65 M . 11.95 18.45 -23.01
CAV B65 M . 12.59 18.75 -24.19
CAO B65 M . 12.89 20.08 -24.44
CAN B65 M . 12.98 17.77 -25.10
CAJ B65 M . 13.64 18.13 -26.28
CAK B65 M . 13.93 19.47 -26.53
CAT B65 M . 13.56 20.44 -25.60
CAQ B65 M . 13.85 21.91 -25.85
CAP B65 M . 15.27 22.24 -25.40
CAR B65 M . 16.24 21.94 -26.54
CAW B65 M . 17.64 22.48 -26.27
PAX B65 M . 17.89 24.08 -27.13
OAB B65 M . 18.96 24.76 -26.29
OAC B65 M . 18.33 23.73 -28.52
OAA B65 M . 16.55 24.78 -27.08
SAY B65 M . 18.75 21.36 -26.81
OAF B65 M . 20.05 22.01 -27.06
OAE B65 M . 18.27 20.74 -28.07
OAD B65 M . 18.90 20.30 -25.78
MG MG N . 18.87 22.22 -30.40
CAL B65 O . 26.86 13.68 15.97
CAH B65 O . 25.96 13.80 14.93
CAG B65 O . 24.66 14.23 15.17
CAI B65 O . 24.26 14.52 16.47
CAM B65 O . 25.16 14.39 17.52
CAU B65 O . 26.47 13.99 17.26
OAS B65 O . 27.34 13.82 18.32
CAV B65 O . 28.49 14.53 18.51
CAO B65 O . 29.40 14.05 19.44
CAN B65 O . 28.76 15.72 17.84
CAJ B65 O . 29.94 16.42 18.09
CAK B65 O . 30.85 15.93 19.02
CAT B65 O . 30.58 14.74 19.70
CAQ B65 O . 31.54 14.17 20.71
CAP B65 O . 32.69 13.48 19.99
CAR B65 O . 33.75 14.52 19.65
CAW B65 O . 34.97 13.90 19.00
PAX B65 O . 36.28 13.66 20.25
OAB B65 O . 36.71 12.22 20.04
OAC B65 O . 37.37 14.67 19.95
OAA B65 O . 35.62 13.90 21.59
SAY B65 O . 35.45 14.93 17.78
OAF B65 O . 36.32 14.20 16.83
OAE B65 O . 36.17 16.09 18.36
OAD B65 O . 34.26 15.41 17.06
MG MG P . 36.53 12.89 23.71
CAL B65 Q . 23.21 -20.42 -7.98
CAH B65 Q . 22.99 -19.28 -7.21
CAG B65 Q . 22.35 -19.38 -5.98
CAI B65 Q . 21.94 -20.62 -5.50
CAM B65 Q . 22.16 -21.75 -6.27
CAU B65 Q . 22.81 -21.66 -7.51
OAS B65 Q . 23.01 -22.78 -8.25
CAV B65 Q . 24.28 -23.20 -8.58
CAO B65 Q . 24.60 -23.47 -9.91
CAN B65 Q . 25.25 -23.37 -7.61
CAJ B65 Q . 26.53 -23.80 -7.95
CAK B65 Q . 26.84 -24.07 -9.28
CAT B65 Q . 25.87 -23.91 -10.26
CAQ B65 Q . 26.19 -24.18 -11.71
CAP B65 Q . 26.73 -22.91 -12.34
CAR B65 Q . 28.21 -22.75 -12.05
CAW B65 Q . 29.03 -22.68 -13.34
PAX B65 Q . 29.05 -24.31 -14.18
OAB B65 Q . 30.26 -24.28 -15.08
OAC B65 Q . 29.15 -25.32 -13.07
OAA B65 Q . 27.74 -24.38 -14.94
SAY B65 Q . 30.57 -22.17 -12.94
OAF B65 Q . 31.34 -21.84 -14.17
OAE B65 Q . 31.26 -23.25 -12.19
OAD B65 Q . 30.48 -20.98 -12.07
MG MG R . 30.07 -26.79 -14.80
#